data_5XL8
#
_entry.id   5XL8
#
_cell.length_a   65.203
_cell.length_b   115.974
_cell.length_c   132.336
_cell.angle_alpha   90.00
_cell.angle_beta   102.38
_cell.angle_gamma   90.00
#
_symmetry.space_group_name_H-M   'P 1 21 1'
#
loop_
_entity.id
_entity.type
_entity.pdbx_description
1 polymer Hemagglutinin
2 non-polymer 2-acetamido-2-deoxy-beta-D-glucopyranose
3 water water
#
_entity_poly.entity_id   1
_entity_poly.type   'polypeptide(L)'
_entity_poly.pdbx_seq_one_letter_code
;QNYTGNPVICMGHHAVANGTMVKTLADDQVEVVTAQELVESQNLPELCPSPLRLVDGQTCDIINGALGSPGCDHLNGAEW
DVFIERPNAVDTCYPFDVPEYQSLRSILANNGKFEFIAEEFQWNTVKQNGKSGACKRANVNDFFNRLNWLVKSDGNAYPL
QNLTKINNGDYARLYIWGVHHPSTDTEQTNLYKNNPGGVTVSTKTSQTSVVPNIGSRPLVRGQSSRVSFYWTIVEPGDLI
VFNTIGNLIAPRGHYKLNNQKKSTILNTAIPIGSCVSKCHTDKGSLSTTKPFQNISRIAVGDCPRYVKQGSLKLATGMRN
IPEKASRGLFGAIAGFIENGWQGLIDGWYGFRHQNAEGTGTAADLKSTQAAIDQINGKLNRLIEKTNDKYHQIEKEFEQV
EGRIQDLEKYVEDTKIDLWSYNAELLVALENQHTIDVTDSEMNKLFERVRRQLRENAEDKGNGCFEIFHKCDNNCIESIR
NGTYDHDIYRDEAINNRFQIQGV
;
_entity_poly.pdbx_strand_id   A,B,C
#
loop_
_chem_comp.id
_chem_comp.type
_chem_comp.name
_chem_comp.formula
NAG D-saccharide, beta linking 2-acetamido-2-deoxy-beta-D-glucopyranose 'C8 H15 N O6'
#
# COMPACT_ATOMS: atom_id res chain seq x y z
N GLY A 5 -55.15 20.63 -31.39
CA GLY A 5 -53.91 20.35 -32.10
C GLY A 5 -53.03 21.57 -32.13
N ASN A 6 -52.97 22.28 -31.01
CA ASN A 6 -52.32 23.59 -30.96
C ASN A 6 -51.54 23.84 -29.66
N PRO A 7 -52.15 23.58 -28.48
CA PRO A 7 -51.35 23.85 -27.28
C PRO A 7 -50.17 22.88 -27.17
N VAL A 8 -49.07 23.37 -26.62
CA VAL A 8 -47.86 22.56 -26.51
C VAL A 8 -47.29 22.62 -25.10
N ILE A 9 -46.97 21.46 -24.53
CA ILE A 9 -46.25 21.45 -23.25
C ILE A 9 -44.85 20.86 -23.46
N CYS A 10 -43.85 21.60 -22.99
CA CYS A 10 -42.46 21.21 -23.15
C CYS A 10 -41.83 20.88 -21.81
N MET A 11 -40.98 19.86 -21.80
CA MET A 11 -40.29 19.46 -20.59
C MET A 11 -38.83 19.86 -20.72
N GLY A 12 -38.22 20.34 -19.64
CA GLY A 12 -36.83 20.76 -19.71
C GLY A 12 -36.08 20.80 -18.41
N HIS A 13 -34.87 21.32 -18.46
CA HIS A 13 -34.02 21.43 -17.29
C HIS A 13 -33.27 22.76 -17.30
N HIS A 14 -32.72 23.15 -16.16
CA HIS A 14 -32.03 24.44 -16.06
C HIS A 14 -30.68 24.43 -16.77
N ALA A 15 -30.12 25.63 -16.89
CA ALA A 15 -28.80 25.82 -17.46
C ALA A 15 -28.25 27.16 -16.99
N VAL A 16 -26.95 27.36 -17.16
CA VAL A 16 -26.30 28.58 -16.73
C VAL A 16 -25.43 29.13 -17.84
N ALA A 17 -24.99 30.38 -17.70
CA ALA A 17 -24.17 31.04 -18.70
C ALA A 17 -22.96 30.17 -19.03
N ASN A 18 -22.18 29.85 -18.01
CA ASN A 18 -21.20 28.78 -18.13
C ASN A 18 -20.77 28.23 -16.78
N GLY A 19 -20.77 26.91 -16.68
CA GLY A 19 -20.42 26.22 -15.46
C GLY A 19 -19.01 25.69 -15.48
N THR A 20 -18.82 24.46 -15.02
CA THR A 20 -17.49 23.93 -14.75
C THR A 20 -17.20 22.63 -15.49
N MET A 21 -15.99 22.51 -16.02
CA MET A 21 -15.55 21.26 -16.62
C MET A 21 -15.22 20.24 -15.54
N VAL A 22 -15.70 19.01 -15.70
CA VAL A 22 -15.31 17.91 -14.83
C VAL A 22 -14.97 16.69 -15.64
N LYS A 23 -14.61 15.61 -14.95
CA LYS A 23 -14.11 14.46 -15.63
C LYS A 23 -14.95 13.23 -15.34
N THR A 24 -15.20 12.45 -16.39
CA THR A 24 -15.99 11.24 -16.28
C THR A 24 -15.19 10.06 -16.82
N LEU A 25 -15.83 8.90 -16.90
CA LEU A 25 -15.20 7.74 -17.50
C LEU A 25 -15.08 7.99 -19.01
N ALA A 26 -16.15 8.48 -19.61
CA ALA A 26 -16.13 8.84 -21.02
C ALA A 26 -15.19 10.05 -21.25
N ASP A 27 -15.73 11.27 -21.06
CA ASP A 27 -15.05 12.51 -21.48
C ASP A 27 -13.90 12.94 -20.57
N ASP A 28 -12.85 13.53 -21.15
CA ASP A 28 -11.78 14.11 -20.34
C ASP A 28 -12.32 15.40 -19.70
N GLN A 29 -13.25 16.07 -20.42
CA GLN A 29 -13.95 17.29 -19.97
C GLN A 29 -15.45 17.33 -20.31
N VAL A 30 -16.30 17.40 -19.30
CA VAL A 30 -17.72 17.64 -19.48
C VAL A 30 -18.15 18.89 -18.73
N GLU A 31 -18.90 19.77 -19.37
CA GLU A 31 -19.36 20.95 -18.65
C GLU A 31 -20.61 20.63 -17.85
N VAL A 32 -20.60 21.01 -16.59
CA VAL A 32 -21.74 20.79 -15.71
C VAL A 32 -22.11 22.09 -15.02
N VAL A 33 -23.34 22.14 -14.51
CA VAL A 33 -23.87 23.38 -13.96
C VAL A 33 -23.11 23.81 -12.71
N THR A 34 -22.93 22.88 -11.77
CA THR A 34 -22.12 23.15 -10.58
C THR A 34 -21.13 22.03 -10.30
N ALA A 35 -20.10 22.34 -9.51
CA ALA A 35 -19.08 21.37 -9.14
C ALA A 35 -18.33 21.88 -7.92
N GLN A 36 -17.66 20.95 -7.22
CA GLN A 36 -16.96 21.25 -5.98
C GLN A 36 -15.53 20.72 -6.01
N GLU A 37 -14.59 21.52 -5.53
CA GLU A 37 -13.18 21.13 -5.48
C GLU A 37 -12.95 20.15 -4.33
N LEU A 38 -12.31 19.03 -4.61
CA LEU A 38 -12.06 18.04 -3.57
C LEU A 38 -10.64 18.07 -3.00
N VAL A 39 -9.72 18.75 -3.68
CA VAL A 39 -8.36 18.87 -3.16
C VAL A 39 -8.12 20.19 -2.44
N GLU A 40 -7.80 20.13 -1.15
CA GLU A 40 -7.39 21.32 -0.42
C GLU A 40 -5.98 21.72 -0.82
N SER A 41 -5.84 22.93 -1.35
CA SER A 41 -4.54 23.43 -1.76
C SER A 41 -4.18 24.74 -1.04
N GLN A 42 -4.97 25.09 -0.03
CA GLN A 42 -4.64 26.22 0.84
C GLN A 42 -4.26 25.72 2.23
N ASN A 43 -3.30 26.37 2.88
CA ASN A 43 -3.05 26.08 4.29
C ASN A 43 -2.96 27.38 5.10
N LEU A 44 -3.20 27.27 6.40
CA LEU A 44 -2.99 28.40 7.29
C LEU A 44 -1.50 28.68 7.45
N PRO A 45 -1.14 29.95 7.67
CA PRO A 45 0.28 30.31 7.85
C PRO A 45 0.74 30.07 9.28
N GLU A 46 -0.04 29.29 10.04
CA GLU A 46 0.27 29.00 11.43
C GLU A 46 -0.22 27.61 11.84
N LEU A 47 0.25 27.16 13.00
CA LEU A 47 -0.25 25.94 13.63
C LEU A 47 -1.31 26.30 14.67
N CYS A 48 -2.43 25.60 14.67
CA CYS A 48 -3.51 25.84 15.64
C CYS A 48 -3.31 25.10 16.96
N PRO A 49 -3.23 25.84 18.07
CA PRO A 49 -3.02 25.30 19.43
C PRO A 49 -4.21 24.58 20.05
N SER A 50 -5.30 24.40 19.30
CA SER A 50 -6.39 23.59 19.80
C SER A 50 -7.15 22.98 18.61
N PRO A 51 -7.84 21.85 18.82
CA PRO A 51 -8.08 21.13 20.07
C PRO A 51 -6.93 20.22 20.53
N LEU A 52 -5.91 20.03 19.71
CA LEU A 52 -4.78 19.20 20.13
C LEU A 52 -3.81 19.99 20.99
N ARG A 53 -3.08 19.29 21.86
CA ARG A 53 -2.05 19.92 22.69
C ARG A 53 -0.71 19.98 21.99
N LEU A 54 -0.29 21.19 21.60
CA LEU A 54 1.03 21.39 21.02
C LEU A 54 2.03 21.86 22.06
N VAL A 55 3.22 21.27 22.07
CA VAL A 55 4.29 21.80 22.92
C VAL A 55 5.46 22.25 22.04
N ASP A 56 5.78 23.55 22.11
CA ASP A 56 6.89 24.15 21.34
C ASP A 56 8.23 23.88 22.02
N GLY A 57 9.13 23.18 21.34
CA GLY A 57 10.42 22.88 21.91
C GLY A 57 11.30 24.13 21.95
N GLN A 58 10.92 25.12 21.15
CA GLN A 58 11.67 26.36 20.96
C GLN A 58 13.11 26.06 20.53
N THR A 59 14.10 26.54 21.30
CA THR A 59 15.50 26.34 20.94
C THR A 59 15.97 24.91 21.25
N CYS A 60 15.07 24.10 21.80
CA CYS A 60 15.41 22.77 22.33
C CYS A 60 14.76 21.67 21.49
N ASP A 61 15.55 20.77 20.89
CA ASP A 61 14.90 19.65 20.20
C ASP A 61 14.55 18.61 21.24
N ILE A 62 13.78 17.59 20.87
CA ILE A 62 13.22 16.71 21.89
C ILE A 62 14.30 15.89 22.59
N ILE A 63 15.40 15.57 21.90
CA ILE A 63 16.48 14.84 22.55
C ILE A 63 17.19 15.67 23.62
N ASN A 64 17.55 16.91 23.28
CA ASN A 64 18.15 17.80 24.27
C ASN A 64 17.16 18.08 25.42
N GLY A 65 15.87 18.11 25.09
CA GLY A 65 14.81 18.16 26.08
C GLY A 65 14.85 17.01 27.08
N ALA A 66 14.96 15.77 26.59
CA ALA A 66 15.02 14.62 27.49
C ALA A 66 16.26 14.65 28.37
N LEU A 67 17.39 15.06 27.80
CA LEU A 67 18.65 15.06 28.53
C LEU A 67 18.70 16.17 29.60
N GLY A 68 17.95 17.24 29.39
CA GLY A 68 18.01 18.37 30.31
C GLY A 68 19.17 19.31 30.04
N SER A 69 19.42 19.60 28.76
CA SER A 69 20.41 20.62 28.37
C SER A 69 19.92 22.03 28.75
N PRO A 70 20.86 22.97 28.98
CA PRO A 70 20.52 24.38 29.21
C PRO A 70 19.58 24.91 28.14
N GLY A 71 18.56 25.64 28.56
CA GLY A 71 17.57 26.15 27.64
C GLY A 71 16.33 25.28 27.49
N CYS A 72 16.30 24.11 28.13
CA CYS A 72 15.18 23.18 27.91
C CYS A 72 14.22 23.10 29.11
N ASP A 73 14.42 23.93 30.13
CA ASP A 73 13.64 23.86 31.37
C ASP A 73 12.14 23.96 31.15
N HIS A 74 11.72 24.73 30.14
CA HIS A 74 10.30 24.89 29.86
C HIS A 74 9.61 23.59 29.49
N LEU A 75 10.40 22.54 29.26
CA LEU A 75 9.85 21.25 28.87
C LEU A 75 9.70 20.30 30.05
N ASN A 76 10.21 20.67 31.22
CA ASN A 76 10.06 19.81 32.41
C ASN A 76 8.58 19.68 32.72
N GLY A 77 8.08 18.45 32.78
CA GLY A 77 6.67 18.22 33.08
C GLY A 77 5.72 18.37 31.91
N ALA A 78 6.25 18.71 30.73
CA ALA A 78 5.41 18.93 29.55
C ALA A 78 4.67 17.66 29.11
N GLU A 79 3.48 17.86 28.55
CA GLU A 79 2.69 16.78 27.96
C GLU A 79 2.16 17.26 26.62
N TRP A 80 2.20 16.40 25.60
CA TRP A 80 1.81 16.82 24.27
C TRP A 80 1.08 15.74 23.49
N ASP A 81 0.17 16.17 22.61
CA ASP A 81 -0.30 15.36 21.49
C ASP A 81 0.74 15.45 20.37
N VAL A 82 1.21 16.67 20.11
CA VAL A 82 2.24 16.92 19.10
C VAL A 82 3.36 17.80 19.65
N PHE A 83 4.57 17.26 19.71
CA PHE A 83 5.76 18.04 20.03
C PHE A 83 6.18 18.83 18.79
N ILE A 84 6.30 20.15 18.91
CA ILE A 84 6.73 20.97 17.78
C ILE A 84 8.24 21.23 17.88
N GLU A 85 8.99 20.57 17.01
CA GLU A 85 10.43 20.63 17.04
C GLU A 85 10.92 21.63 15.99
N ARG A 86 11.85 22.50 16.39
CA ARG A 86 12.22 23.62 15.52
C ARG A 86 13.50 23.34 14.73
N PRO A 87 13.46 23.56 13.41
CA PRO A 87 14.65 23.34 12.58
C PRO A 87 15.86 24.17 13.02
N ASN A 88 15.65 25.31 13.67
CA ASN A 88 16.78 26.11 14.10
C ASN A 88 17.21 25.82 15.54
N ALA A 89 16.72 24.71 16.09
CA ALA A 89 17.18 24.24 17.41
C ALA A 89 18.70 24.09 17.41
N VAL A 90 19.34 24.47 18.52
CA VAL A 90 20.80 24.39 18.64
C VAL A 90 21.24 23.57 19.86
N ASP A 91 22.35 22.86 19.72
CA ASP A 91 22.97 22.19 20.86
C ASP A 91 23.65 23.20 21.78
N THR A 92 23.42 23.06 23.09
CA THR A 92 23.97 24.01 24.07
C THR A 92 24.87 23.34 25.11
N CYS A 93 25.05 22.03 24.99
CA CYS A 93 25.68 21.28 26.06
C CYS A 93 26.84 20.45 25.55
N TYR A 94 27.29 19.50 26.36
CA TYR A 94 28.44 18.68 26.01
C TYR A 94 28.20 18.01 24.65
N PRO A 95 29.20 17.97 23.77
CA PRO A 95 28.96 17.33 22.48
C PRO A 95 28.72 15.84 22.67
N PHE A 96 27.70 15.33 22.01
CA PHE A 96 27.27 13.98 22.24
C PHE A 96 26.73 13.34 20.97
N ASP A 97 26.65 12.01 20.99
CA ASP A 97 25.92 11.28 19.96
C ASP A 97 24.99 10.29 20.62
N VAL A 98 24.03 9.80 19.85
CA VAL A 98 23.09 8.77 20.28
C VAL A 98 23.06 7.66 19.23
N PRO A 99 23.72 6.52 19.50
CA PRO A 99 23.48 5.41 18.57
C PRO A 99 21.98 5.10 18.51
N GLU A 100 21.44 4.94 17.32
CA GLU A 100 19.99 4.78 17.11
C GLU A 100 19.23 6.03 17.58
N TYR A 101 19.81 7.20 17.31
CA TYR A 101 19.20 8.51 17.58
C TYR A 101 17.72 8.53 17.24
N GLN A 102 17.40 8.13 16.01
CA GLN A 102 16.04 8.27 15.51
C GLN A 102 15.05 7.46 16.35
N SER A 103 15.49 6.30 16.83
CA SER A 103 14.63 5.45 17.67
C SER A 103 14.35 6.05 19.03
N LEU A 104 15.35 6.64 19.68
CA LEU A 104 15.09 7.32 20.95
C LEU A 104 14.15 8.51 20.73
N ARG A 105 14.37 9.25 19.65
CA ARG A 105 13.52 10.40 19.35
C ARG A 105 12.07 9.95 19.13
N SER A 106 11.89 8.86 18.37
CA SER A 106 10.56 8.27 18.19
C SER A 106 9.87 7.92 19.50
N ILE A 107 10.60 7.21 20.36
CA ILE A 107 10.05 6.74 21.65
C ILE A 107 9.65 7.92 22.53
N LEU A 108 10.56 8.90 22.65
CA LEU A 108 10.26 10.10 23.42
C LEU A 108 9.04 10.83 22.89
N ALA A 109 9.03 11.05 21.58
CA ALA A 109 7.91 11.78 20.95
C ALA A 109 6.57 11.06 21.08
N ASN A 110 6.60 9.74 20.91
CA ASN A 110 5.38 8.92 20.91
C ASN A 110 4.80 8.79 22.31
N ASN A 111 5.69 8.69 23.30
CA ASN A 111 5.29 8.59 24.70
C ASN A 111 4.45 9.81 25.11
N GLY A 112 4.90 11.01 24.72
CA GLY A 112 4.06 12.18 24.85
C GLY A 112 4.13 12.94 26.16
N LYS A 113 5.12 12.66 26.99
CA LYS A 113 5.34 13.47 28.20
C LYS A 113 6.77 13.38 28.68
N PHE A 114 7.20 14.44 29.37
CA PHE A 114 8.46 14.46 30.11
C PHE A 114 8.12 14.50 31.60
N GLU A 115 7.90 13.33 32.18
CA GLU A 115 7.61 13.21 33.60
C GLU A 115 8.75 12.48 34.28
N PHE A 116 9.68 13.21 34.89
CA PHE A 116 10.90 12.61 35.38
C PHE A 116 10.82 12.31 36.87
N ILE A 117 11.21 11.11 37.25
CA ILE A 117 11.20 10.68 38.64
C ILE A 117 12.62 10.57 39.15
N ALA A 118 12.99 11.49 40.04
CA ALA A 118 14.32 11.47 40.64
C ALA A 118 14.51 10.20 41.46
N GLU A 119 15.72 9.66 41.44
CA GLU A 119 16.08 8.55 42.31
C GLU A 119 17.44 8.80 42.93
N GLU A 120 17.60 8.43 44.20
CA GLU A 120 18.91 8.50 44.82
C GLU A 120 19.71 7.28 44.44
N PHE A 121 20.82 7.49 43.74
CA PHE A 121 21.80 6.43 43.44
C PHE A 121 22.97 6.58 44.38
N GLN A 122 23.19 5.60 45.24
CA GLN A 122 24.26 5.71 46.22
C GLN A 122 25.58 5.26 45.63
N TRP A 123 26.13 6.06 44.71
CA TRP A 123 27.43 5.75 44.13
C TRP A 123 28.46 5.74 45.24
N ASN A 124 29.43 4.84 45.13
CA ASN A 124 30.41 4.67 46.19
C ASN A 124 31.78 5.26 45.84
N THR A 125 32.26 6.13 46.73
CA THR A 125 33.60 6.73 46.69
C THR A 125 33.79 7.76 45.56
N VAL A 126 33.26 7.49 44.37
CA VAL A 126 33.40 8.42 43.25
C VAL A 126 32.77 9.79 43.53
N LYS A 127 33.32 10.85 42.96
CA LYS A 127 32.72 12.16 43.09
C LYS A 127 31.60 12.31 42.05
N GLN A 128 30.59 13.11 42.37
CA GLN A 128 29.44 13.25 41.49
C GLN A 128 29.37 14.66 40.93
N ASN A 129 28.37 14.89 40.06
CA ASN A 129 28.04 16.23 39.58
C ASN A 129 29.15 16.94 38.78
N GLY A 130 29.91 16.18 38.01
CA GLY A 130 30.92 16.76 37.13
C GLY A 130 30.28 17.73 36.15
N LYS A 131 30.95 18.84 35.87
CA LYS A 131 30.38 19.87 35.01
C LYS A 131 31.41 20.34 33.98
N SER A 132 30.96 21.15 33.02
CA SER A 132 31.79 21.43 31.85
C SER A 132 31.62 22.82 31.28
N GLY A 133 32.72 23.39 30.81
CA GLY A 133 32.66 24.60 30.00
C GLY A 133 31.90 24.47 28.69
N ALA A 134 31.67 23.25 28.21
CA ALA A 134 30.91 23.07 26.96
C ALA A 134 29.41 23.14 27.18
N CYS A 135 29.00 23.36 28.42
CA CYS A 135 27.59 23.24 28.76
C CYS A 135 27.21 24.26 29.82
N LYS A 136 27.41 25.54 29.53
CA LYS A 136 27.18 26.58 30.51
C LYS A 136 25.72 26.98 30.65
N ARG A 137 25.33 27.33 31.88
CA ARG A 137 24.11 28.11 32.10
C ARG A 137 24.55 29.49 32.57
N ALA A 138 24.24 30.52 31.78
CA ALA A 138 24.62 31.90 32.11
C ALA A 138 26.11 32.03 32.46
N ASN A 139 26.96 31.38 31.66
CA ASN A 139 28.42 31.33 31.86
C ASN A 139 28.94 30.55 33.07
N VAL A 140 28.08 29.80 33.75
CA VAL A 140 28.57 28.89 34.78
C VAL A 140 28.66 27.45 34.23
N ASN A 141 29.82 26.81 34.37
CA ASN A 141 29.99 25.42 33.94
C ASN A 141 28.85 24.56 34.47
N ASP A 142 28.26 23.73 33.61
CA ASP A 142 27.13 22.90 34.02
C ASP A 142 27.11 21.60 33.23
N PHE A 143 25.97 20.92 33.22
CA PHE A 143 25.86 19.63 32.55
C PHE A 143 24.39 19.33 32.33
N PHE A 144 24.09 18.25 31.60
CA PHE A 144 22.70 17.86 31.36
C PHE A 144 22.04 17.63 32.71
N ASN A 145 20.87 18.19 32.98
CA ASN A 145 20.39 18.07 34.36
C ASN A 145 19.76 16.71 34.69
N ARG A 146 19.51 15.85 33.70
CA ARG A 146 19.03 14.49 34.01
C ARG A 146 20.18 13.50 34.18
N LEU A 147 21.41 13.97 33.96
CA LEU A 147 22.58 13.09 34.01
C LEU A 147 23.53 13.50 35.12
N ASN A 148 24.35 12.55 35.54
CA ASN A 148 25.24 12.73 36.69
C ASN A 148 26.65 12.24 36.34
N TRP A 149 27.54 13.17 36.05
CA TRP A 149 28.90 12.84 35.62
C TRP A 149 29.78 12.40 36.80
N LEU A 150 30.06 11.10 36.84
CA LEU A 150 30.87 10.50 37.90
C LEU A 150 32.35 10.54 37.56
N VAL A 151 33.16 10.95 38.52
CA VAL A 151 34.62 10.97 38.33
C VAL A 151 35.29 10.37 39.57
N LYS A 152 36.57 10.03 39.44
CA LYS A 152 37.31 9.44 40.56
C LYS A 152 37.32 10.35 41.79
N SER A 153 37.64 9.76 42.95
CA SER A 153 37.68 10.53 44.19
C SER A 153 38.97 11.35 44.26
N ASP A 154 39.05 12.21 45.26
CA ASP A 154 40.26 13.00 45.51
C ASP A 154 41.45 12.11 45.85
N GLY A 155 41.16 10.95 46.43
CA GLY A 155 42.18 9.97 46.76
C GLY A 155 42.53 9.09 45.58
N ASN A 156 42.15 9.52 44.38
CA ASN A 156 42.51 8.81 43.15
C ASN A 156 41.95 7.39 43.16
N ALA A 157 40.66 7.29 43.48
CA ALA A 157 39.97 6.00 43.50
C ALA A 157 38.71 6.02 42.64
N TYR A 158 38.55 4.97 41.86
CA TYR A 158 37.29 4.71 41.16
C TYR A 158 37.04 3.20 41.24
N PRO A 159 36.39 2.77 42.32
CA PRO A 159 36.04 1.36 42.49
C PRO A 159 34.91 0.92 41.59
N LEU A 160 34.83 -0.39 41.39
CA LEU A 160 33.73 -1.00 40.66
C LEU A 160 32.40 -0.53 41.26
N GLN A 161 31.54 0.02 40.42
CA GLN A 161 30.23 0.47 40.86
C GLN A 161 29.24 -0.62 40.50
N ASN A 162 28.19 -0.72 41.29
CA ASN A 162 27.30 -1.86 41.22
C ASN A 162 26.01 -1.51 41.92
N LEU A 163 25.07 -0.93 41.18
CA LEU A 163 23.83 -0.47 41.76
C LEU A 163 22.62 -1.01 41.00
N THR A 164 21.61 -1.39 41.77
CA THR A 164 20.40 -2.00 41.24
C THR A 164 19.18 -1.17 41.58
N LYS A 165 18.30 -0.97 40.60
CA LYS A 165 17.01 -0.35 40.86
C LYS A 165 15.91 -1.30 40.42
N ILE A 166 15.01 -1.64 41.34
CA ILE A 166 13.95 -2.59 41.01
C ILE A 166 12.65 -1.86 40.69
N ASN A 167 11.96 -2.29 39.64
CA ASN A 167 10.68 -1.68 39.30
C ASN A 167 9.51 -2.57 39.77
N ASN A 168 8.97 -2.23 40.93
CA ASN A 168 7.69 -2.81 41.38
C ASN A 168 6.54 -1.84 41.29
N GLY A 169 6.66 -0.85 40.39
CA GLY A 169 5.59 0.10 40.19
C GLY A 169 4.66 -0.37 39.10
N ASP A 170 3.77 0.51 38.64
CA ASP A 170 2.76 0.11 37.67
C ASP A 170 2.98 0.73 36.29
N TYR A 171 4.18 1.26 36.05
CA TYR A 171 4.47 1.85 34.74
C TYR A 171 5.87 1.43 34.31
N ALA A 172 6.12 1.42 33.01
CA ALA A 172 7.45 1.10 32.53
C ALA A 172 8.32 2.33 32.66
N ARG A 173 9.58 2.11 33.03
CA ARG A 173 10.54 3.17 33.26
C ARG A 173 11.51 3.31 32.09
N LEU A 174 11.79 4.55 31.73
CA LEU A 174 12.81 4.86 30.74
C LEU A 174 14.05 5.48 31.40
N TYR A 175 15.17 4.75 31.41
CA TYR A 175 16.43 5.29 31.91
C TYR A 175 17.33 5.70 30.77
N ILE A 176 17.85 6.92 30.84
CA ILE A 176 18.83 7.42 29.88
C ILE A 176 20.17 7.56 30.57
N TRP A 177 21.20 7.00 29.95
CA TRP A 177 22.51 7.00 30.56
C TRP A 177 23.56 7.11 29.45
N GLY A 178 24.81 7.42 29.82
CA GLY A 178 25.83 7.69 28.81
C GLY A 178 27.19 7.08 29.11
N VAL A 179 28.05 7.12 28.09
CA VAL A 179 29.44 6.70 28.25
C VAL A 179 30.33 7.84 27.74
N HIS A 180 31.24 8.31 28.58
CA HIS A 180 32.16 9.36 28.18
C HIS A 180 33.35 8.78 27.41
N HIS A 181 33.68 9.46 26.31
CA HIS A 181 34.84 9.09 25.48
C HIS A 181 35.90 10.18 25.54
N PRO A 182 36.95 9.96 26.35
CA PRO A 182 38.03 10.95 26.51
C PRO A 182 38.87 11.07 25.24
N SER A 183 39.76 12.07 25.22
CA SER A 183 40.55 12.36 24.03
C SER A 183 41.95 11.74 24.08
N THR A 184 42.47 11.56 25.29
CA THR A 184 43.80 10.99 25.51
C THR A 184 43.78 9.98 26.66
N ASP A 185 44.81 9.15 26.75
CA ASP A 185 44.97 8.26 27.89
C ASP A 185 45.07 9.05 29.20
N THR A 186 45.75 10.19 29.15
CA THR A 186 45.90 11.04 30.32
C THR A 186 44.55 11.57 30.81
N GLU A 187 43.69 11.96 29.88
CA GLU A 187 42.35 12.40 30.23
C GLU A 187 41.58 11.25 30.89
N GLN A 188 41.70 10.06 30.30
CA GLN A 188 41.06 8.87 30.87
C GLN A 188 41.43 8.61 32.32
N THR A 189 42.73 8.64 32.63
CA THR A 189 43.18 8.41 34.02
C THR A 189 42.93 9.61 34.94
N ASN A 190 43.08 10.82 34.42
CA ASN A 190 42.77 12.02 35.22
C ASN A 190 41.33 12.03 35.73
N LEU A 191 40.41 11.56 34.91
CA LEU A 191 39.00 11.55 35.27
C LEU A 191 38.58 10.29 36.04
N TYR A 192 39.09 9.12 35.62
CA TYR A 192 38.47 7.87 36.06
C TYR A 192 39.45 6.85 36.67
N LYS A 193 40.71 7.26 36.83
CA LYS A 193 41.79 6.39 37.34
C LYS A 193 42.04 5.16 36.47
N ASN A 194 41.04 4.29 36.35
CA ASN A 194 41.21 3.07 35.57
C ASN A 194 41.37 3.34 34.08
N ASN A 195 42.05 2.44 33.38
CA ASN A 195 42.16 2.51 31.93
C ASN A 195 42.36 1.11 31.37
N PRO A 196 41.34 0.59 30.65
CA PRO A 196 40.16 1.33 30.22
C PRO A 196 39.05 1.42 31.27
N GLY A 197 38.03 2.23 31.01
CA GLY A 197 36.81 2.19 31.80
C GLY A 197 35.91 1.14 31.19
N GLY A 198 34.61 1.25 31.44
CA GLY A 198 33.67 0.31 30.88
C GLY A 198 32.35 0.40 31.58
N VAL A 199 31.27 0.14 30.85
CA VAL A 199 29.93 0.25 31.38
C VAL A 199 29.09 -0.93 30.92
N THR A 200 28.42 -1.59 31.84
CA THR A 200 27.41 -2.57 31.49
C THR A 200 26.09 -2.25 32.21
N VAL A 201 25.01 -2.16 31.44
CA VAL A 201 23.72 -1.91 32.02
C VAL A 201 22.78 -3.04 31.59
N SER A 202 22.16 -3.70 32.56
CA SER A 202 21.37 -4.88 32.23
C SER A 202 20.06 -5.00 32.98
N THR A 203 19.11 -5.67 32.34
CA THR A 203 17.87 -6.06 32.98
C THR A 203 17.90 -7.59 33.07
N LYS A 204 16.75 -8.20 33.33
CA LYS A 204 16.72 -9.67 33.40
C LYS A 204 16.97 -10.29 32.04
N THR A 205 16.44 -9.69 30.99
CA THR A 205 16.47 -10.33 29.67
C THR A 205 17.23 -9.55 28.61
N SER A 206 17.88 -8.46 28.98
CA SER A 206 18.64 -7.69 28.00
C SER A 206 19.84 -7.03 28.65
N GLN A 207 20.85 -6.72 27.84
CA GLN A 207 22.06 -6.08 28.33
C GLN A 207 22.67 -5.16 27.27
N THR A 208 23.28 -4.08 27.72
CA THR A 208 24.13 -3.24 26.89
C THR A 208 25.49 -3.11 27.58
N SER A 209 26.57 -3.47 26.90
CA SER A 209 27.91 -3.25 27.43
C SER A 209 28.69 -2.36 26.46
N VAL A 210 29.39 -1.37 27.01
CA VAL A 210 30.09 -0.40 26.19
C VAL A 210 31.51 -0.19 26.69
N VAL A 211 32.46 -0.24 25.78
CA VAL A 211 33.85 0.10 26.07
C VAL A 211 34.14 1.49 25.54
N PRO A 212 34.68 2.38 26.36
CA PRO A 212 34.93 3.73 25.85
C PRO A 212 36.00 3.72 24.78
N ASN A 213 35.90 4.65 23.84
CA ASN A 213 36.89 4.78 22.79
C ASN A 213 37.66 6.09 22.99
N ILE A 214 38.97 6.00 23.14
CA ILE A 214 39.80 7.17 23.38
C ILE A 214 40.38 7.67 22.06
N GLY A 215 40.25 8.97 21.81
CA GLY A 215 40.72 9.54 20.55
C GLY A 215 40.30 10.98 20.33
N SER A 216 41.02 11.67 19.44
CA SER A 216 40.72 13.06 19.08
C SER A 216 39.53 13.15 18.12
N ARG A 217 38.55 13.96 18.50
CA ARG A 217 37.41 14.27 17.65
C ARG A 217 37.45 15.79 17.39
N PRO A 218 36.72 16.26 16.36
CA PRO A 218 36.67 17.72 16.13
C PRO A 218 36.22 18.52 17.35
N LEU A 219 36.85 19.68 17.56
CA LEU A 219 36.49 20.55 18.67
C LEU A 219 35.05 21.04 18.56
N VAL A 220 34.29 20.86 19.62
CA VAL A 220 32.94 21.41 19.71
C VAL A 220 32.76 22.03 21.09
N ARG A 221 32.50 23.33 21.14
CA ARG A 221 32.47 24.11 22.38
C ARG A 221 33.67 23.82 23.26
N GLY A 222 34.84 23.73 22.62
CA GLY A 222 36.10 23.57 23.31
C GLY A 222 36.47 22.14 23.63
N GLN A 223 35.62 21.19 23.24
CA GLN A 223 35.82 19.82 23.65
C GLN A 223 36.03 18.86 22.47
N SER A 224 37.08 18.06 22.54
CA SER A 224 37.32 17.01 21.55
C SER A 224 36.75 15.68 22.06
N SER A 225 36.48 15.60 23.36
CA SER A 225 35.86 14.42 23.93
C SER A 225 34.36 14.38 23.62
N ARG A 226 33.71 13.25 23.95
CA ARG A 226 32.30 13.03 23.64
C ARG A 226 31.58 12.22 24.72
N VAL A 227 30.25 12.35 24.74
CA VAL A 227 29.41 11.39 25.44
C VAL A 227 28.54 10.67 24.41
N SER A 228 28.45 9.35 24.52
CA SER A 228 27.46 8.59 23.76
C SER A 228 26.32 8.20 24.70
N PHE A 229 25.07 8.47 24.28
CA PHE A 229 23.91 8.16 25.10
C PHE A 229 23.18 6.89 24.67
N TYR A 230 22.71 6.17 25.67
CA TYR A 230 21.95 4.93 25.50
C TYR A 230 20.68 5.01 26.33
N TRP A 231 19.78 4.06 26.15
CA TRP A 231 18.61 4.02 27.01
C TRP A 231 18.22 2.59 27.30
N THR A 232 17.53 2.39 28.42
CA THR A 232 17.10 1.09 28.88
C THR A 232 15.68 1.20 29.42
N ILE A 233 14.76 0.41 28.87
CA ILE A 233 13.40 0.40 29.37
C ILE A 233 13.25 -0.75 30.37
N VAL A 234 12.68 -0.44 31.54
CA VAL A 234 12.51 -1.42 32.61
C VAL A 234 11.03 -1.60 32.91
N GLU A 235 10.48 -2.75 32.52
CA GLU A 235 9.06 -3.04 32.71
C GLU A 235 8.73 -3.26 34.20
N PRO A 236 7.45 -3.07 34.59
CA PRO A 236 7.06 -3.53 35.93
C PRO A 236 7.45 -4.98 36.13
N GLY A 237 8.06 -5.30 37.27
CA GLY A 237 8.48 -6.66 37.55
C GLY A 237 9.90 -6.96 37.10
N ASP A 238 10.53 -5.99 36.42
CA ASP A 238 11.90 -6.14 35.97
C ASP A 238 12.79 -5.22 36.80
N LEU A 239 14.09 -5.24 36.54
CA LEU A 239 14.98 -4.37 37.29
C LEU A 239 16.21 -4.06 36.46
N ILE A 240 16.96 -3.06 36.89
CA ILE A 240 18.09 -2.58 36.10
C ILE A 240 19.33 -2.54 36.98
N VAL A 241 20.48 -2.91 36.40
CA VAL A 241 21.74 -2.92 37.14
C VAL A 241 22.77 -2.10 36.39
N PHE A 242 23.37 -1.14 37.07
CA PHE A 242 24.46 -0.35 36.50
C PHE A 242 25.78 -0.85 37.05
N ASN A 243 26.67 -1.20 36.13
CA ASN A 243 28.03 -1.65 36.42
C ASN A 243 29.02 -0.73 35.71
N THR A 244 30.00 -0.15 36.42
CA THR A 244 31.05 0.57 35.70
C THR A 244 32.38 0.58 36.42
N ILE A 245 33.46 0.56 35.64
CA ILE A 245 34.80 0.75 36.17
C ILE A 245 35.35 2.06 35.64
N GLY A 246 34.48 2.89 35.09
CA GLY A 246 34.87 4.22 34.65
C GLY A 246 34.02 4.66 33.49
N ASN A 247 33.90 5.99 33.35
CA ASN A 247 33.31 6.62 32.16
C ASN A 247 31.77 6.63 32.11
N LEU A 248 31.10 6.09 33.12
CA LEU A 248 29.63 6.17 33.15
C LEU A 248 29.11 7.60 33.37
N ILE A 249 28.20 8.00 32.49
CA ILE A 249 27.41 9.21 32.72
C ILE A 249 26.05 8.72 33.23
N ALA A 250 25.85 8.85 34.54
CA ALA A 250 24.77 8.16 35.25
C ALA A 250 23.46 8.89 35.19
N PRO A 251 22.34 8.14 35.19
CA PRO A 251 21.03 8.77 35.28
C PRO A 251 20.76 9.33 36.69
N ARG A 252 19.92 10.34 36.79
CA ARG A 252 19.51 10.86 38.10
C ARG A 252 18.13 10.34 38.46
N GLY A 253 17.63 9.42 37.63
CA GLY A 253 16.27 8.93 37.80
C GLY A 253 15.78 8.33 36.50
N HIS A 254 14.47 8.31 36.32
CA HIS A 254 13.88 7.76 35.10
C HIS A 254 12.71 8.58 34.65
N TYR A 255 12.39 8.48 33.36
CA TYR A 255 11.17 9.05 32.82
C TYR A 255 10.02 8.03 32.91
N LYS A 256 8.82 8.51 33.20
CA LYS A 256 7.65 7.63 33.19
C LYS A 256 7.18 7.41 31.76
N LEU A 257 6.94 6.16 31.41
CA LEU A 257 6.33 5.84 30.14
C LEU A 257 4.84 5.67 30.33
N ASN A 258 4.05 6.23 29.42
CA ASN A 258 2.63 5.92 29.36
C ASN A 258 2.43 4.49 28.84
N ASN A 259 1.46 3.77 29.40
CA ASN A 259 1.10 2.47 28.86
C ASN A 259 0.69 2.58 27.40
N GLN A 260 -0.20 3.53 27.13
CA GLN A 260 -0.63 3.85 25.78
C GLN A 260 0.13 5.04 25.24
N LYS A 261 0.85 4.84 24.13
CA LYS A 261 1.62 5.92 23.54
C LYS A 261 0.98 6.35 22.23
N LYS A 262 0.49 7.59 22.17
CA LYS A 262 -0.34 8.03 21.05
C LYS A 262 0.03 9.42 20.54
N SER A 263 1.13 9.96 21.02
CA SER A 263 1.54 11.30 20.62
C SER A 263 2.59 11.22 19.51
N THR A 264 2.99 12.36 18.97
CA THR A 264 3.99 12.36 17.92
C THR A 264 4.75 13.68 17.91
N ILE A 265 5.53 13.89 16.86
CA ILE A 265 6.41 15.04 16.77
C ILE A 265 6.33 15.61 15.37
N LEU A 266 6.40 16.94 15.25
CA LEU A 266 6.35 17.60 13.95
C LEU A 266 7.48 18.62 13.90
N ASN A 267 8.37 18.49 12.94
CA ASN A 267 9.50 19.40 12.82
C ASN A 267 9.18 20.47 11.78
N THR A 268 9.05 21.71 12.25
CA THR A 268 8.63 22.80 11.39
C THR A 268 8.94 24.15 12.02
N ALA A 269 9.17 25.17 11.19
CA ALA A 269 9.47 26.52 11.70
C ALA A 269 8.22 27.35 11.80
N ILE A 270 7.08 26.77 11.43
CA ILE A 270 5.81 27.50 11.40
C ILE A 270 5.32 27.85 12.80
N PRO A 271 5.02 29.14 13.05
CA PRO A 271 4.63 29.60 14.39
C PRO A 271 3.28 29.05 14.86
N ILE A 272 3.17 28.86 16.16
CA ILE A 272 1.88 28.50 16.74
C ILE A 272 1.01 29.75 16.80
N GLY A 273 -0.21 29.66 16.28
CA GLY A 273 -1.11 30.80 16.21
C GLY A 273 -2.28 30.73 17.19
N SER A 274 -3.44 31.19 16.76
CA SER A 274 -4.61 31.25 17.64
C SER A 274 -5.79 30.46 17.11
N CYS A 275 -5.65 29.94 15.90
CA CYS A 275 -6.75 29.25 15.22
C CYS A 275 -7.15 27.92 15.87
N VAL A 276 -8.18 27.31 15.30
CA VAL A 276 -8.66 26.01 15.71
C VAL A 276 -8.60 25.06 14.53
N SER A 277 -7.88 23.96 14.68
CA SER A 277 -7.81 22.94 13.65
C SER A 277 -7.22 21.66 14.20
N LYS A 278 -7.73 20.54 13.73
CA LYS A 278 -7.21 19.26 14.19
C LYS A 278 -6.26 18.63 13.16
N CYS A 279 -5.92 19.38 12.11
CA CYS A 279 -4.99 18.88 11.09
C CYS A 279 -3.77 19.80 10.93
N HIS A 280 -2.60 19.25 11.18
CA HIS A 280 -1.34 19.98 11.07
C HIS A 280 -0.36 19.40 10.05
N THR A 281 0.10 20.23 9.13
CA THR A 281 1.24 19.86 8.30
C THR A 281 2.49 20.63 8.69
N ASP A 282 3.61 20.25 8.10
CA ASP A 282 4.85 20.97 8.31
C ASP A 282 4.77 22.36 7.67
N LYS A 283 3.75 22.59 6.84
CA LYS A 283 3.54 23.90 6.22
C LYS A 283 2.61 24.78 7.05
N GLY A 284 1.96 24.19 8.04
CA GLY A 284 0.92 24.85 8.81
C GLY A 284 -0.34 24.02 8.88
N SER A 285 -1.30 24.46 9.69
CA SER A 285 -2.55 23.75 9.85
C SER A 285 -3.46 23.89 8.63
N LEU A 286 -4.36 22.94 8.45
CA LEU A 286 -5.39 23.03 7.41
C LEU A 286 -6.73 23.22 8.07
N SER A 287 -7.57 24.04 7.46
CA SER A 287 -8.91 24.27 7.94
C SER A 287 -9.83 23.99 6.76
N THR A 288 -10.38 22.79 6.73
CA THR A 288 -11.00 22.27 5.52
C THR A 288 -11.89 21.08 5.80
N THR A 289 -12.83 20.83 4.91
CA THR A 289 -13.66 19.64 4.98
C THR A 289 -13.47 18.81 3.71
N LYS A 290 -12.49 19.18 2.89
CA LYS A 290 -12.21 18.43 1.68
C LYS A 290 -11.54 17.08 2.02
N PRO A 291 -11.80 16.03 1.22
CA PRO A 291 -11.28 14.69 1.50
C PRO A 291 -9.81 14.51 1.11
N PHE A 292 -9.30 15.39 0.25
CA PHE A 292 -7.92 15.29 -0.22
C PHE A 292 -7.19 16.62 -0.05
N GLN A 293 -5.86 16.56 -0.07
CA GLN A 293 -5.01 17.75 0.03
C GLN A 293 -3.70 17.51 -0.71
N ASN A 294 -3.13 18.57 -1.30
CA ASN A 294 -1.85 18.46 -2.01
C ASN A 294 -0.78 19.33 -1.35
N ILE A 295 -0.98 19.66 -0.08
CA ILE A 295 -0.08 20.59 0.60
C ILE A 295 1.19 19.90 1.12
N SER A 296 1.05 18.74 1.77
CA SER A 296 2.22 18.01 2.26
C SER A 296 1.91 16.58 2.66
N ARG A 297 2.84 15.67 2.37
CA ARG A 297 2.71 14.29 2.83
C ARG A 297 2.85 14.23 4.33
N ILE A 298 3.52 15.23 4.89
CA ILE A 298 3.71 15.29 6.34
C ILE A 298 2.48 15.94 6.95
N ALA A 299 1.60 15.13 7.52
CA ALA A 299 0.34 15.61 8.06
C ALA A 299 -0.02 14.79 9.28
N VAL A 300 -0.28 15.49 10.38
CA VAL A 300 -0.57 14.85 11.66
C VAL A 300 -1.97 15.29 12.11
N GLY A 301 -2.76 14.35 12.62
CA GLY A 301 -4.06 14.66 13.19
C GLY A 301 -5.22 14.18 12.32
N ASP A 302 -6.31 14.94 12.27
CA ASP A 302 -7.50 14.58 11.49
C ASP A 302 -7.44 15.27 10.13
N CYS A 303 -6.79 14.63 9.17
CA CYS A 303 -6.39 15.32 7.93
C CYS A 303 -7.01 14.73 6.66
N PRO A 304 -7.10 15.57 5.60
CA PRO A 304 -7.39 15.01 4.29
C PRO A 304 -6.22 14.14 3.84
N ARG A 305 -6.45 13.18 2.96
CA ARG A 305 -5.35 12.35 2.51
C ARG A 305 -4.53 13.08 1.47
N TYR A 306 -3.22 12.91 1.56
CA TYR A 306 -2.31 13.57 0.63
C TYR A 306 -2.34 12.94 -0.75
N VAL A 307 -2.54 13.75 -1.78
CA VAL A 307 -2.53 13.26 -3.16
C VAL A 307 -1.65 14.15 -4.03
N LYS A 308 -1.26 13.65 -5.19
CA LYS A 308 -0.41 14.43 -6.07
C LYS A 308 -1.17 15.50 -6.86
N GLN A 309 -2.45 15.25 -7.15
CA GLN A 309 -3.24 16.18 -7.96
C GLN A 309 -3.41 17.54 -7.31
N GLY A 310 -3.33 18.60 -8.13
CA GLY A 310 -3.61 19.94 -7.66
C GLY A 310 -5.09 20.26 -7.57
N SER A 311 -5.89 19.57 -8.37
CA SER A 311 -7.33 19.80 -8.40
C SER A 311 -8.08 18.53 -8.84
N LEU A 312 -9.21 18.29 -8.19
CA LEU A 312 -10.16 17.24 -8.60
C LEU A 312 -11.57 17.76 -8.38
N LYS A 313 -12.33 17.94 -9.47
CA LYS A 313 -13.65 18.55 -9.33
C LYS A 313 -14.76 17.52 -9.40
N LEU A 314 -15.59 17.55 -8.37
CA LEU A 314 -16.73 16.67 -8.23
C LEU A 314 -17.96 17.38 -8.75
N ALA A 315 -18.62 16.79 -9.75
CA ALA A 315 -19.85 17.37 -10.28
C ALA A 315 -20.95 17.35 -9.22
N THR A 316 -21.61 18.48 -9.05
CA THR A 316 -22.72 18.56 -8.11
C THR A 316 -23.99 18.99 -8.84
N GLY A 317 -23.95 18.92 -10.17
CA GLY A 317 -25.08 19.28 -11.00
C GLY A 317 -25.04 18.57 -12.34
N MET A 318 -26.09 18.76 -13.13
CA MET A 318 -26.25 18.08 -14.41
C MET A 318 -25.36 18.68 -15.48
N ARG A 319 -25.26 17.98 -16.60
CA ARG A 319 -24.61 18.51 -17.79
C ARG A 319 -25.20 19.88 -18.13
N ASN A 320 -24.32 20.81 -18.50
CA ASN A 320 -24.76 22.16 -18.81
C ASN A 320 -24.85 22.40 -20.32
N ILE A 321 -26.06 22.60 -20.81
CA ILE A 321 -26.29 23.03 -22.19
C ILE A 321 -27.06 24.35 -22.17
N PRO A 322 -26.44 25.45 -22.61
CA PRO A 322 -27.10 26.77 -22.57
C PRO A 322 -28.16 26.95 -23.67
N GLU A 323 -28.67 28.18 -23.80
CA GLU A 323 -29.75 28.54 -24.72
C GLU A 323 -31.07 27.89 -24.31
N ILE A 333 -41.21 26.82 -26.45
CA ILE A 333 -41.37 26.25 -27.78
C ILE A 333 -40.38 25.10 -28.02
N ALA A 334 -39.43 24.97 -27.11
CA ALA A 334 -38.47 23.84 -27.15
C ALA A 334 -38.14 23.39 -25.73
N GLY A 335 -38.06 22.08 -25.53
CA GLY A 335 -37.74 21.55 -24.21
C GLY A 335 -36.30 21.08 -24.13
N PHE A 336 -36.02 20.17 -23.20
CA PHE A 336 -34.76 19.44 -23.25
C PHE A 336 -34.74 18.70 -24.58
N ILE A 337 -33.55 18.56 -25.16
CA ILE A 337 -33.21 17.61 -26.22
C ILE A 337 -31.87 18.03 -26.82
N GLU A 338 -31.52 19.31 -26.66
CA GLU A 338 -30.17 19.88 -26.78
C GLU A 338 -30.19 21.36 -26.42
N ASN A 339 -31.23 21.78 -25.71
CA ASN A 339 -31.24 23.10 -25.09
C ASN A 339 -31.52 22.95 -23.59
N GLY A 340 -30.89 23.80 -22.80
CA GLY A 340 -31.29 23.92 -21.41
C GLY A 340 -31.97 25.25 -21.22
N TRP A 341 -32.66 25.44 -20.10
CA TRP A 341 -33.35 26.70 -19.87
C TRP A 341 -32.63 27.57 -18.86
N GLN A 342 -31.95 28.60 -19.36
CA GLN A 342 -31.24 29.55 -18.50
C GLN A 342 -32.21 30.33 -17.63
N GLY A 343 -33.47 30.36 -18.02
CA GLY A 343 -34.50 31.08 -17.28
C GLY A 343 -35.10 30.31 -16.13
N LEU A 344 -34.89 28.99 -16.10
CA LEU A 344 -35.37 28.16 -15.01
C LEU A 344 -34.42 28.26 -13.81
N ILE A 345 -34.83 28.99 -12.76
CA ILE A 345 -33.95 29.27 -11.64
C ILE A 345 -34.51 28.83 -10.29
N ASP A 346 -35.69 28.22 -10.28
CA ASP A 346 -36.27 27.74 -9.04
C ASP A 346 -36.47 26.23 -9.05
N GLY A 347 -35.73 25.55 -9.90
CA GLY A 347 -35.78 24.10 -9.96
C GLY A 347 -34.76 23.53 -10.91
N TRP A 348 -34.56 22.22 -10.85
CA TRP A 348 -33.64 21.56 -11.75
C TRP A 348 -34.32 21.18 -13.05
N TYR A 349 -35.57 20.77 -12.94
CA TYR A 349 -36.39 20.38 -14.07
C TYR A 349 -37.67 21.20 -14.08
N GLY A 350 -38.38 21.20 -15.20
CA GLY A 350 -39.63 21.95 -15.26
C GLY A 350 -40.44 21.85 -16.53
N PHE A 351 -41.58 22.54 -16.52
CA PHE A 351 -42.51 22.57 -17.64
C PHE A 351 -42.52 23.95 -18.30
N ARG A 352 -42.42 23.99 -19.62
CA ARG A 352 -42.68 25.21 -20.38
C ARG A 352 -43.82 24.95 -21.35
N HIS A 353 -44.82 25.84 -21.36
CA HIS A 353 -46.02 25.59 -22.16
C HIS A 353 -46.39 26.75 -23.06
N GLN A 354 -47.26 26.44 -24.03
CA GLN A 354 -47.84 27.42 -24.93
C GLN A 354 -49.32 27.15 -25.16
N ASN A 355 -50.19 28.00 -24.63
CA ASN A 355 -51.62 27.87 -24.93
C ASN A 355 -52.23 29.20 -25.36
N ALA A 356 -53.56 29.24 -25.40
CA ALA A 356 -54.28 30.42 -25.87
C ALA A 356 -53.96 31.64 -25.03
N GLU A 357 -53.89 31.46 -23.72
CA GLU A 357 -53.65 32.58 -22.82
C GLU A 357 -52.21 33.08 -22.89
N GLY A 358 -51.32 32.27 -23.46
CA GLY A 358 -49.92 32.66 -23.54
C GLY A 358 -48.92 31.57 -23.17
N THR A 359 -47.77 31.99 -22.64
CA THR A 359 -46.71 31.05 -22.27
C THR A 359 -46.34 31.16 -20.79
N GLY A 360 -45.63 30.15 -20.30
CA GLY A 360 -45.14 30.14 -18.93
C GLY A 360 -44.16 29.03 -18.66
N THR A 361 -43.35 29.20 -17.60
CA THR A 361 -42.40 28.16 -17.18
C THR A 361 -42.51 27.88 -15.69
N ALA A 362 -42.73 26.62 -15.34
CA ALA A 362 -42.86 26.23 -13.94
C ALA A 362 -41.95 25.05 -13.60
N ALA A 363 -41.36 25.10 -12.41
CA ALA A 363 -40.44 24.07 -11.97
C ALA A 363 -41.18 22.86 -11.44
N ASP A 364 -40.61 21.68 -11.66
CA ASP A 364 -41.15 20.43 -11.15
C ASP A 364 -40.36 20.05 -9.90
N LEU A 365 -41.05 19.85 -8.77
CA LEU A 365 -40.35 19.66 -7.50
C LEU A 365 -39.88 18.23 -7.30
N LYS A 366 -40.72 17.26 -7.64
CA LYS A 366 -40.44 15.85 -7.32
C LYS A 366 -39.17 15.30 -8.00
N SER A 367 -39.05 15.52 -9.31
CA SER A 367 -37.84 15.18 -10.08
C SER A 367 -36.64 16.00 -9.60
N THR A 368 -36.85 17.30 -9.36
CA THR A 368 -35.78 18.15 -8.85
C THR A 368 -35.23 17.58 -7.54
N GLN A 369 -36.12 17.25 -6.62
CA GLN A 369 -35.70 16.71 -5.33
C GLN A 369 -35.03 15.36 -5.51
N ALA A 370 -35.55 14.56 -6.45
CA ALA A 370 -35.02 13.21 -6.69
C ALA A 370 -33.57 13.25 -7.18
N ALA A 371 -33.26 14.24 -8.02
CA ALA A 371 -31.91 14.40 -8.54
C ALA A 371 -30.97 14.86 -7.42
N ILE A 372 -31.40 15.87 -6.69
CA ILE A 372 -30.63 16.41 -5.57
C ILE A 372 -30.33 15.33 -4.53
N ASP A 373 -31.33 14.53 -4.19
CA ASP A 373 -31.15 13.46 -3.21
C ASP A 373 -30.05 12.47 -3.61
N GLN A 374 -29.98 12.13 -4.90
CA GLN A 374 -29.05 11.13 -5.41
C GLN A 374 -27.66 11.67 -5.64
N ILE A 375 -27.60 12.98 -5.86
CA ILE A 375 -26.34 13.70 -5.94
C ILE A 375 -25.89 14.26 -4.58
N ASN A 376 -26.79 14.72 -3.69
CA ASN A 376 -26.37 15.12 -2.31
C ASN A 376 -26.45 13.91 -1.41
N GLY A 377 -26.63 12.78 -2.08
CA GLY A 377 -26.51 11.48 -1.46
C GLY A 377 -25.04 11.17 -1.35
N LYS A 378 -24.29 11.36 -2.45
CA LYS A 378 -22.83 11.24 -2.38
C LYS A 378 -22.19 12.39 -1.60
N LEU A 379 -22.89 13.48 -1.28
CA LEU A 379 -22.14 14.48 -0.54
C LEU A 379 -22.09 14.21 0.97
N ASN A 380 -22.69 13.14 1.45
CA ASN A 380 -22.60 12.85 2.89
C ASN A 380 -21.50 11.84 3.08
N ARG A 381 -21.35 10.97 2.10
CA ARG A 381 -20.38 9.91 2.21
C ARG A 381 -19.06 10.21 1.50
N LEU A 382 -18.94 11.34 0.83
CA LEU A 382 -17.61 11.64 0.35
C LEU A 382 -16.80 12.27 1.51
N ILE A 383 -17.47 12.52 2.64
CA ILE A 383 -16.97 13.41 3.70
C ILE A 383 -17.12 12.81 5.12
N GLU A 384 -16.93 11.50 5.26
CA GLU A 384 -17.25 10.86 6.53
C GLU A 384 -16.09 10.08 7.16
N LYS A 385 -15.22 9.47 6.37
CA LYS A 385 -14.09 8.77 6.97
C LYS A 385 -12.97 9.75 7.18
N THR A 386 -12.42 9.65 8.37
CA THR A 386 -11.80 10.74 9.09
C THR A 386 -10.30 10.82 8.88
N ASN A 387 -9.65 9.66 8.83
CA ASN A 387 -8.18 9.61 8.65
C ASN A 387 -7.47 10.38 9.77
N ASP A 388 -7.70 9.91 10.99
CA ASP A 388 -7.13 10.50 12.18
C ASP A 388 -5.81 9.76 12.52
N LYS A 389 -4.67 10.39 12.21
CA LYS A 389 -3.37 9.71 12.33
C LYS A 389 -2.33 10.55 13.08
N TYR A 390 -1.67 9.94 14.05
CA TYR A 390 -0.67 10.66 14.80
C TYR A 390 0.74 10.14 14.54
N HIS A 391 1.28 9.26 15.39
CA HIS A 391 2.66 8.83 15.14
C HIS A 391 2.72 7.96 13.88
N GLN A 392 3.51 8.39 12.91
CA GLN A 392 3.63 7.66 11.66
C GLN A 392 5.08 7.25 11.38
N ILE A 393 5.68 7.80 10.34
CA ILE A 393 7.10 7.62 10.05
C ILE A 393 7.68 8.94 9.55
N GLU A 394 9.00 9.07 9.63
CA GLU A 394 9.68 10.21 9.01
C GLU A 394 9.51 10.16 7.50
N LYS A 395 9.41 11.32 6.87
CA LYS A 395 9.14 11.38 5.44
C LYS A 395 10.05 12.37 4.71
N GLU A 396 10.93 13.06 5.43
CA GLU A 396 12.01 13.73 4.74
C GLU A 396 13.32 13.62 5.49
N PHE A 397 14.39 13.72 4.73
CA PHE A 397 15.71 13.31 5.20
C PHE A 397 16.75 14.27 4.65
N GLU A 398 17.70 14.66 5.49
CA GLU A 398 18.76 15.57 5.07
C GLU A 398 19.73 14.90 4.10
N GLN A 399 20.16 13.70 4.45
CA GLN A 399 21.20 12.98 3.71
C GLN A 399 20.77 11.53 3.53
N VAL A 400 21.26 10.87 2.48
CA VAL A 400 20.96 9.45 2.30
C VAL A 400 21.61 8.61 3.40
N GLU A 401 20.97 7.48 3.73
CA GLU A 401 21.46 6.59 4.78
C GLU A 401 21.59 5.14 4.32
N GLY A 402 20.91 4.79 3.23
CA GLY A 402 20.89 3.40 2.77
C GLY A 402 19.56 2.69 2.97
N ARG A 403 19.66 1.41 3.29
CA ARG A 403 18.56 0.45 3.21
C ARG A 403 17.26 0.85 3.93
N ILE A 404 17.35 1.27 5.18
CA ILE A 404 16.12 1.61 5.92
C ILE A 404 15.42 2.86 5.37
N GLN A 405 16.20 3.90 5.08
CA GLN A 405 15.60 5.11 4.51
C GLN A 405 15.00 4.83 3.12
N ASP A 406 15.66 3.97 2.34
CA ASP A 406 15.12 3.57 1.04
C ASP A 406 13.71 3.00 1.22
N LEU A 407 13.57 2.14 2.22
CA LEU A 407 12.27 1.51 2.49
C LEU A 407 11.24 2.53 2.98
N GLU A 408 11.64 3.44 3.87
CA GLU A 408 10.70 4.44 4.37
C GLU A 408 10.15 5.29 3.22
N LYS A 409 11.04 5.67 2.32
CA LYS A 409 10.69 6.51 1.17
C LYS A 409 9.81 5.75 0.18
N TYR A 410 10.13 4.48 -0.05
CA TYR A 410 9.37 3.65 -0.97
C TYR A 410 7.96 3.40 -0.45
N VAL A 411 7.84 3.08 0.83
CA VAL A 411 6.54 2.88 1.47
C VAL A 411 5.64 4.12 1.28
N GLU A 412 6.20 5.30 1.53
CA GLU A 412 5.41 6.52 1.44
C GLU A 412 5.06 6.85 -0.02
N ASP A 413 6.03 6.72 -0.92
CA ASP A 413 5.76 6.91 -2.36
C ASP A 413 4.65 5.98 -2.86
N THR A 414 4.71 4.74 -2.41
CA THR A 414 3.78 3.70 -2.81
C THR A 414 2.36 4.08 -2.33
N LYS A 415 2.27 4.50 -1.07
CA LYS A 415 1.00 4.92 -0.49
C LYS A 415 0.38 6.11 -1.22
N ILE A 416 1.21 7.11 -1.49
CA ILE A 416 0.75 8.31 -2.19
C ILE A 416 0.22 8.01 -3.59
N ASP A 417 0.89 7.11 -4.29
CA ASP A 417 0.49 6.78 -5.65
C ASP A 417 -0.84 6.03 -5.65
N LEU A 418 -1.03 5.15 -4.68
CA LEU A 418 -2.30 4.44 -4.57
C LEU A 418 -3.47 5.37 -4.18
N TRP A 419 -3.26 6.28 -3.23
CA TRP A 419 -4.33 7.19 -2.87
C TRP A 419 -4.62 8.17 -3.99
N SER A 420 -3.59 8.57 -4.73
CA SER A 420 -3.80 9.49 -5.86
C SER A 420 -4.65 8.80 -6.93
N TYR A 421 -4.37 7.52 -7.16
CA TYR A 421 -5.15 6.75 -8.11
C TYR A 421 -6.60 6.65 -7.62
N ASN A 422 -6.78 6.30 -6.34
CA ASN A 422 -8.12 6.19 -5.76
C ASN A 422 -8.93 7.47 -5.96
N ALA A 423 -8.30 8.61 -5.71
CA ALA A 423 -8.93 9.92 -5.82
C ALA A 423 -9.36 10.22 -7.26
N GLU A 424 -8.46 9.92 -8.18
CA GLU A 424 -8.71 10.10 -9.60
C GLU A 424 -9.90 9.24 -10.05
N LEU A 425 -9.88 7.96 -9.70
CA LEU A 425 -10.94 7.04 -10.10
C LEU A 425 -12.26 7.41 -9.46
N LEU A 426 -12.24 7.77 -8.18
CA LEU A 426 -13.45 8.08 -7.43
C LEU A 426 -14.24 9.22 -8.07
N VAL A 427 -13.55 10.29 -8.41
CA VAL A 427 -14.21 11.47 -8.94
C VAL A 427 -14.75 11.19 -10.34
N ALA A 428 -14.00 10.44 -11.15
CA ALA A 428 -14.48 10.10 -12.50
C ALA A 428 -15.73 9.23 -12.43
N LEU A 429 -15.74 8.29 -11.48
CA LEU A 429 -16.89 7.41 -11.26
C LEU A 429 -18.11 8.12 -10.74
N GLU A 430 -17.89 9.00 -9.76
CA GLU A 430 -18.96 9.77 -9.17
C GLU A 430 -19.59 10.69 -10.22
N ASN A 431 -18.75 11.28 -11.06
CA ASN A 431 -19.22 12.24 -12.05
C ASN A 431 -20.02 11.55 -13.12
N GLN A 432 -19.57 10.36 -13.52
CA GLN A 432 -20.30 9.56 -14.49
C GLN A 432 -21.67 9.20 -13.94
N HIS A 433 -21.71 8.84 -12.67
CA HIS A 433 -22.98 8.55 -12.01
C HIS A 433 -23.87 9.79 -11.89
N THR A 434 -23.26 10.93 -11.57
CA THR A 434 -24.01 12.18 -11.46
C THR A 434 -24.66 12.55 -12.81
N ILE A 435 -23.90 12.46 -13.89
CA ILE A 435 -24.42 12.71 -15.23
C ILE A 435 -25.56 11.75 -15.61
N ASP A 436 -25.34 10.45 -15.37
CA ASP A 436 -26.34 9.44 -15.71
C ASP A 436 -27.63 9.65 -14.91
N VAL A 437 -27.49 10.03 -13.64
CA VAL A 437 -28.65 10.23 -12.78
C VAL A 437 -29.51 11.41 -13.24
N THR A 438 -28.86 12.52 -13.56
CA THR A 438 -29.57 13.72 -13.97
C THR A 438 -30.17 13.60 -15.38
N ASP A 439 -29.47 12.90 -16.27
CA ASP A 439 -30.03 12.53 -17.57
C ASP A 439 -31.25 11.64 -17.41
N SER A 440 -31.18 10.69 -16.47
CA SER A 440 -32.27 9.76 -16.21
C SER A 440 -33.51 10.45 -15.63
N GLU A 441 -33.29 11.39 -14.70
CA GLU A 441 -34.40 12.08 -14.07
C GLU A 441 -35.16 12.94 -15.09
N MET A 442 -34.45 13.50 -16.06
CA MET A 442 -35.06 14.23 -17.16
C MET A 442 -35.97 13.32 -17.97
N ASN A 443 -35.43 12.17 -18.38
CA ASN A 443 -36.20 11.19 -19.13
C ASN A 443 -37.42 10.69 -18.36
N LYS A 444 -37.27 10.54 -17.05
CA LYS A 444 -38.36 10.05 -16.22
C LYS A 444 -39.48 11.08 -16.16
N LEU A 445 -39.12 12.36 -16.15
CA LEU A 445 -40.11 13.42 -16.13
C LEU A 445 -40.91 13.42 -17.43
N PHE A 446 -40.21 13.33 -18.55
CA PHE A 446 -40.84 13.23 -19.86
C PHE A 446 -41.80 12.03 -19.94
N GLU A 447 -41.34 10.88 -19.48
CA GLU A 447 -42.15 9.66 -19.54
C GLU A 447 -43.35 9.72 -18.62
N ARG A 448 -43.24 10.48 -17.53
CA ARG A 448 -44.37 10.64 -16.62
C ARG A 448 -45.50 11.41 -17.31
N VAL A 449 -45.10 12.47 -18.02
CA VAL A 449 -46.04 13.31 -18.75
C VAL A 449 -46.68 12.52 -19.89
N ARG A 450 -45.86 11.74 -20.59
CA ARG A 450 -46.33 10.86 -21.65
C ARG A 450 -47.46 9.95 -21.16
N ARG A 451 -47.27 9.34 -19.99
CA ARG A 451 -48.27 8.43 -19.45
C ARG A 451 -49.56 9.18 -19.06
N GLN A 452 -49.43 10.43 -18.62
CA GLN A 452 -50.59 11.23 -18.27
C GLN A 452 -51.45 11.52 -19.50
N LEU A 453 -50.80 11.96 -20.56
CA LEU A 453 -51.49 12.43 -21.75
C LEU A 453 -52.17 11.23 -22.40
N ARG A 454 -51.43 10.14 -22.52
CA ARG A 454 -51.84 8.95 -23.26
C ARG A 454 -52.15 9.40 -24.70
N GLU A 455 -53.36 9.12 -25.18
CA GLU A 455 -53.65 9.32 -26.60
C GLU A 455 -54.08 10.74 -26.97
N ASN A 456 -54.03 11.65 -26.00
CA ASN A 456 -54.49 13.02 -26.23
C ASN A 456 -53.39 13.93 -26.76
N ALA A 457 -52.20 13.37 -26.94
CA ALA A 457 -51.05 14.16 -27.35
C ALA A 457 -50.07 13.36 -28.20
N GLU A 458 -49.13 14.06 -28.84
CA GLU A 458 -48.10 13.40 -29.64
C GLU A 458 -46.69 13.95 -29.36
N ASP A 459 -45.72 13.05 -29.30
CA ASP A 459 -44.32 13.41 -29.10
C ASP A 459 -43.80 14.24 -30.27
N LYS A 460 -43.52 15.51 -30.02
CA LYS A 460 -42.98 16.39 -31.05
C LYS A 460 -41.53 16.06 -31.41
N GLY A 461 -40.84 15.34 -30.53
CA GLY A 461 -39.47 14.91 -30.81
C GLY A 461 -38.39 15.82 -30.24
N ASN A 462 -38.80 16.99 -29.76
CA ASN A 462 -37.86 17.96 -29.19
C ASN A 462 -38.10 18.17 -27.70
N GLY A 463 -38.62 17.14 -27.05
CA GLY A 463 -38.92 17.21 -25.63
C GLY A 463 -40.24 17.89 -25.34
N CYS A 464 -41.09 17.97 -26.35
CA CYS A 464 -42.41 18.61 -26.23
C CYS A 464 -43.55 17.69 -26.65
N PHE A 465 -44.71 17.90 -26.04
CA PHE A 465 -45.93 17.24 -26.48
C PHE A 465 -46.87 18.22 -27.15
N GLU A 466 -47.33 17.88 -28.33
CA GLU A 466 -48.43 18.61 -28.95
C GLU A 466 -49.74 18.08 -28.40
N ILE A 467 -50.49 18.97 -27.76
CA ILE A 467 -51.75 18.58 -27.12
C ILE A 467 -52.94 18.86 -28.05
N PHE A 468 -53.59 17.79 -28.52
CA PHE A 468 -54.61 17.93 -29.57
C PHE A 468 -56.00 18.30 -29.05
N HIS A 469 -56.04 19.21 -28.07
CA HIS A 469 -57.29 19.71 -27.54
C HIS A 469 -57.06 21.03 -26.82
N LYS A 470 -58.13 21.79 -26.63
CA LYS A 470 -58.06 23.05 -25.90
C LYS A 470 -57.54 22.82 -24.48
N CYS A 471 -56.50 23.54 -24.10
CA CYS A 471 -55.92 23.38 -22.77
C CYS A 471 -55.52 24.72 -22.16
N ASP A 472 -56.39 25.26 -21.32
CA ASP A 472 -56.12 26.53 -20.67
C ASP A 472 -55.16 26.34 -19.49
N ASN A 473 -54.87 27.42 -18.78
CA ASN A 473 -53.86 27.39 -17.74
C ASN A 473 -54.24 26.53 -16.54
N ASN A 474 -55.54 26.30 -16.34
CA ASN A 474 -55.96 25.37 -15.30
C ASN A 474 -55.70 23.93 -15.74
N CYS A 475 -55.82 23.70 -17.04
CA CYS A 475 -55.59 22.40 -17.64
C CYS A 475 -54.09 22.06 -17.66
N ILE A 476 -53.28 23.05 -18.05
CA ILE A 476 -51.83 22.94 -18.01
C ILE A 476 -51.35 22.56 -16.61
N GLU A 477 -51.84 23.30 -15.62
CA GLU A 477 -51.52 23.02 -14.23
C GLU A 477 -51.98 21.63 -13.79
N SER A 478 -53.09 21.15 -14.32
CA SER A 478 -53.55 19.80 -14.01
C SER A 478 -52.52 18.76 -14.46
N ILE A 479 -51.85 19.06 -15.57
CA ILE A 479 -50.80 18.19 -16.07
C ILE A 479 -49.58 18.23 -15.15
N ARG A 480 -49.20 19.45 -14.78
CA ARG A 480 -48.02 19.68 -13.96
C ARG A 480 -48.18 19.08 -12.57
N ASN A 481 -49.37 19.14 -11.99
CA ASN A 481 -49.55 18.57 -10.65
C ASN A 481 -50.12 17.15 -10.67
N GLY A 482 -50.29 16.59 -11.87
CA GLY A 482 -50.68 15.19 -12.01
C GLY A 482 -52.15 14.86 -11.83
N THR A 483 -53.03 15.85 -11.94
CA THR A 483 -54.46 15.60 -11.77
C THR A 483 -55.20 15.46 -13.09
N TYR A 484 -54.49 15.70 -14.21
CA TYR A 484 -55.04 15.59 -15.55
C TYR A 484 -55.66 14.21 -15.81
N ASP A 485 -56.95 14.18 -16.12
CA ASP A 485 -57.65 12.98 -16.56
C ASP A 485 -57.72 12.97 -18.11
N HIS A 486 -57.07 12.06 -18.85
CA HIS A 486 -57.21 12.18 -20.31
C HIS A 486 -58.66 12.04 -20.80
N ASP A 487 -59.52 11.40 -20.01
CA ASP A 487 -60.80 10.93 -20.55
C ASP A 487 -61.69 12.10 -20.84
N ILE A 488 -61.42 13.20 -20.12
CA ILE A 488 -62.16 14.43 -20.28
C ILE A 488 -61.95 15.02 -21.67
N TYR A 489 -60.77 14.80 -22.23
CA TYR A 489 -60.42 15.43 -23.50
C TYR A 489 -60.22 14.42 -24.64
N ARG A 490 -60.45 13.14 -24.36
CA ARG A 490 -60.10 12.08 -25.31
C ARG A 490 -60.87 12.21 -26.63
N ASP A 491 -62.19 12.33 -26.57
CA ASP A 491 -63.01 12.49 -27.78
C ASP A 491 -62.53 13.66 -28.63
N GLU A 492 -62.42 14.83 -28.01
CA GLU A 492 -61.90 16.02 -28.68
C GLU A 492 -60.53 15.78 -29.32
N ALA A 493 -59.65 15.11 -28.60
CA ALA A 493 -58.28 14.92 -29.04
C ALA A 493 -58.15 13.90 -30.17
N ILE A 494 -58.77 12.74 -30.01
CA ILE A 494 -58.71 11.69 -31.02
C ILE A 494 -59.26 12.19 -32.35
N ASN A 495 -60.35 12.94 -32.28
CA ASN A 495 -60.95 13.52 -33.48
C ASN A 495 -60.02 14.51 -34.19
N ASN A 496 -59.31 15.32 -33.42
CA ASN A 496 -58.39 16.31 -33.98
C ASN A 496 -57.13 15.67 -34.54
N ARG A 497 -56.73 14.55 -33.95
CA ARG A 497 -55.51 13.86 -34.35
C ARG A 497 -55.65 13.19 -35.70
N PHE A 498 -56.75 12.47 -35.89
CA PHE A 498 -56.88 11.53 -37.01
C PHE A 498 -57.86 11.98 -38.10
N GLN A 499 -58.50 13.12 -37.92
CA GLN A 499 -59.36 13.66 -38.97
C GLN A 499 -59.01 15.11 -39.27
N GLY B 5 -48.51 1.10 -46.77
CA GLY B 5 -48.28 0.29 -45.57
C GLY B 5 -47.43 -0.97 -45.75
N ASN B 6 -46.22 -0.83 -46.27
CA ASN B 6 -45.29 -1.95 -46.40
C ASN B 6 -43.78 -1.68 -46.63
N PRO B 7 -43.36 -0.42 -46.86
CA PRO B 7 -41.91 -0.26 -46.81
C PRO B 7 -41.40 -0.40 -45.38
N VAL B 8 -40.14 -0.77 -45.20
CA VAL B 8 -39.59 -1.01 -43.87
C VAL B 8 -38.23 -0.34 -43.73
N ILE B 9 -38.01 0.34 -42.61
CA ILE B 9 -36.68 0.84 -42.31
C ILE B 9 -36.20 0.24 -40.98
N CYS B 10 -35.01 -0.36 -41.01
CA CYS B 10 -34.46 -1.00 -39.84
C CYS B 10 -33.24 -0.27 -39.31
N MET B 11 -33.04 -0.37 -38.00
CA MET B 11 -31.92 0.27 -37.33
C MET B 11 -31.05 -0.81 -36.74
N GLY B 12 -29.73 -0.73 -36.95
CA GLY B 12 -28.84 -1.77 -36.50
C GLY B 12 -27.41 -1.32 -36.25
N HIS B 13 -26.58 -2.28 -35.89
CA HIS B 13 -25.17 -2.02 -35.58
C HIS B 13 -24.30 -3.09 -36.24
N HIS B 14 -23.00 -2.84 -36.31
CA HIS B 14 -22.12 -3.77 -36.99
C HIS B 14 -21.81 -5.00 -36.13
N ALA B 15 -21.10 -5.95 -36.74
CA ALA B 15 -20.65 -7.15 -36.07
C ALA B 15 -19.54 -7.78 -36.90
N VAL B 16 -18.85 -8.77 -36.32
CA VAL B 16 -17.81 -9.49 -37.02
C VAL B 16 -17.95 -10.99 -36.77
N ALA B 17 -17.28 -11.79 -37.58
CA ALA B 17 -17.34 -13.24 -37.42
C ALA B 17 -16.66 -13.67 -36.12
N ASN B 18 -15.50 -13.08 -35.84
CA ASN B 18 -14.73 -13.42 -34.65
C ASN B 18 -14.40 -12.19 -33.81
N GLY B 19 -14.93 -12.15 -32.59
CA GLY B 19 -14.67 -11.02 -31.70
C GLY B 19 -13.78 -11.44 -30.55
N THR B 20 -13.76 -10.62 -29.49
CA THR B 20 -12.92 -10.90 -28.32
C THR B 20 -13.72 -10.92 -27.02
N MET B 21 -13.50 -11.96 -26.20
CA MET B 21 -14.12 -12.04 -24.88
C MET B 21 -13.50 -11.03 -23.91
N VAL B 22 -14.34 -10.28 -23.23
CA VAL B 22 -13.89 -9.40 -22.15
C VAL B 22 -14.76 -9.59 -20.91
N LYS B 23 -14.33 -8.97 -19.81
CA LYS B 23 -14.98 -9.15 -18.52
C LYS B 23 -15.65 -7.84 -18.12
N THR B 24 -16.83 -7.93 -17.50
CA THR B 24 -17.51 -6.74 -17.00
C THR B 24 -17.91 -6.95 -15.56
N LEU B 25 -18.68 -6.03 -15.02
CA LEU B 25 -19.30 -6.24 -13.72
C LEU B 25 -20.32 -7.37 -13.85
N ALA B 26 -21.09 -7.34 -14.92
CA ALA B 26 -22.21 -8.26 -15.13
C ALA B 26 -21.80 -9.64 -15.63
N ASP B 27 -20.92 -9.70 -16.63
CA ASP B 27 -20.57 -10.98 -17.27
C ASP B 27 -19.14 -11.45 -17.02
N ASP B 28 -18.98 -12.77 -16.91
CA ASP B 28 -17.66 -13.37 -16.87
C ASP B 28 -16.98 -13.16 -18.23
N GLN B 29 -17.74 -13.37 -19.30
CA GLN B 29 -17.25 -13.14 -20.66
C GLN B 29 -18.33 -12.62 -21.61
N VAL B 30 -18.19 -11.36 -22.02
CA VAL B 30 -18.97 -10.81 -23.12
C VAL B 30 -18.09 -10.72 -24.35
N GLU B 31 -18.61 -11.17 -25.50
CA GLU B 31 -17.87 -10.98 -26.72
C GLU B 31 -18.10 -9.58 -27.26
N VAL B 32 -17.03 -8.87 -27.58
CA VAL B 32 -17.15 -7.53 -28.16
C VAL B 32 -16.46 -7.50 -29.50
N VAL B 33 -16.70 -6.44 -30.27
CA VAL B 33 -16.20 -6.38 -31.63
C VAL B 33 -14.68 -6.19 -31.67
N THR B 34 -14.19 -5.24 -30.88
CA THR B 34 -12.75 -5.00 -30.75
C THR B 34 -12.34 -4.88 -29.27
N ALA B 35 -11.09 -5.24 -28.97
CA ALA B 35 -10.55 -5.05 -27.63
C ALA B 35 -9.04 -4.82 -27.69
N GLN B 36 -8.46 -4.37 -26.58
CA GLN B 36 -7.01 -4.25 -26.49
C GLN B 36 -6.45 -4.87 -25.23
N GLU B 37 -5.21 -5.33 -25.31
CA GLU B 37 -4.51 -5.93 -24.19
C GLU B 37 -3.88 -4.84 -23.35
N LEU B 38 -4.11 -4.87 -22.04
CA LEU B 38 -3.55 -3.85 -21.16
C LEU B 38 -2.30 -4.31 -20.40
N VAL B 39 -2.06 -5.62 -20.40
CA VAL B 39 -0.88 -6.16 -19.73
C VAL B 39 0.23 -6.50 -20.73
N GLU B 40 1.36 -5.80 -20.62
CA GLU B 40 2.53 -6.13 -21.44
C GLU B 40 3.19 -7.40 -20.91
N SER B 41 3.19 -8.44 -21.74
CA SER B 41 3.77 -9.72 -21.34
C SER B 41 4.98 -10.11 -22.19
N GLN B 42 5.48 -9.16 -22.99
CA GLN B 42 6.67 -9.39 -23.81
C GLN B 42 7.76 -8.39 -23.42
N ASN B 43 9.01 -8.83 -23.44
CA ASN B 43 10.14 -7.94 -23.17
C ASN B 43 11.18 -8.07 -24.27
N LEU B 44 12.01 -7.05 -24.42
CA LEU B 44 13.20 -7.14 -25.28
C LEU B 44 14.28 -7.99 -24.61
N PRO B 45 15.08 -8.71 -25.42
CA PRO B 45 16.16 -9.55 -24.87
C PRO B 45 17.42 -8.77 -24.56
N GLU B 46 17.28 -7.45 -24.42
CA GLU B 46 18.41 -6.57 -24.20
C GLU B 46 17.99 -5.35 -23.40
N LEU B 47 18.95 -4.62 -22.85
CA LEU B 47 18.72 -3.33 -22.21
C LEU B 47 19.03 -2.18 -23.18
N CYS B 48 18.10 -1.24 -23.31
CA CYS B 48 18.29 -0.11 -24.23
C CYS B 48 19.10 1.02 -23.59
N PRO B 49 20.24 1.37 -24.21
CA PRO B 49 21.15 2.40 -23.67
C PRO B 49 20.70 3.84 -23.96
N SER B 50 19.50 4.00 -24.50
CA SER B 50 18.93 5.33 -24.70
C SER B 50 17.45 5.30 -24.32
N PRO B 51 16.92 6.40 -23.74
CA PRO B 51 17.56 7.69 -23.44
C PRO B 51 18.18 7.79 -22.04
N LEU B 52 18.08 6.75 -21.24
CA LEU B 52 18.73 6.77 -19.91
C LEU B 52 20.20 6.40 -20.03
N ARG B 53 21.05 6.97 -19.17
CA ARG B 53 22.47 6.64 -19.15
C ARG B 53 22.69 5.36 -18.35
N LEU B 54 23.06 4.29 -19.05
CA LEU B 54 23.40 3.02 -18.41
C LEU B 54 24.90 2.88 -18.32
N VAL B 55 25.41 2.46 -17.17
CA VAL B 55 26.82 2.14 -17.03
C VAL B 55 26.96 0.66 -16.66
N ASP B 56 27.68 -0.09 -17.49
CA ASP B 56 27.86 -1.52 -17.27
C ASP B 56 29.06 -1.78 -16.36
N GLY B 57 28.84 -2.42 -15.22
CA GLY B 57 29.91 -2.70 -14.29
C GLY B 57 30.86 -3.70 -14.93
N GLN B 58 30.31 -4.54 -15.81
CA GLN B 58 31.02 -5.69 -16.38
C GLN B 58 31.51 -6.54 -15.21
N THR B 59 32.80 -6.85 -15.16
CA THR B 59 33.31 -7.77 -14.15
C THR B 59 33.32 -7.20 -12.73
N CYS B 60 33.03 -5.91 -12.58
CA CYS B 60 33.07 -5.25 -11.26
C CYS B 60 31.68 -4.94 -10.74
N ASP B 61 31.38 -5.35 -9.51
CA ASP B 61 30.12 -4.88 -8.94
C ASP B 61 30.39 -3.47 -8.41
N ILE B 62 29.35 -2.78 -7.96
CA ILE B 62 29.50 -1.36 -7.67
C ILE B 62 30.40 -1.11 -6.44
N ILE B 63 30.39 -2.02 -5.46
CA ILE B 63 31.27 -1.84 -4.29
C ILE B 63 32.75 -1.94 -4.70
N ASN B 64 33.10 -2.97 -5.46
CA ASN B 64 34.46 -3.09 -5.98
C ASN B 64 34.83 -1.92 -6.90
N GLY B 65 33.87 -1.43 -7.67
CA GLY B 65 34.12 -0.22 -8.45
C GLY B 65 34.48 0.98 -7.59
N ALA B 66 33.79 1.15 -6.46
CA ALA B 66 34.08 2.27 -5.57
C ALA B 66 35.44 2.12 -4.87
N LEU B 67 35.77 0.90 -4.46
CA LEU B 67 37.05 0.64 -3.80
C LEU B 67 38.24 0.80 -4.75
N GLY B 68 37.98 0.61 -6.04
CA GLY B 68 39.02 0.65 -7.06
C GLY B 68 39.80 -0.64 -7.18
N SER B 69 39.10 -1.78 -7.13
CA SER B 69 39.73 -3.09 -7.30
C SER B 69 40.24 -3.24 -8.73
N PRO B 70 41.25 -4.11 -8.95
CA PRO B 70 41.77 -4.33 -10.30
C PRO B 70 40.68 -4.73 -11.27
N GLY B 71 40.71 -4.18 -12.48
CA GLY B 71 39.70 -4.50 -13.47
C GLY B 71 38.57 -3.49 -13.50
N CYS B 72 38.53 -2.57 -12.54
CA CYS B 72 37.40 -1.64 -12.45
C CYS B 72 37.73 -0.22 -12.95
N ASP B 73 38.88 -0.04 -13.59
CA ASP B 73 39.30 1.30 -14.02
C ASP B 73 38.30 1.96 -14.97
N HIS B 74 37.60 1.15 -15.78
CA HIS B 74 36.58 1.66 -16.71
C HIS B 74 35.46 2.44 -16.03
N LEU B 75 35.33 2.29 -14.72
CA LEU B 75 34.29 2.97 -13.98
C LEU B 75 34.76 4.31 -13.42
N ASN B 76 36.05 4.60 -13.48
CA ASN B 76 36.52 5.90 -13.01
C ASN B 76 35.83 7.01 -13.79
N GLY B 77 35.25 7.98 -13.08
CA GLY B 77 34.57 9.08 -13.74
C GLY B 77 33.18 8.76 -14.28
N ALA B 78 32.72 7.54 -14.08
CA ALA B 78 31.42 7.12 -14.63
C ALA B 78 30.28 7.92 -14.00
N GLU B 79 29.23 8.11 -14.79
CA GLU B 79 28.00 8.77 -14.35
C GLU B 79 26.86 7.97 -14.93
N TRP B 80 25.82 7.73 -14.14
CA TRP B 80 24.72 6.89 -14.61
C TRP B 80 23.37 7.33 -14.08
N ASP B 81 22.32 7.04 -14.85
CA ASP B 81 20.96 6.96 -14.31
C ASP B 81 20.79 5.57 -13.70
N VAL B 82 21.23 4.54 -14.42
CA VAL B 82 21.15 3.18 -13.92
C VAL B 82 22.51 2.46 -14.06
N PHE B 83 23.05 2.02 -12.92
CA PHE B 83 24.24 1.15 -12.90
C PHE B 83 23.81 -0.29 -13.12
N ILE B 84 24.42 -0.95 -14.11
CA ILE B 84 24.04 -2.32 -14.44
C ILE B 84 25.05 -3.25 -13.83
N GLU B 85 24.64 -3.93 -12.77
CA GLU B 85 25.53 -4.80 -12.02
C GLU B 85 25.33 -6.24 -12.46
N ARG B 86 26.43 -6.94 -12.70
CA ARG B 86 26.35 -8.31 -13.24
C ARG B 86 26.42 -9.34 -12.12
N PRO B 87 25.51 -10.33 -12.16
CA PRO B 87 25.51 -11.35 -11.13
C PRO B 87 26.77 -12.24 -11.16
N ASN B 88 27.50 -12.26 -12.28
CA ASN B 88 28.72 -13.07 -12.33
C ASN B 88 29.97 -12.23 -12.07
N ALA B 89 29.78 -11.03 -11.53
CA ALA B 89 30.92 -10.19 -11.13
C ALA B 89 31.82 -10.96 -10.18
N VAL B 90 33.13 -10.73 -10.26
CA VAL B 90 34.07 -11.48 -9.43
C VAL B 90 34.97 -10.57 -8.62
N ASP B 91 35.33 -11.04 -7.43
CA ASP B 91 36.26 -10.32 -6.58
C ASP B 91 37.69 -10.49 -7.13
N THR B 92 38.42 -9.39 -7.25
CA THR B 92 39.80 -9.44 -7.77
C THR B 92 40.87 -8.98 -6.79
N CYS B 93 40.47 -8.65 -5.55
CA CYS B 93 41.37 -7.95 -4.67
C CYS B 93 41.35 -8.59 -3.27
N TYR B 94 41.83 -7.87 -2.27
CA TYR B 94 41.94 -8.43 -0.92
C TYR B 94 40.56 -8.85 -0.39
N PRO B 95 40.47 -10.01 0.27
CA PRO B 95 39.16 -10.41 0.81
C PRO B 95 38.64 -9.39 1.83
N PHE B 96 37.39 -8.99 1.67
CA PHE B 96 36.83 -7.95 2.51
C PHE B 96 35.35 -8.19 2.81
N ASP B 97 34.84 -7.51 3.82
CA ASP B 97 33.40 -7.42 3.99
C ASP B 97 33.03 -5.97 4.25
N VAL B 98 31.73 -5.69 4.21
CA VAL B 98 31.22 -4.36 4.50
C VAL B 98 30.05 -4.52 5.45
N PRO B 99 30.25 -4.21 6.74
CA PRO B 99 29.22 -4.43 7.76
C PRO B 99 27.82 -4.00 7.35
N GLU B 100 27.66 -2.83 6.78
CA GLU B 100 26.32 -2.49 6.30
C GLU B 100 26.35 -2.40 4.77
N TYR B 101 26.72 -3.53 4.15
CA TYR B 101 26.96 -3.64 2.71
C TYR B 101 25.84 -3.03 1.87
N GLN B 102 24.62 -3.46 2.16
CA GLN B 102 23.46 -3.05 1.39
C GLN B 102 23.25 -1.54 1.41
N SER B 103 23.57 -0.89 2.54
CA SER B 103 23.38 0.56 2.63
C SER B 103 24.47 1.35 1.88
N LEU B 104 25.73 0.88 1.91
CA LEU B 104 26.76 1.52 1.08
C LEU B 104 26.48 1.33 -0.40
N ARG B 105 26.04 0.13 -0.77
CA ARG B 105 25.69 -0.14 -2.15
C ARG B 105 24.56 0.80 -2.63
N SER B 106 23.54 0.99 -1.78
CA SER B 106 22.45 1.91 -2.09
C SER B 106 22.90 3.35 -2.25
N ILE B 107 23.74 3.81 -1.33
CA ILE B 107 24.19 5.19 -1.36
C ILE B 107 25.00 5.42 -2.65
N LEU B 108 25.92 4.50 -2.96
CA LEU B 108 26.70 4.62 -4.19
C LEU B 108 25.84 4.61 -5.45
N ALA B 109 24.93 3.65 -5.53
CA ALA B 109 24.08 3.53 -6.70
C ALA B 109 23.19 4.76 -6.89
N ASN B 110 22.61 5.22 -5.79
CA ASN B 110 21.64 6.31 -5.81
C ASN B 110 22.33 7.65 -6.16
N ASN B 111 23.55 7.82 -5.65
CA ASN B 111 24.31 9.03 -5.91
C ASN B 111 24.58 9.23 -7.41
N GLY B 112 24.94 8.14 -8.08
CA GLY B 112 24.92 8.14 -9.54
C GLY B 112 26.21 8.53 -10.24
N LYS B 113 27.32 8.63 -9.52
CA LYS B 113 28.60 8.94 -10.15
C LYS B 113 29.79 8.47 -9.32
N PHE B 114 30.88 8.16 -10.01
CA PHE B 114 32.18 7.93 -9.38
C PHE B 114 33.09 9.10 -9.73
N GLU B 115 33.06 10.15 -8.91
CA GLU B 115 33.94 11.29 -9.08
C GLU B 115 34.84 11.40 -7.85
N PHE B 116 36.03 10.81 -7.96
CA PHE B 116 36.94 10.75 -6.84
C PHE B 116 37.84 11.97 -6.81
N ILE B 117 38.00 12.55 -5.62
CA ILE B 117 38.87 13.70 -5.41
C ILE B 117 40.03 13.29 -4.53
N ALA B 118 41.20 13.22 -5.10
CA ALA B 118 42.38 12.82 -4.36
C ALA B 118 42.76 13.88 -3.34
N GLU B 119 43.21 13.44 -2.16
CA GLU B 119 43.73 14.35 -1.15
C GLU B 119 45.05 13.82 -0.65
N GLU B 120 45.96 14.72 -0.29
CA GLU B 120 47.21 14.29 0.34
C GLU B 120 47.02 14.15 1.85
N PHE B 121 47.29 12.95 2.35
CA PHE B 121 47.26 12.68 3.78
C PHE B 121 48.69 12.51 4.27
N GLN B 122 49.13 13.42 5.14
CA GLN B 122 50.50 13.38 5.64
C GLN B 122 50.61 12.45 6.84
N TRP B 123 50.49 11.16 6.58
CA TRP B 123 50.64 10.15 7.64
C TRP B 123 52.07 10.25 8.17
N ASN B 124 52.21 10.02 9.48
CA ASN B 124 53.46 10.26 10.19
C ASN B 124 54.24 8.96 10.47
N THR B 125 55.48 8.87 9.98
CA THR B 125 56.42 7.77 10.30
C THR B 125 56.04 6.41 9.72
N VAL B 126 54.74 6.07 9.73
CA VAL B 126 54.30 4.80 9.16
C VAL B 126 54.68 4.71 7.67
N LYS B 127 54.83 3.49 7.18
CA LYS B 127 55.03 3.26 5.75
C LYS B 127 53.67 3.22 5.04
N GLN B 128 53.63 3.66 3.79
CA GLN B 128 52.37 3.72 3.03
C GLN B 128 52.39 2.75 1.85
N ASN B 129 51.23 2.58 1.23
CA ASN B 129 51.11 1.87 -0.05
C ASN B 129 51.36 0.38 0.04
N GLY B 130 50.97 -0.22 1.16
CA GLY B 130 51.01 -1.66 1.28
C GLY B 130 50.28 -2.34 0.13
N LYS B 131 50.83 -3.45 -0.34
CA LYS B 131 50.25 -4.20 -1.46
C LYS B 131 50.17 -5.68 -1.16
N SER B 132 49.45 -6.42 -1.99
CA SER B 132 49.19 -7.82 -1.68
C SER B 132 49.14 -8.72 -2.92
N GLY B 133 49.57 -9.97 -2.76
CA GLY B 133 49.46 -10.95 -3.82
C GLY B 133 48.03 -11.37 -4.04
N ALA B 134 47.15 -11.07 -3.08
CA ALA B 134 45.72 -11.32 -3.25
C ALA B 134 45.07 -10.25 -4.12
N CYS B 135 45.81 -9.21 -4.49
CA CYS B 135 45.21 -8.13 -5.28
C CYS B 135 46.10 -7.69 -6.43
N LYS B 136 46.49 -8.63 -7.28
CA LYS B 136 47.39 -8.29 -8.36
C LYS B 136 46.71 -7.43 -9.42
N ARG B 137 47.45 -6.46 -9.93
CA ARG B 137 46.96 -5.62 -11.02
C ARG B 137 47.99 -5.68 -12.15
N ALA B 138 47.59 -6.24 -13.29
CA ALA B 138 48.51 -6.51 -14.39
C ALA B 138 49.69 -7.35 -13.89
N ASN B 139 49.36 -8.33 -13.06
CA ASN B 139 50.31 -9.32 -12.55
C ASN B 139 51.46 -8.78 -11.68
N VAL B 140 51.26 -7.66 -11.01
CA VAL B 140 52.15 -7.31 -9.90
C VAL B 140 51.27 -7.08 -8.69
N ASN B 141 51.80 -7.39 -7.50
CA ASN B 141 51.06 -7.13 -6.26
C ASN B 141 50.56 -5.70 -6.19
N ASP B 142 49.30 -5.53 -5.81
CA ASP B 142 48.73 -4.19 -5.75
C ASP B 142 47.70 -4.08 -4.62
N PHE B 143 46.76 -3.15 -4.75
CA PHE B 143 45.75 -2.95 -3.69
C PHE B 143 44.60 -2.13 -4.29
N PHE B 144 43.50 -1.99 -3.55
CA PHE B 144 42.41 -1.10 -3.94
C PHE B 144 42.98 0.28 -4.24
N ASN B 145 42.71 0.88 -5.40
CA ASN B 145 43.43 2.11 -5.70
C ASN B 145 42.83 3.36 -5.04
N ARG B 146 41.67 3.24 -4.38
CA ARG B 146 41.18 4.36 -3.56
C ARG B 146 41.67 4.29 -2.11
N LEU B 147 42.41 3.24 -1.76
CA LEU B 147 42.79 3.01 -0.37
C LEU B 147 44.32 2.95 -0.19
N ASN B 148 44.76 3.19 1.03
CA ASN B 148 46.19 3.28 1.32
C ASN B 148 46.50 2.42 2.55
N TRP B 149 47.15 1.28 2.31
CA TRP B 149 47.47 0.36 3.40
C TRP B 149 48.68 0.84 4.20
N LEU B 150 48.44 1.34 5.41
CA LEU B 150 49.53 1.85 6.25
C LEU B 150 50.11 0.73 7.08
N VAL B 151 51.44 0.65 7.15
CA VAL B 151 52.10 -0.34 8.02
C VAL B 151 53.23 0.33 8.81
N LYS B 152 53.82 -0.41 9.76
CA LYS B 152 54.81 0.18 10.67
C LYS B 152 56.07 0.63 9.93
N SER B 153 56.84 1.50 10.56
CA SER B 153 58.09 2.00 9.98
C SER B 153 59.19 0.95 10.07
N ASP B 154 60.32 1.23 9.43
CA ASP B 154 61.48 0.34 9.52
C ASP B 154 62.15 0.45 10.89
N GLY B 155 61.80 1.48 11.63
CA GLY B 155 62.23 1.61 13.01
C GLY B 155 61.38 0.78 13.95
N ASN B 156 60.47 -0.01 13.38
CA ASN B 156 59.53 -0.84 14.15
C ASN B 156 58.61 0.00 15.01
N ALA B 157 58.05 1.06 14.43
CA ALA B 157 57.17 1.95 15.18
C ALA B 157 55.90 2.31 14.39
N TYR B 158 54.78 2.36 15.09
CA TYR B 158 53.52 2.85 14.52
C TYR B 158 52.95 3.84 15.52
N PRO B 159 53.37 5.10 15.40
CA PRO B 159 52.85 6.14 16.29
C PRO B 159 51.40 6.46 16.00
N LEU B 160 50.71 6.93 17.03
CA LEU B 160 49.35 7.45 16.95
C LEU B 160 49.20 8.40 15.74
N GLN B 161 48.30 8.04 14.82
CA GLN B 161 47.98 8.94 13.71
C GLN B 161 46.77 9.78 14.07
N ASN B 162 46.81 11.04 13.64
CA ASN B 162 45.83 12.02 14.08
C ASN B 162 45.73 13.10 13.01
N LEU B 163 44.93 12.82 11.98
CA LEU B 163 44.82 13.71 10.82
C LEU B 163 43.42 14.25 10.67
N THR B 164 43.33 15.50 10.22
CA THR B 164 42.06 16.18 10.05
C THR B 164 41.90 16.67 8.61
N LYS B 165 40.72 16.47 8.03
CA LYS B 165 40.36 17.08 6.74
C LYS B 165 39.10 17.92 6.91
N ILE B 166 39.15 19.17 6.45
CA ILE B 166 38.03 20.08 6.63
C ILE B 166 37.23 20.16 5.34
N ASN B 167 35.91 20.01 5.43
CA ASN B 167 35.09 20.24 4.25
C ASN B 167 34.70 21.72 4.16
N ASN B 168 35.47 22.48 3.38
CA ASN B 168 35.13 23.88 3.13
C ASN B 168 34.69 24.10 1.67
N GLY B 169 34.18 23.03 1.05
CA GLY B 169 33.62 23.13 -0.28
C GLY B 169 32.10 23.20 -0.27
N ASP B 170 31.46 23.01 -1.42
CA ASP B 170 30.01 23.19 -1.51
C ASP B 170 29.26 21.89 -1.81
N TYR B 171 29.87 20.75 -1.48
CA TYR B 171 29.24 19.45 -1.68
C TYR B 171 29.59 18.52 -0.52
N ALA B 172 28.73 17.55 -0.22
CA ALA B 172 29.06 16.54 0.79
C ALA B 172 30.09 15.54 0.26
N ARG B 173 31.00 15.14 1.13
CA ARG B 173 32.08 14.22 0.79
C ARG B 173 31.80 12.83 1.35
N LEU B 174 32.10 11.82 0.54
CA LEU B 174 32.00 10.43 0.99
C LEU B 174 33.40 9.85 1.16
N TYR B 175 33.80 9.56 2.40
CA TYR B 175 35.10 8.89 2.62
C TYR B 175 34.90 7.41 2.88
N ILE B 176 35.66 6.59 2.16
CA ILE B 176 35.63 5.15 2.37
C ILE B 176 36.97 4.70 2.96
N TRP B 177 36.89 3.99 4.07
CA TRP B 177 38.08 3.61 4.80
C TRP B 177 37.88 2.23 5.38
N GLY B 178 38.96 1.59 5.80
CA GLY B 178 38.84 0.22 6.25
C GLY B 178 39.66 -0.10 7.47
N VAL B 179 39.43 -1.30 8.01
CA VAL B 179 40.21 -1.80 9.14
C VAL B 179 40.68 -3.20 8.82
N HIS B 180 41.98 -3.43 8.95
CA HIS B 180 42.53 -4.73 8.62
C HIS B 180 42.40 -5.68 9.83
N HIS B 181 41.89 -6.88 9.60
CA HIS B 181 41.79 -7.91 10.63
C HIS B 181 42.81 -9.04 10.36
N PRO B 182 43.92 -9.08 11.12
CA PRO B 182 44.96 -10.10 10.92
C PRO B 182 44.57 -11.49 11.43
N SER B 183 45.40 -12.49 11.14
CA SER B 183 45.02 -13.86 11.41
C SER B 183 45.68 -14.41 12.67
N THR B 184 46.81 -13.81 13.04
CA THR B 184 47.56 -14.19 14.25
C THR B 184 48.10 -12.96 14.96
N ASP B 185 48.45 -13.11 16.24
CA ASP B 185 49.10 -12.03 16.97
C ASP B 185 50.42 -11.62 16.32
N THR B 186 51.13 -12.60 15.76
CA THR B 186 52.39 -12.31 15.10
C THR B 186 52.18 -11.43 13.87
N GLU B 187 51.15 -11.75 13.07
CA GLU B 187 50.81 -10.90 11.94
C GLU B 187 50.53 -9.46 12.39
N GLN B 188 49.74 -9.32 13.44
CA GLN B 188 49.40 -8.01 14.00
C GLN B 188 50.62 -7.15 14.32
N THR B 189 51.62 -7.73 14.99
CA THR B 189 52.79 -6.97 15.37
C THR B 189 53.77 -6.85 14.23
N ASN B 190 53.81 -7.85 13.35
CA ASN B 190 54.62 -7.74 12.14
C ASN B 190 54.20 -6.57 11.27
N LEU B 191 52.90 -6.34 11.18
CA LEU B 191 52.41 -5.28 10.32
C LEU B 191 52.33 -3.92 11.02
N TYR B 192 51.88 -3.90 12.27
CA TYR B 192 51.53 -2.63 12.93
C TYR B 192 52.24 -2.35 14.26
N LYS B 193 53.14 -3.24 14.65
CA LYS B 193 53.89 -3.15 15.91
C LYS B 193 52.98 -3.23 17.14
N ASN B 194 52.05 -2.28 17.27
CA ASN B 194 51.14 -2.29 18.42
C ASN B 194 50.14 -3.45 18.37
N ASN B 195 49.75 -3.93 19.56
CA ASN B 195 48.74 -4.96 19.67
C ASN B 195 47.99 -4.75 20.97
N PRO B 196 46.71 -4.33 20.87
CA PRO B 196 45.92 -4.24 19.64
C PRO B 196 46.16 -2.98 18.81
N GLY B 197 45.59 -2.96 17.60
CA GLY B 197 45.55 -1.76 16.81
C GLY B 197 44.28 -1.03 17.20
N GLY B 198 43.77 -0.18 16.33
CA GLY B 198 42.53 0.52 16.63
C GLY B 198 42.33 1.72 15.75
N VAL B 199 41.08 1.97 15.39
CA VAL B 199 40.71 3.06 14.50
C VAL B 199 39.52 3.83 15.03
N THR B 200 39.61 5.16 15.05
CA THR B 200 38.42 5.98 15.31
C THR B 200 38.32 7.06 14.25
N VAL B 201 37.16 7.16 13.62
CA VAL B 201 36.95 8.17 12.60
C VAL B 201 35.75 8.99 13.02
N SER B 202 35.89 10.30 13.06
CA SER B 202 34.81 11.13 13.56
C SER B 202 34.60 12.46 12.83
N THR B 203 33.38 12.98 12.97
CA THR B 203 33.02 14.30 12.50
C THR B 203 32.57 15.08 13.72
N LYS B 204 31.96 16.25 13.52
CA LYS B 204 31.51 17.04 14.66
C LYS B 204 30.44 16.30 15.45
N THR B 205 29.59 15.56 14.75
CA THR B 205 28.38 15.01 15.34
C THR B 205 28.25 13.50 15.25
N SER B 206 29.26 12.82 14.71
CA SER B 206 29.21 11.38 14.61
C SER B 206 30.59 10.81 14.82
N GLN B 207 30.65 9.51 15.11
CA GLN B 207 31.91 8.83 15.30
C GLN B 207 31.74 7.34 15.01
N THR B 208 32.81 6.71 14.54
CA THR B 208 32.83 5.26 14.36
C THR B 208 34.15 4.79 14.93
N SER B 209 34.08 3.82 15.84
CA SER B 209 35.28 3.29 16.44
C SER B 209 35.33 1.79 16.23
N VAL B 210 36.49 1.26 15.85
CA VAL B 210 36.60 -0.15 15.49
C VAL B 210 37.84 -0.76 16.13
N VAL B 211 37.66 -1.92 16.78
CA VAL B 211 38.77 -2.72 17.26
C VAL B 211 38.98 -3.88 16.31
N PRO B 212 40.22 -4.06 15.82
CA PRO B 212 40.45 -5.20 14.92
C PRO B 212 40.23 -6.54 15.61
N ASN B 213 39.79 -7.53 14.84
CA ASN B 213 39.58 -8.88 15.31
C ASN B 213 40.67 -9.78 14.76
N ILE B 214 41.39 -10.47 15.64
CA ILE B 214 42.49 -11.34 15.23
C ILE B 214 42.05 -12.81 15.29
N GLY B 215 42.26 -13.57 14.22
CA GLY B 215 41.88 -14.98 14.19
C GLY B 215 41.87 -15.64 12.81
N SER B 216 41.86 -16.98 12.80
CA SER B 216 41.89 -17.77 11.56
C SER B 216 40.54 -17.78 10.87
N ARG B 217 40.57 -17.58 9.56
CA ARG B 217 39.36 -17.60 8.73
C ARG B 217 39.67 -18.39 7.47
N PRO B 218 38.64 -18.82 6.72
CA PRO B 218 38.93 -19.58 5.50
C PRO B 218 39.84 -18.81 4.54
N LEU B 219 40.79 -19.50 3.94
CA LEU B 219 41.68 -18.89 2.95
C LEU B 219 40.85 -18.44 1.76
N VAL B 220 41.00 -17.18 1.39
CA VAL B 220 40.38 -16.64 0.19
C VAL B 220 41.48 -15.93 -0.57
N ARG B 221 41.76 -16.42 -1.77
CA ARG B 221 42.87 -15.93 -2.59
C ARG B 221 44.17 -15.88 -1.79
N GLY B 222 44.41 -16.95 -1.04
CA GLY B 222 45.63 -17.11 -0.27
C GLY B 222 45.64 -16.38 1.06
N GLN B 223 44.54 -15.72 1.43
CA GLN B 223 44.54 -14.93 2.66
C GLN B 223 43.48 -15.39 3.65
N SER B 224 43.86 -15.46 4.90
CA SER B 224 42.92 -15.74 5.98
C SER B 224 42.58 -14.45 6.70
N SER B 225 43.37 -13.41 6.46
CA SER B 225 43.12 -12.09 7.02
C SER B 225 42.05 -11.39 6.18
N ARG B 226 41.53 -10.25 6.67
CA ARG B 226 40.41 -9.56 6.02
C ARG B 226 40.52 -8.05 6.16
N VAL B 227 39.75 -7.33 5.36
CA VAL B 227 39.51 -5.91 5.58
C VAL B 227 38.01 -5.71 5.77
N SER B 228 37.63 -4.91 6.76
CA SER B 228 36.26 -4.44 6.86
C SER B 228 36.20 -2.96 6.46
N PHE B 229 35.30 -2.64 5.53
CA PHE B 229 35.15 -1.28 5.04
C PHE B 229 33.98 -0.55 5.68
N TYR B 230 34.22 0.71 5.98
CA TYR B 230 33.27 1.62 6.59
C TYR B 230 33.21 2.88 5.75
N TRP B 231 32.26 3.76 6.02
CA TRP B 231 32.26 5.02 5.32
C TRP B 231 31.80 6.14 6.23
N THR B 232 32.13 7.36 5.85
CA THR B 232 31.81 8.56 6.60
C THR B 232 31.43 9.66 5.63
N ILE B 233 30.23 10.22 5.77
CA ILE B 233 29.82 11.37 4.97
C ILE B 233 30.09 12.66 5.72
N VAL B 234 30.72 13.62 5.05
CA VAL B 234 31.09 14.87 5.70
C VAL B 234 30.41 16.01 4.97
N GLU B 235 29.49 16.69 5.66
CA GLU B 235 28.73 17.78 5.03
C GLU B 235 29.62 19.03 4.94
N PRO B 236 29.29 19.95 4.01
CA PRO B 236 30.02 21.21 3.94
C PRO B 236 30.02 21.91 5.28
N GLY B 237 31.18 22.39 5.73
CA GLY B 237 31.27 23.05 7.02
C GLY B 237 31.57 22.10 8.16
N ASP B 238 31.63 20.81 7.85
CA ASP B 238 32.00 19.81 8.84
C ASP B 238 33.43 19.40 8.55
N LEU B 239 33.94 18.46 9.33
CA LEU B 239 35.29 17.99 9.08
C LEU B 239 35.43 16.58 9.62
N ILE B 240 36.49 15.91 9.21
CA ILE B 240 36.66 14.52 9.58
C ILE B 240 38.03 14.33 10.21
N VAL B 241 38.08 13.57 11.30
CA VAL B 241 39.35 13.25 11.94
C VAL B 241 39.62 11.75 11.91
N PHE B 242 40.78 11.39 11.35
CA PHE B 242 41.27 10.01 11.36
C PHE B 242 42.27 9.80 12.46
N ASN B 243 41.99 8.82 13.27
CA ASN B 243 42.79 8.53 14.44
C ASN B 243 42.95 7.02 14.58
N THR B 244 44.20 6.56 14.55
CA THR B 244 44.56 5.12 14.58
C THR B 244 45.89 4.80 15.25
N ILE B 245 45.96 3.64 15.90
CA ILE B 245 47.22 3.13 16.44
C ILE B 245 47.58 1.82 15.78
N GLY B 246 46.93 1.58 14.64
CA GLY B 246 47.25 0.46 13.78
C GLY B 246 46.03 -0.11 13.08
N ASN B 247 46.27 -0.74 11.93
CA ASN B 247 45.27 -1.49 11.15
C ASN B 247 44.35 -0.62 10.29
N LEU B 248 44.56 0.70 10.28
CA LEU B 248 43.75 1.56 9.41
C LEU B 248 44.08 1.33 7.93
N ILE B 249 43.06 1.10 7.12
CA ILE B 249 43.21 1.15 5.68
C ILE B 249 42.69 2.52 5.25
N ALA B 250 43.61 3.41 4.91
CA ALA B 250 43.32 4.83 4.79
C ALA B 250 42.73 5.22 3.44
N PRO B 251 41.85 6.24 3.42
CA PRO B 251 41.33 6.77 2.17
C PRO B 251 42.43 7.55 1.44
N ARG B 252 42.38 7.60 0.11
CA ARG B 252 43.30 8.45 -0.66
C ARG B 252 42.66 9.76 -1.04
N GLY B 253 41.46 9.98 -0.52
CA GLY B 253 40.64 11.12 -0.93
C GLY B 253 39.18 10.80 -0.65
N HIS B 254 38.29 11.46 -1.38
CA HIS B 254 36.86 11.28 -1.16
C HIS B 254 36.09 11.25 -2.47
N TYR B 255 34.90 10.64 -2.45
CA TYR B 255 33.99 10.73 -3.58
C TYR B 255 33.11 11.95 -3.42
N LYS B 256 32.79 12.60 -4.53
CA LYS B 256 31.80 13.67 -4.50
C LYS B 256 30.41 13.08 -4.52
N LEU B 257 29.57 13.59 -3.62
CA LEU B 257 28.15 13.30 -3.60
C LEU B 257 27.38 14.41 -4.32
N ASN B 258 26.43 14.01 -5.16
CA ASN B 258 25.46 14.96 -5.69
C ASN B 258 24.56 15.45 -4.57
N ASN B 259 24.14 16.72 -4.60
CA ASN B 259 23.10 17.18 -3.69
C ASN B 259 21.80 16.41 -3.93
N GLN B 260 21.44 16.28 -5.19
CA GLN B 260 20.23 15.55 -5.56
C GLN B 260 20.62 14.17 -6.05
N LYS B 261 20.16 13.14 -5.36
CA LYS B 261 20.53 11.78 -5.71
C LYS B 261 19.32 11.04 -6.25
N LYS B 262 19.37 10.73 -7.55
CA LYS B 262 18.19 10.20 -8.25
C LYS B 262 18.52 9.04 -9.17
N SER B 263 19.69 8.44 -9.00
CA SER B 263 20.04 7.30 -9.84
C SER B 263 19.76 5.99 -9.10
N THR B 264 19.99 4.85 -9.77
CA THR B 264 19.75 3.57 -9.11
C THR B 264 20.63 2.47 -9.73
N ILE B 265 20.38 1.23 -9.33
CA ILE B 265 21.18 0.08 -9.76
C ILE B 265 20.26 -1.05 -10.16
N LEU B 266 20.65 -1.79 -11.19
CA LEU B 266 19.85 -2.93 -11.67
C LEU B 266 20.78 -4.10 -11.82
N ASN B 267 20.50 -5.17 -11.10
CA ASN B 267 21.37 -6.34 -11.16
C ASN B 267 20.77 -7.34 -12.14
N THR B 268 21.48 -7.57 -13.23
CA THR B 268 20.96 -8.43 -14.30
C THR B 268 22.06 -8.91 -15.23
N ALA B 269 21.85 -10.06 -15.85
CA ALA B 269 22.82 -10.61 -16.81
C ALA B 269 22.50 -10.16 -18.24
N ILE B 270 21.38 -9.47 -18.41
CA ILE B 270 20.90 -9.12 -19.75
C ILE B 270 21.87 -8.15 -20.46
N PRO B 271 22.24 -8.47 -21.71
CA PRO B 271 23.18 -7.59 -22.42
C PRO B 271 22.59 -6.22 -22.79
N ILE B 272 23.46 -5.23 -22.89
CA ILE B 272 23.05 -3.91 -23.33
C ILE B 272 23.06 -3.89 -24.86
N GLY B 273 21.94 -3.47 -25.44
CA GLY B 273 21.76 -3.51 -26.88
C GLY B 273 21.92 -2.16 -27.53
N SER B 274 21.07 -1.91 -28.52
CA SER B 274 21.17 -0.69 -29.30
C SER B 274 19.79 -0.07 -29.50
N CYS B 275 18.81 -0.60 -28.79
CA CYS B 275 17.43 -0.13 -28.87
C CYS B 275 17.18 1.15 -28.07
N VAL B 276 15.95 1.64 -28.13
CA VAL B 276 15.53 2.82 -27.39
C VAL B 276 14.38 2.45 -26.47
N SER B 277 14.57 2.68 -25.16
CA SER B 277 13.53 2.49 -24.18
C SER B 277 13.84 3.18 -22.87
N LYS B 278 12.81 3.71 -22.22
CA LYS B 278 12.97 4.30 -20.91
C LYS B 278 12.43 3.38 -19.79
N CYS B 279 12.14 2.13 -20.12
CA CYS B 279 11.73 1.17 -19.10
C CYS B 279 12.61 -0.09 -19.06
N HIS B 280 13.25 -0.34 -17.93
CA HIS B 280 14.17 -1.46 -17.80
C HIS B 280 13.79 -2.44 -16.69
N THR B 281 13.66 -3.72 -17.01
CA THR B 281 13.51 -4.73 -15.99
C THR B 281 14.75 -5.60 -15.91
N ASP B 282 14.82 -6.45 -14.89
CA ASP B 282 15.95 -7.36 -14.79
C ASP B 282 15.88 -8.43 -15.89
N LYS B 283 14.77 -8.47 -16.62
CA LYS B 283 14.59 -9.40 -17.74
C LYS B 283 14.90 -8.74 -19.09
N GLY B 284 15.18 -7.43 -19.07
CA GLY B 284 15.33 -6.66 -20.29
C GLY B 284 14.37 -5.49 -20.34
N SER B 285 14.61 -4.58 -21.29
CA SER B 285 13.80 -3.39 -21.42
C SER B 285 12.42 -3.73 -21.97
N LEU B 286 11.44 -2.91 -21.65
CA LEU B 286 10.12 -3.06 -22.25
C LEU B 286 9.96 -1.97 -23.30
N SER B 287 9.19 -2.27 -24.33
CA SER B 287 8.88 -1.32 -25.37
C SER B 287 7.38 -1.40 -25.60
N THR B 288 6.65 -0.54 -24.90
CA THR B 288 5.21 -0.70 -24.79
C THR B 288 4.58 0.59 -24.35
N THR B 289 3.29 0.76 -24.65
CA THR B 289 2.55 1.85 -24.05
C THR B 289 1.38 1.32 -23.21
N LYS B 290 1.41 0.03 -22.88
CA LYS B 290 0.39 -0.55 -21.99
C LYS B 290 0.60 -0.05 -20.54
N PRO B 291 -0.47 -0.01 -19.73
CA PRO B 291 -0.43 0.55 -18.37
C PRO B 291 0.12 -0.46 -17.36
N PHE B 292 0.00 -1.74 -17.69
CA PHE B 292 0.42 -2.81 -16.80
C PHE B 292 1.38 -3.77 -17.51
N GLN B 293 2.09 -4.56 -16.70
CA GLN B 293 3.04 -5.55 -17.20
C GLN B 293 3.16 -6.68 -16.19
N ASN B 294 3.40 -7.89 -16.66
CA ASN B 294 3.57 -9.03 -15.76
C ASN B 294 4.96 -9.64 -15.89
N ILE B 295 5.90 -8.88 -16.42
CA ILE B 295 7.23 -9.39 -16.66
C ILE B 295 8.09 -9.46 -15.40
N SER B 296 8.10 -8.40 -14.61
CA SER B 296 8.89 -8.41 -13.39
C SER B 296 8.55 -7.26 -12.47
N ARG B 297 8.52 -7.54 -11.16
CA ARG B 297 8.40 -6.50 -10.16
C ARG B 297 9.61 -5.59 -10.15
N ILE B 298 10.75 -6.08 -10.65
CA ILE B 298 11.94 -5.25 -10.70
C ILE B 298 11.88 -4.45 -11.99
N ALA B 299 11.59 -3.16 -11.86
CA ALA B 299 11.42 -2.31 -13.04
C ALA B 299 11.80 -0.87 -12.73
N VAL B 300 12.65 -0.31 -13.58
CA VAL B 300 13.22 1.00 -13.33
C VAL B 300 13.01 1.87 -14.56
N GLY B 301 12.68 3.13 -14.35
CA GLY B 301 12.40 4.05 -15.44
C GLY B 301 10.92 4.38 -15.54
N ASP B 302 10.48 4.67 -16.77
CA ASP B 302 9.09 5.02 -17.04
C ASP B 302 8.36 3.76 -17.48
N CYS B 303 7.78 3.04 -16.51
CA CYS B 303 7.36 1.66 -16.71
C CYS B 303 5.87 1.44 -16.51
N PRO B 304 5.30 0.39 -17.13
CA PRO B 304 3.93 0.03 -16.75
C PRO B 304 3.94 -0.52 -15.33
N ARG B 305 2.79 -0.54 -14.65
CA ARG B 305 2.79 -1.05 -13.29
C ARG B 305 2.75 -2.57 -13.28
N TYR B 306 3.55 -3.17 -12.41
CA TYR B 306 3.59 -4.62 -12.33
C TYR B 306 2.34 -5.23 -11.69
N VAL B 307 1.75 -6.20 -12.37
CA VAL B 307 0.55 -6.84 -11.84
C VAL B 307 0.68 -8.35 -11.99
N LYS B 308 -0.15 -9.10 -11.26
CA LYS B 308 -0.07 -10.56 -11.28
C LYS B 308 -0.76 -11.16 -12.51
N GLN B 309 -1.72 -10.44 -13.09
CA GLN B 309 -2.51 -10.98 -14.22
C GLN B 309 -1.67 -11.09 -15.49
N GLY B 310 -1.88 -12.15 -16.24
CA GLY B 310 -1.21 -12.33 -17.53
C GLY B 310 -1.91 -11.60 -18.67
N SER B 311 -3.17 -11.24 -18.44
CA SER B 311 -3.97 -10.61 -19.48
C SER B 311 -5.16 -9.86 -18.90
N LEU B 312 -5.36 -8.65 -19.39
CA LEU B 312 -6.57 -7.86 -19.07
C LEU B 312 -7.01 -7.16 -20.32
N LYS B 313 -8.19 -7.53 -20.81
CA LYS B 313 -8.66 -7.02 -22.09
C LYS B 313 -9.69 -5.92 -21.94
N LEU B 314 -9.37 -4.78 -22.53
CA LEU B 314 -10.21 -3.60 -22.49
C LEU B 314 -11.06 -3.50 -23.77
N ALA B 315 -12.38 -3.59 -23.64
CA ALA B 315 -13.28 -3.46 -24.78
C ALA B 315 -13.10 -2.10 -25.46
N THR B 316 -12.93 -2.12 -26.78
CA THR B 316 -12.78 -0.88 -27.55
C THR B 316 -13.93 -0.77 -28.56
N GLY B 317 -14.91 -1.66 -28.42
CA GLY B 317 -16.08 -1.62 -29.27
C GLY B 317 -17.29 -2.20 -28.56
N MET B 318 -18.40 -2.31 -29.29
CA MET B 318 -19.66 -2.77 -28.73
C MET B 318 -19.71 -4.28 -28.65
N ARG B 319 -20.76 -4.81 -28.02
CA ARG B 319 -20.99 -6.24 -28.04
C ARG B 319 -21.04 -6.78 -29.45
N ASN B 320 -20.54 -8.01 -29.62
CA ASN B 320 -20.60 -8.67 -30.89
C ASN B 320 -21.72 -9.68 -30.94
N ILE B 321 -22.75 -9.33 -31.69
CA ILE B 321 -23.77 -10.30 -32.03
C ILE B 321 -23.71 -10.38 -33.58
N PRO B 322 -23.23 -11.50 -34.15
CA PRO B 322 -23.14 -11.85 -35.59
C PRO B 322 -24.41 -12.43 -36.24
N GLU B 323 -24.66 -12.14 -37.52
CA GLU B 323 -25.67 -12.75 -38.46
C GLU B 323 -26.58 -11.73 -39.12
N ILE B 333 -35.80 -5.97 -42.99
CA ILE B 333 -35.82 -7.41 -42.78
C ILE B 333 -35.60 -7.75 -41.31
N ALA B 334 -34.63 -7.07 -40.70
CA ALA B 334 -34.17 -7.39 -39.35
C ALA B 334 -33.34 -6.24 -38.77
N GLY B 335 -33.68 -5.81 -37.56
CA GLY B 335 -33.00 -4.70 -36.90
C GLY B 335 -32.09 -5.12 -35.77
N PHE B 336 -31.80 -4.19 -34.86
CA PHE B 336 -30.80 -4.41 -33.82
C PHE B 336 -31.23 -5.39 -32.73
N ILE B 337 -32.54 -5.58 -32.58
CA ILE B 337 -33.09 -6.46 -31.55
C ILE B 337 -32.55 -7.88 -31.67
N GLU B 338 -32.79 -8.49 -32.82
CA GLU B 338 -32.41 -9.88 -33.02
C GLU B 338 -30.89 -10.01 -33.02
N ASN B 339 -30.20 -9.11 -33.71
CA ASN B 339 -28.78 -9.30 -33.96
C ASN B 339 -28.15 -8.08 -34.65
N GLY B 340 -26.82 -8.09 -34.76
CA GLY B 340 -26.07 -7.07 -35.51
C GLY B 340 -25.76 -7.46 -36.95
N TRP B 341 -25.11 -6.55 -37.66
CA TRP B 341 -24.89 -6.68 -39.10
C TRP B 341 -23.42 -6.81 -39.54
N GLN B 342 -22.99 -8.02 -39.91
CA GLN B 342 -21.62 -8.23 -40.34
C GLN B 342 -21.33 -7.44 -41.61
N GLY B 343 -22.36 -7.22 -42.41
CA GLY B 343 -22.26 -6.46 -43.64
C GLY B 343 -21.94 -5.00 -43.45
N LEU B 344 -22.32 -4.44 -42.29
CA LEU B 344 -22.04 -3.04 -42.01
C LEU B 344 -20.57 -2.87 -41.66
N ILE B 345 -19.78 -2.33 -42.59
CA ILE B 345 -18.33 -2.26 -42.41
C ILE B 345 -17.78 -0.85 -42.57
N ASP B 346 -18.65 0.15 -42.64
CA ASP B 346 -18.20 1.54 -42.78
C ASP B 346 -18.74 2.44 -41.67
N GLY B 347 -19.31 1.83 -40.65
CA GLY B 347 -19.78 2.57 -39.50
C GLY B 347 -20.16 1.66 -38.35
N TRP B 348 -20.45 2.24 -37.19
CA TRP B 348 -20.85 1.43 -36.05
C TRP B 348 -22.35 1.17 -36.04
N TYR B 349 -23.13 2.18 -36.40
CA TYR B 349 -24.57 2.02 -36.49
C TYR B 349 -25.06 2.41 -37.88
N GLY B 350 -26.27 1.99 -38.22
CA GLY B 350 -26.82 2.32 -39.54
C GLY B 350 -28.26 1.90 -39.78
N PHE B 351 -28.75 2.20 -40.98
CA PHE B 351 -30.14 1.90 -41.40
C PHE B 351 -30.11 0.81 -42.47
N ARG B 352 -31.03 -0.14 -42.36
CA ARG B 352 -31.29 -1.04 -43.48
C ARG B 352 -32.77 -1.02 -43.82
N HIS B 353 -33.04 -0.81 -45.10
CA HIS B 353 -34.40 -0.61 -45.55
C HIS B 353 -34.80 -1.65 -46.57
N GLN B 354 -36.10 -1.70 -46.84
CA GLN B 354 -36.58 -2.36 -48.03
C GLN B 354 -37.69 -1.57 -48.69
N ASN B 355 -37.48 -1.27 -49.96
CA ASN B 355 -38.36 -0.38 -50.67
C ASN B 355 -39.16 -1.06 -51.76
N ALA B 356 -39.78 -0.24 -52.61
CA ALA B 356 -40.29 -0.71 -53.88
C ALA B 356 -39.09 -0.93 -54.78
N GLU B 357 -38.15 0.02 -54.73
CA GLU B 357 -36.97 -0.02 -55.59
C GLU B 357 -35.88 -0.99 -55.09
N GLY B 358 -36.09 -1.63 -53.95
CA GLY B 358 -35.18 -2.66 -53.48
C GLY B 358 -34.79 -2.62 -52.01
N THR B 359 -33.55 -3.05 -51.72
CA THR B 359 -33.01 -3.02 -50.37
C THR B 359 -31.73 -2.19 -50.32
N GLY B 360 -31.27 -1.83 -49.12
CA GLY B 360 -30.06 -1.04 -48.97
C GLY B 360 -29.56 -0.83 -47.55
N THR B 361 -28.26 -0.62 -47.41
CA THR B 361 -27.60 -0.40 -46.11
C THR B 361 -26.71 0.85 -46.16
N ALA B 362 -26.90 1.77 -45.24
CA ALA B 362 -25.94 2.86 -45.09
C ALA B 362 -25.72 3.19 -43.61
N ALA B 363 -24.50 3.59 -43.29
CA ALA B 363 -24.09 3.84 -41.91
C ALA B 363 -24.53 5.22 -41.45
N ASP B 364 -24.83 5.34 -40.16
CA ASP B 364 -25.19 6.60 -39.55
C ASP B 364 -23.97 7.23 -38.86
N LEU B 365 -23.62 8.44 -39.28
CA LEU B 365 -22.40 9.09 -38.81
C LEU B 365 -22.41 9.49 -37.33
N LYS B 366 -23.35 10.35 -36.97
CA LYS B 366 -23.29 11.00 -35.67
C LYS B 366 -23.44 10.03 -34.50
N SER B 367 -24.19 8.95 -34.69
CA SER B 367 -24.30 7.93 -33.65
C SER B 367 -22.98 7.18 -33.50
N THR B 368 -22.39 6.80 -34.63
CA THR B 368 -21.10 6.11 -34.67
C THR B 368 -20.01 6.95 -34.00
N GLN B 369 -20.00 8.24 -34.32
CA GLN B 369 -19.00 9.15 -33.77
C GLN B 369 -19.15 9.33 -32.27
N ALA B 370 -20.38 9.52 -31.81
CA ALA B 370 -20.67 9.72 -30.40
C ALA B 370 -20.15 8.56 -29.55
N ALA B 371 -20.31 7.33 -30.06
CA ALA B 371 -19.85 6.15 -29.34
C ALA B 371 -18.33 6.09 -29.29
N ILE B 372 -17.68 6.39 -30.42
CA ILE B 372 -16.24 6.37 -30.52
C ILE B 372 -15.59 7.43 -29.61
N ASP B 373 -16.22 8.59 -29.50
CA ASP B 373 -15.71 9.65 -28.63
C ASP B 373 -15.70 9.27 -27.16
N GLN B 374 -16.65 8.41 -26.77
CA GLN B 374 -16.76 7.99 -25.36
C GLN B 374 -15.89 6.77 -25.08
N ILE B 375 -15.33 6.17 -26.13
CA ILE B 375 -14.53 4.97 -25.99
C ILE B 375 -13.05 5.23 -26.30
N ASN B 376 -12.76 5.98 -27.35
CA ASN B 376 -11.38 6.37 -27.62
C ASN B 376 -10.95 7.23 -26.44
N GLY B 377 -11.87 8.10 -26.00
CA GLY B 377 -11.66 8.95 -24.84
C GLY B 377 -11.14 8.16 -23.65
N LYS B 378 -11.67 6.96 -23.46
CA LYS B 378 -11.27 6.12 -22.34
C LYS B 378 -9.79 5.82 -22.25
N LEU B 379 -9.18 5.41 -23.35
CA LEU B 379 -7.84 4.84 -23.22
C LEU B 379 -6.65 5.75 -23.58
N ASN B 380 -6.85 6.99 -24.02
CA ASN B 380 -5.66 7.85 -24.14
C ASN B 380 -5.26 8.31 -22.71
N ARG B 381 -6.25 8.39 -21.81
CA ARG B 381 -6.04 8.54 -20.39
C ARG B 381 -6.56 7.30 -19.63
N LEU B 382 -6.74 6.18 -20.31
CA LEU B 382 -6.62 4.94 -19.57
C LEU B 382 -5.09 4.76 -19.33
N ILE B 383 -4.24 5.08 -20.31
CA ILE B 383 -2.79 5.02 -20.07
C ILE B 383 -2.34 6.44 -20.15
N GLU B 384 -1.88 6.93 -19.03
CA GLU B 384 -2.08 8.32 -18.69
C GLU B 384 -0.80 8.96 -18.27
N LYS B 385 -0.34 8.51 -17.12
CA LYS B 385 0.55 9.29 -16.29
C LYS B 385 2.00 8.93 -16.50
N THR B 386 2.49 8.00 -15.71
CA THR B 386 3.90 7.67 -15.81
C THR B 386 4.34 6.37 -15.17
N ASN B 387 4.21 6.24 -13.85
CA ASN B 387 5.17 5.34 -13.19
C ASN B 387 6.64 5.54 -13.56
N ASP B 388 7.12 6.76 -13.36
CA ASP B 388 8.52 7.12 -13.51
C ASP B 388 9.25 6.94 -12.17
N LYS B 389 9.86 5.77 -11.96
CA LYS B 389 10.50 5.42 -10.69
C LYS B 389 11.93 4.96 -10.89
N TYR B 390 12.85 5.48 -10.07
CA TYR B 390 14.23 5.05 -10.19
C TYR B 390 14.67 4.29 -8.94
N HIS B 391 15.25 4.96 -7.94
CA HIS B 391 15.73 4.19 -6.79
C HIS B 391 14.55 3.77 -5.90
N GLN B 392 14.42 2.47 -5.70
CA GLN B 392 13.26 1.92 -5.02
C GLN B 392 13.74 1.11 -3.82
N ILE B 393 13.47 -0.20 -3.83
CA ILE B 393 14.04 -1.11 -2.83
C ILE B 393 14.45 -2.38 -3.54
N GLU B 394 15.23 -3.19 -2.86
CA GLU B 394 15.56 -4.53 -3.33
C GLU B 394 14.35 -5.43 -3.23
N LYS B 395 14.24 -6.33 -4.19
CA LYS B 395 13.03 -7.13 -4.30
C LYS B 395 13.34 -8.62 -4.46
N GLU B 396 14.61 -8.96 -4.64
CA GLU B 396 15.04 -10.37 -4.67
C GLU B 396 16.22 -10.58 -3.73
N PHE B 397 16.24 -11.72 -3.04
CA PHE B 397 17.23 -11.98 -2.00
C PHE B 397 17.78 -13.40 -2.11
N GLU B 398 19.10 -13.54 -1.97
CA GLU B 398 19.77 -14.85 -1.99
C GLU B 398 19.26 -15.77 -0.88
N GLN B 399 19.32 -15.25 0.33
CA GLN B 399 19.06 -16.03 1.54
C GLN B 399 18.19 -15.20 2.47
N VAL B 400 17.42 -15.85 3.35
CA VAL B 400 16.64 -15.11 4.34
C VAL B 400 17.57 -14.38 5.29
N GLU B 401 17.15 -13.22 5.78
CA GLU B 401 17.93 -12.43 6.73
C GLU B 401 17.15 -12.12 8.01
N GLY B 402 15.83 -12.22 7.94
CA GLY B 402 15.02 -11.95 9.10
C GLY B 402 14.25 -10.65 8.95
N ARG B 403 14.25 -9.84 10.01
CA ARG B 403 13.22 -8.80 10.19
C ARG B 403 13.12 -7.75 9.06
N ILE B 404 14.25 -7.20 8.63
CA ILE B 404 14.19 -6.14 7.61
C ILE B 404 13.77 -6.69 6.27
N GLN B 405 14.28 -7.87 5.91
CA GLN B 405 13.95 -8.48 4.63
C GLN B 405 12.47 -8.87 4.59
N ASP B 406 11.96 -9.36 5.72
CA ASP B 406 10.54 -9.68 5.83
C ASP B 406 9.68 -8.47 5.48
N LEU B 407 10.06 -7.32 5.99
CA LEU B 407 9.31 -6.08 5.80
C LEU B 407 9.41 -5.62 4.34
N GLU B 408 10.61 -5.70 3.78
CA GLU B 408 10.80 -5.37 2.36
C GLU B 408 9.89 -6.20 1.44
N LYS B 409 9.86 -7.51 1.68
CA LYS B 409 9.04 -8.43 0.90
C LYS B 409 7.55 -8.21 1.10
N TYR B 410 7.15 -7.99 2.35
CA TYR B 410 5.73 -7.71 2.67
C TYR B 410 5.28 -6.40 2.03
N VAL B 411 6.13 -5.38 2.10
CA VAL B 411 5.79 -4.12 1.45
C VAL B 411 5.56 -4.28 -0.06
N GLU B 412 6.45 -5.04 -0.73
CA GLU B 412 6.30 -5.22 -2.18
C GLU B 412 5.08 -6.10 -2.52
N ASP B 413 4.88 -7.19 -1.79
CA ASP B 413 3.71 -8.06 -1.98
C ASP B 413 2.39 -7.30 -1.80
N THR B 414 2.35 -6.45 -0.79
CA THR B 414 1.17 -5.64 -0.49
C THR B 414 0.88 -4.70 -1.65
N LYS B 415 1.95 -4.06 -2.13
CA LYS B 415 1.85 -3.14 -3.26
C LYS B 415 1.30 -3.83 -4.51
N ILE B 416 1.86 -4.99 -4.82
CA ILE B 416 1.48 -5.72 -6.01
C ILE B 416 0.01 -6.19 -5.96
N ASP B 417 -0.44 -6.65 -4.79
CA ASP B 417 -1.82 -7.08 -4.66
C ASP B 417 -2.80 -5.92 -4.84
N LEU B 418 -2.45 -4.76 -4.28
CA LEU B 418 -3.31 -3.59 -4.46
C LEU B 418 -3.36 -3.09 -5.91
N TRP B 419 -2.23 -3.12 -6.62
CA TRP B 419 -2.26 -2.69 -8.01
C TRP B 419 -2.93 -3.74 -8.88
N SER B 420 -2.74 -5.01 -8.57
CA SER B 420 -3.41 -6.08 -9.32
C SER B 420 -4.93 -5.96 -9.15
N TYR B 421 -5.38 -5.66 -7.94
CA TYR B 421 -6.81 -5.38 -7.72
C TYR B 421 -7.30 -4.15 -8.49
N ASN B 422 -6.54 -3.07 -8.43
CA ASN B 422 -6.89 -1.85 -9.18
C ASN B 422 -7.06 -2.12 -10.68
N ALA B 423 -6.17 -2.90 -11.27
CA ALA B 423 -6.23 -3.21 -12.69
C ALA B 423 -7.47 -4.02 -13.04
N GLU B 424 -7.74 -5.04 -12.22
CA GLU B 424 -8.90 -5.91 -12.43
C GLU B 424 -10.20 -5.12 -12.38
N LEU B 425 -10.35 -4.31 -11.33
CA LEU B 425 -11.56 -3.50 -11.19
C LEU B 425 -11.69 -2.47 -12.31
N LEU B 426 -10.59 -1.80 -12.63
CA LEU B 426 -10.59 -0.77 -13.66
C LEU B 426 -11.11 -1.29 -15.00
N VAL B 427 -10.64 -2.47 -15.40
CA VAL B 427 -11.03 -3.02 -16.68
C VAL B 427 -12.48 -3.47 -16.67
N ALA B 428 -12.92 -4.04 -15.55
CA ALA B 428 -14.31 -4.45 -15.41
C ALA B 428 -15.27 -3.27 -15.45
N LEU B 429 -14.91 -2.19 -14.75
CA LEU B 429 -15.71 -0.97 -14.73
C LEU B 429 -15.75 -0.29 -16.09
N GLU B 430 -14.59 -0.18 -16.71
CA GLU B 430 -14.49 0.47 -18.01
C GLU B 430 -15.28 -0.31 -19.07
N ASN B 431 -15.12 -1.63 -19.07
CA ASN B 431 -15.81 -2.48 -20.02
C ASN B 431 -17.33 -2.42 -19.85
N GLN B 432 -17.80 -2.38 -18.60
CA GLN B 432 -19.23 -2.23 -18.32
C GLN B 432 -19.75 -0.91 -18.90
N HIS B 433 -19.03 0.17 -18.65
CA HIS B 433 -19.38 1.47 -19.20
C HIS B 433 -19.33 1.49 -20.73
N THR B 434 -18.36 0.80 -21.31
CA THR B 434 -18.26 0.72 -22.78
C THR B 434 -19.50 0.07 -23.39
N ILE B 435 -19.88 -1.09 -22.84
CA ILE B 435 -21.06 -1.82 -23.30
C ILE B 435 -22.35 -1.04 -23.08
N ASP B 436 -22.45 -0.35 -21.94
CA ASP B 436 -23.61 0.48 -21.63
C ASP B 436 -23.71 1.64 -22.61
N VAL B 437 -22.58 2.28 -22.89
CA VAL B 437 -22.56 3.40 -23.84
C VAL B 437 -23.00 2.96 -25.24
N THR B 438 -22.48 1.83 -25.71
CA THR B 438 -22.81 1.39 -27.06
C THR B 438 -24.23 0.85 -27.19
N ASP B 439 -24.73 0.22 -26.13
CA ASP B 439 -26.15 -0.14 -26.05
C ASP B 439 -26.99 1.13 -26.09
N SER B 440 -26.58 2.12 -25.31
CA SER B 440 -27.29 3.39 -25.19
C SER B 440 -27.41 4.13 -26.52
N GLU B 441 -26.33 4.15 -27.31
CA GLU B 441 -26.32 4.89 -28.56
C GLU B 441 -27.17 4.21 -29.63
N MET B 442 -27.26 2.88 -29.55
CA MET B 442 -28.16 2.13 -30.43
C MET B 442 -29.60 2.56 -30.17
N ASN B 443 -29.98 2.57 -28.89
CA ASN B 443 -31.32 2.96 -28.48
C ASN B 443 -31.63 4.41 -28.85
N LYS B 444 -30.67 5.29 -28.61
CA LYS B 444 -30.84 6.70 -28.96
C LYS B 444 -31.10 6.85 -30.45
N LEU B 445 -30.43 6.05 -31.26
CA LEU B 445 -30.62 6.09 -32.71
C LEU B 445 -32.05 5.72 -33.08
N PHE B 446 -32.50 4.58 -32.56
CA PHE B 446 -33.85 4.09 -32.80
C PHE B 446 -34.91 5.09 -32.36
N GLU B 447 -34.67 5.76 -31.24
CA GLU B 447 -35.61 6.75 -30.73
C GLU B 447 -35.58 8.02 -31.57
N ARG B 448 -34.44 8.32 -32.18
CA ARG B 448 -34.34 9.49 -33.05
C ARG B 448 -35.28 9.35 -34.24
N VAL B 449 -35.23 8.19 -34.87
CA VAL B 449 -36.05 7.90 -36.03
C VAL B 449 -37.53 7.88 -35.67
N ARG B 450 -37.86 7.24 -34.56
CA ARG B 450 -39.24 7.17 -34.08
C ARG B 450 -39.84 8.55 -33.93
N ARG B 451 -39.03 9.48 -33.43
CA ARG B 451 -39.47 10.85 -33.21
C ARG B 451 -39.67 11.59 -34.54
N GLN B 452 -39.02 11.09 -35.59
CA GLN B 452 -39.17 11.66 -36.92
C GLN B 452 -40.46 11.18 -37.59
N LEU B 453 -40.74 9.88 -37.44
CA LEU B 453 -41.82 9.24 -38.18
C LEU B 453 -43.18 9.71 -37.63
N ARG B 454 -43.26 9.97 -36.33
CA ARG B 454 -44.51 10.31 -35.65
C ARG B 454 -45.52 9.20 -35.95
N GLU B 455 -46.69 9.60 -36.44
CA GLU B 455 -47.80 8.66 -36.64
C GLU B 455 -47.78 8.00 -38.02
N ASN B 456 -46.66 8.13 -38.73
CA ASN B 456 -46.56 7.58 -40.08
C ASN B 456 -46.01 6.17 -40.14
N ALA B 457 -45.70 5.61 -38.98
CA ALA B 457 -45.12 4.27 -38.93
C ALA B 457 -45.37 3.61 -37.58
N GLU B 458 -45.13 2.30 -37.52
CA GLU B 458 -45.29 1.56 -36.29
C GLU B 458 -44.05 0.70 -36.00
N ASP B 459 -43.74 0.56 -34.71
CA ASP B 459 -42.63 -0.28 -34.25
C ASP B 459 -42.98 -1.76 -34.48
N LYS B 460 -42.25 -2.40 -35.39
CA LYS B 460 -42.48 -3.81 -35.67
C LYS B 460 -42.00 -4.72 -34.56
N GLY B 461 -41.18 -4.17 -33.66
CA GLY B 461 -40.74 -4.90 -32.48
C GLY B 461 -39.36 -5.51 -32.63
N ASN B 462 -38.82 -5.48 -33.84
CA ASN B 462 -37.53 -6.09 -34.13
C ASN B 462 -36.46 -5.08 -34.52
N GLY B 463 -36.61 -3.85 -34.04
CA GLY B 463 -35.67 -2.79 -34.37
C GLY B 463 -35.99 -2.15 -35.70
N CYS B 464 -37.17 -2.47 -36.24
CA CYS B 464 -37.60 -1.93 -37.51
C CYS B 464 -38.91 -1.18 -37.39
N PHE B 465 -39.10 -0.22 -38.28
CA PHE B 465 -40.39 0.45 -38.42
C PHE B 465 -41.07 0.04 -39.72
N GLU B 466 -42.34 -0.32 -39.62
CA GLU B 466 -43.16 -0.49 -40.82
C GLU B 466 -43.73 0.87 -41.19
N ILE B 467 -43.23 1.43 -42.28
CA ILE B 467 -43.68 2.73 -42.76
C ILE B 467 -44.97 2.58 -43.55
N PHE B 468 -46.03 3.26 -43.12
CA PHE B 468 -47.34 3.07 -43.72
C PHE B 468 -47.62 4.00 -44.89
N HIS B 469 -46.64 4.13 -45.78
CA HIS B 469 -46.83 4.94 -46.98
C HIS B 469 -45.79 4.60 -48.04
N LYS B 470 -46.03 5.08 -49.27
CA LYS B 470 -45.04 4.98 -50.32
C LYS B 470 -43.81 5.79 -49.92
N CYS B 471 -42.66 5.15 -49.89
CA CYS B 471 -41.43 5.80 -49.48
C CYS B 471 -40.32 5.46 -50.45
N ASP B 472 -39.87 6.40 -51.27
CA ASP B 472 -38.83 6.05 -52.24
C ASP B 472 -37.43 6.28 -51.64
N ASN B 473 -36.38 6.08 -52.44
CA ASN B 473 -35.01 6.14 -51.95
C ASN B 473 -34.54 7.48 -51.47
N ASN B 474 -35.17 8.55 -51.94
CA ASN B 474 -34.87 9.84 -51.37
C ASN B 474 -35.96 10.35 -50.45
N CYS B 475 -36.90 9.45 -50.20
CA CYS B 475 -37.69 9.44 -48.96
C CYS B 475 -36.89 8.74 -47.86
N ILE B 476 -36.30 7.58 -48.17
CA ILE B 476 -35.42 6.87 -47.24
C ILE B 476 -34.24 7.73 -46.82
N GLU B 477 -33.54 8.29 -47.80
CA GLU B 477 -32.43 9.20 -47.52
C GLU B 477 -32.90 10.33 -46.62
N SER B 478 -34.07 10.88 -46.91
CA SER B 478 -34.63 12.00 -46.14
C SER B 478 -34.71 11.68 -44.64
N ILE B 479 -35.01 10.42 -44.33
CA ILE B 479 -35.05 9.97 -42.94
C ILE B 479 -33.63 9.92 -42.36
N ARG B 480 -32.68 9.45 -43.15
CA ARG B 480 -31.33 9.22 -42.69
C ARG B 480 -30.54 10.50 -42.39
N ASN B 481 -30.80 11.58 -43.13
CA ASN B 481 -30.09 12.82 -42.85
C ASN B 481 -31.00 13.82 -42.14
N GLY B 482 -32.11 13.33 -41.61
CA GLY B 482 -32.97 14.10 -40.73
C GLY B 482 -33.83 15.17 -41.39
N THR B 483 -34.05 15.04 -42.69
CA THR B 483 -34.83 16.04 -43.41
C THR B 483 -36.31 15.66 -43.47
N TYR B 484 -36.59 14.37 -43.27
CA TYR B 484 -37.94 13.81 -43.39
C TYR B 484 -39.02 14.62 -42.66
N ASP B 485 -39.96 15.18 -43.42
CA ASP B 485 -41.10 15.90 -42.85
C ASP B 485 -42.31 14.97 -42.79
N HIS B 486 -42.82 14.77 -41.57
CA HIS B 486 -43.82 13.74 -41.33
C HIS B 486 -45.23 14.09 -41.84
N ASP B 487 -45.59 15.37 -41.86
CA ASP B 487 -46.96 15.71 -42.23
C ASP B 487 -47.18 15.71 -43.75
N ILE B 488 -46.09 15.59 -44.51
CA ILE B 488 -46.18 15.42 -45.97
C ILE B 488 -46.91 14.13 -46.29
N TYR B 489 -46.62 13.09 -45.51
CA TYR B 489 -47.18 11.76 -45.76
C TYR B 489 -48.22 11.35 -44.72
N ARG B 490 -48.54 12.26 -43.80
CA ARG B 490 -49.28 11.89 -42.59
C ARG B 490 -50.61 11.18 -42.83
N ASP B 491 -51.49 11.81 -43.62
CA ASP B 491 -52.86 11.33 -43.86
C ASP B 491 -52.92 10.15 -44.81
N GLU B 492 -51.92 10.01 -45.68
CA GLU B 492 -51.74 8.78 -46.44
C GLU B 492 -51.51 7.65 -45.46
N ALA B 493 -50.63 7.92 -44.50
CA ALA B 493 -50.24 6.95 -43.49
C ALA B 493 -51.37 6.63 -42.52
N ILE B 494 -52.02 7.67 -41.99
CA ILE B 494 -53.11 7.51 -41.03
C ILE B 494 -54.19 6.61 -41.63
N ASN B 495 -54.53 6.90 -42.88
CA ASN B 495 -55.46 6.06 -43.61
C ASN B 495 -54.99 4.60 -43.70
N ASN B 496 -53.75 4.23 -44.08
CA ASN B 496 -53.58 2.77 -44.23
C ASN B 496 -53.37 2.15 -42.84
N ARG B 497 -53.04 2.95 -41.83
CA ARG B 497 -52.81 2.35 -40.51
C ARG B 497 -54.10 1.80 -39.94
N PHE B 498 -55.15 2.59 -39.97
CA PHE B 498 -56.37 2.27 -39.24
C PHE B 498 -57.58 1.91 -40.12
N GLN B 499 -57.45 2.08 -41.43
CA GLN B 499 -58.50 1.64 -42.35
C GLN B 499 -57.91 0.91 -43.55
N GLY C 5 -62.06 -2.93 -25.19
CA GLY C 5 -61.42 -1.94 -24.34
C GLY C 5 -61.66 -2.22 -22.88
N ASN C 6 -61.40 -3.45 -22.46
CA ASN C 6 -61.72 -3.86 -21.09
C ASN C 6 -60.66 -4.73 -20.40
N PRO C 7 -60.11 -5.75 -21.08
CA PRO C 7 -59.11 -6.55 -20.35
C PRO C 7 -57.77 -5.82 -20.14
N VAL C 8 -57.07 -6.21 -19.08
CA VAL C 8 -55.83 -5.54 -18.68
C VAL C 8 -54.73 -6.56 -18.40
N ILE C 9 -53.52 -6.29 -18.85
CA ILE C 9 -52.35 -7.08 -18.46
C ILE C 9 -51.30 -6.18 -17.79
N CYS C 10 -50.80 -6.64 -16.65
CA CYS C 10 -49.87 -5.83 -15.85
C CYS C 10 -48.51 -6.51 -15.67
N MET C 11 -47.46 -5.70 -15.84
CA MET C 11 -46.08 -6.12 -15.67
C MET C 11 -45.53 -5.68 -14.32
N GLY C 12 -44.95 -6.61 -13.55
CA GLY C 12 -44.43 -6.27 -12.24
C GLY C 12 -43.25 -7.11 -11.80
N HIS C 13 -42.83 -6.91 -10.56
CA HIS C 13 -41.69 -7.64 -9.99
C HIS C 13 -42.00 -8.02 -8.56
N HIS C 14 -41.24 -8.96 -7.99
CA HIS C 14 -41.59 -9.43 -6.65
C HIS C 14 -41.22 -8.42 -5.58
N ALA C 15 -41.55 -8.75 -4.33
CA ALA C 15 -41.24 -7.90 -3.18
C ALA C 15 -41.45 -8.71 -1.92
N VAL C 16 -40.97 -8.19 -0.80
CA VAL C 16 -41.10 -8.86 0.49
C VAL C 16 -41.43 -7.83 1.55
N ALA C 17 -41.92 -8.28 2.71
CA ALA C 17 -42.35 -7.39 3.77
C ALA C 17 -41.15 -6.73 4.44
N ASN C 18 -40.11 -7.53 4.67
CA ASN C 18 -38.89 -7.05 5.31
C ASN C 18 -37.71 -7.20 4.37
N GLY C 19 -37.19 -6.09 3.86
CA GLY C 19 -36.01 -6.15 3.01
C GLY C 19 -34.74 -5.87 3.79
N THR C 20 -33.63 -5.68 3.08
CA THR C 20 -32.36 -5.35 3.73
C THR C 20 -31.82 -4.02 3.19
N MET C 21 -31.32 -3.17 4.08
CA MET C 21 -30.72 -1.91 3.64
C MET C 21 -29.30 -2.12 3.12
N VAL C 22 -29.01 -1.62 1.92
CA VAL C 22 -27.64 -1.63 1.41
C VAL C 22 -27.24 -0.23 0.99
N LYS C 23 -25.96 -0.10 0.63
CA LYS C 23 -25.35 1.17 0.27
C LYS C 23 -25.10 1.21 -1.24
N THR C 24 -25.31 2.38 -1.85
CA THR C 24 -24.96 2.58 -3.25
C THR C 24 -24.15 3.85 -3.39
N LEU C 25 -23.90 4.24 -4.64
CA LEU C 25 -23.28 5.53 -4.91
C LEU C 25 -24.22 6.66 -4.52
N ALA C 26 -25.52 6.44 -4.72
CA ALA C 26 -26.55 7.43 -4.39
C ALA C 26 -26.93 7.40 -2.90
N ASP C 27 -27.76 6.42 -2.53
CA ASP C 27 -28.34 6.35 -1.18
C ASP C 27 -27.41 5.73 -0.14
N ASP C 28 -27.53 6.19 1.11
CA ASP C 28 -26.89 5.53 2.24
C ASP C 28 -27.60 4.24 2.52
N GLN C 29 -28.91 4.26 2.27
CA GLN C 29 -29.76 3.12 2.57
C GLN C 29 -30.77 2.94 1.44
N VAL C 30 -30.59 1.85 0.69
CA VAL C 30 -31.61 1.39 -0.25
C VAL C 30 -32.07 0.03 0.23
N GLU C 31 -33.37 -0.15 0.37
CA GLU C 31 -33.88 -1.46 0.75
C GLU C 31 -33.93 -2.38 -0.47
N VAL C 32 -33.35 -3.57 -0.34
CA VAL C 32 -33.41 -4.54 -1.43
C VAL C 32 -34.00 -5.85 -0.94
N VAL C 33 -34.42 -6.71 -1.88
CA VAL C 33 -35.13 -7.92 -1.52
C VAL C 33 -34.24 -8.90 -0.76
N THR C 34 -33.01 -9.09 -1.23
CA THR C 34 -32.04 -9.97 -0.60
C THR C 34 -30.65 -9.33 -0.65
N ALA C 35 -29.80 -9.69 0.31
CA ALA C 35 -28.41 -9.20 0.33
C ALA C 35 -27.48 -10.21 0.96
N GLN C 36 -26.19 -9.95 0.88
CA GLN C 36 -25.25 -10.92 1.39
C GLN C 36 -24.14 -10.19 2.22
N GLU C 37 -23.82 -10.68 3.41
CA GLU C 37 -22.80 -10.04 4.27
C GLU C 37 -21.42 -10.40 3.72
N LEU C 38 -20.58 -9.40 3.47
CA LEU C 38 -19.26 -9.66 2.90
C LEU C 38 -18.12 -9.63 3.93
N VAL C 39 -18.42 -9.14 5.14
CA VAL C 39 -17.41 -9.11 6.19
C VAL C 39 -17.67 -10.23 7.19
N GLU C 40 -16.71 -11.14 7.31
CA GLU C 40 -16.75 -12.18 8.33
C GLU C 40 -16.42 -11.59 9.70
N SER C 41 -17.36 -11.68 10.62
CA SER C 41 -17.18 -11.11 11.94
C SER C 41 -17.33 -12.16 13.01
N GLN C 42 -17.38 -13.43 12.59
CA GLN C 42 -17.39 -14.54 13.53
C GLN C 42 -16.10 -15.36 13.38
N ASN C 43 -15.58 -15.88 14.48
CA ASN C 43 -14.43 -16.79 14.41
C ASN C 43 -14.70 -18.05 15.22
N LEU C 44 -13.92 -19.09 14.96
CA LEU C 44 -13.95 -20.28 15.76
C LEU C 44 -13.14 -20.04 17.03
N PRO C 45 -13.52 -20.72 18.13
CA PRO C 45 -12.81 -20.59 19.40
C PRO C 45 -11.54 -21.42 19.46
N GLU C 46 -11.10 -21.96 18.33
CA GLU C 46 -9.95 -22.85 18.31
C GLU C 46 -9.22 -22.70 17.00
N LEU C 47 -8.02 -23.28 16.93
CA LEU C 47 -7.28 -23.38 15.67
C LEU C 47 -7.49 -24.76 15.06
N CYS C 48 -7.75 -24.81 13.76
CA CYS C 48 -7.96 -26.09 13.08
C CYS C 48 -6.64 -26.69 12.57
N PRO C 49 -6.34 -27.93 13.00
CA PRO C 49 -5.08 -28.62 12.66
C PRO C 49 -5.09 -29.30 11.27
N SER C 50 -6.10 -28.99 10.48
CA SER C 50 -6.20 -29.48 9.11
C SER C 50 -6.82 -28.38 8.24
N PRO C 51 -6.38 -28.23 6.97
CA PRO C 51 -5.41 -29.02 6.22
C PRO C 51 -3.97 -28.55 6.39
N LEU C 52 -3.72 -27.44 7.08
CA LEU C 52 -2.34 -26.99 7.26
C LEU C 52 -1.70 -27.74 8.41
N ARG C 53 -0.37 -27.85 8.40
CA ARG C 53 0.37 -28.49 9.50
C ARG C 53 0.68 -27.50 10.62
N LEU C 54 0.00 -27.64 11.75
CA LEU C 54 0.28 -26.78 12.90
C LEU C 54 1.13 -27.55 13.90
N VAL C 55 2.14 -26.88 14.43
CA VAL C 55 2.95 -27.46 15.51
C VAL C 55 2.85 -26.56 16.74
N ASP C 56 2.46 -27.15 17.87
CA ASP C 56 2.24 -26.38 19.09
C ASP C 56 3.52 -26.39 19.91
N GLY C 57 4.11 -25.21 20.12
CA GLY C 57 5.31 -25.11 20.91
C GLY C 57 5.06 -25.41 22.38
N GLN C 58 3.80 -25.31 22.81
CA GLN C 58 3.44 -25.51 24.22
C GLN C 58 4.27 -24.59 25.12
N THR C 59 4.98 -25.14 26.11
CA THR C 59 5.80 -24.32 27.02
C THR C 59 7.06 -23.74 26.37
N CYS C 60 7.32 -24.15 25.13
CA CYS C 60 8.59 -23.85 24.50
C CYS C 60 8.41 -22.86 23.34
N ASP C 61 9.02 -21.68 23.41
CA ASP C 61 8.94 -20.82 22.23
C ASP C 61 9.97 -21.28 21.20
N ILE C 62 9.88 -20.74 19.99
CA ILE C 62 10.61 -21.32 18.88
C ILE C 62 12.12 -21.19 19.07
N ILE C 63 12.58 -20.10 19.69
CA ILE C 63 14.00 -19.94 19.96
C ILE C 63 14.49 -21.01 20.94
N ASN C 64 13.75 -21.21 22.03
CA ASN C 64 14.10 -22.27 22.99
C ASN C 64 14.03 -23.66 22.34
N GLY C 65 13.05 -23.86 21.46
CA GLY C 65 12.97 -25.08 20.67
C GLY C 65 14.23 -25.32 19.85
N ALA C 66 14.71 -24.30 19.17
CA ALA C 66 15.91 -24.47 18.34
C ALA C 66 17.14 -24.75 19.19
N LEU C 67 17.23 -24.11 20.35
CA LEU C 67 18.38 -24.32 21.25
C LEU C 67 18.36 -25.72 21.88
N GLY C 68 17.17 -26.29 22.04
CA GLY C 68 17.00 -27.56 22.73
C GLY C 68 16.89 -27.44 24.25
N SER C 69 16.11 -26.47 24.72
CA SER C 69 15.92 -26.28 26.16
C SER C 69 15.03 -27.40 26.69
N PRO C 70 15.15 -27.70 28.00
CA PRO C 70 14.27 -28.69 28.62
C PRO C 70 12.81 -28.37 28.39
N GLY C 71 12.02 -29.39 28.06
CA GLY C 71 10.61 -29.20 27.80
C GLY C 71 10.33 -28.94 26.34
N CYS C 72 11.36 -28.94 25.50
CA CYS C 72 11.17 -28.70 24.06
C CYS C 72 11.33 -29.99 23.22
N ASP C 73 11.48 -31.14 23.87
CA ASP C 73 11.71 -32.41 23.15
C ASP C 73 10.65 -32.75 22.10
N HIS C 74 9.43 -32.31 22.33
CA HIS C 74 8.34 -32.63 21.41
C HIS C 74 8.53 -31.97 20.04
N LEU C 75 9.41 -30.97 19.98
CA LEU C 75 9.69 -30.25 18.73
C LEU C 75 10.81 -30.87 17.90
N ASN C 76 11.50 -31.86 18.46
CA ASN C 76 12.59 -32.53 17.73
C ASN C 76 12.05 -33.20 16.48
N GLY C 77 12.56 -32.78 15.31
CA GLY C 77 12.10 -33.32 14.04
C GLY C 77 10.80 -32.70 13.53
N ALA C 78 10.27 -31.70 14.24
CA ALA C 78 8.96 -31.14 13.84
C ALA C 78 9.05 -30.42 12.48
N GLU C 79 7.95 -30.43 11.75
CA GLU C 79 7.80 -29.69 10.50
C GLU C 79 6.45 -28.99 10.53
N TRP C 80 6.41 -27.74 10.09
CA TRP C 80 5.15 -26.99 10.19
C TRP C 80 4.93 -26.08 9.00
N ASP C 81 3.65 -25.81 8.72
CA ASP C 81 3.26 -24.65 7.94
C ASP C 81 3.17 -23.46 8.88
N VAL C 82 2.56 -23.67 10.04
CA VAL C 82 2.46 -22.63 11.05
C VAL C 82 2.90 -23.15 12.42
N PHE C 83 3.90 -22.49 13.00
CA PHE C 83 4.33 -22.77 14.37
C PHE C 83 3.44 -21.98 15.33
N ILE C 84 2.79 -22.67 16.27
CA ILE C 84 1.96 -22.00 17.26
C ILE C 84 2.76 -21.74 18.53
N GLU C 85 3.10 -20.47 18.73
CA GLU C 85 3.93 -20.06 19.85
C GLU C 85 3.05 -19.50 20.97
N ARG C 86 3.28 -19.96 22.20
CA ARG C 86 2.37 -19.64 23.31
C ARG C 86 2.84 -18.47 24.16
N PRO C 87 1.93 -17.51 24.43
CA PRO C 87 2.30 -16.40 25.31
C PRO C 87 2.74 -16.87 26.71
N ASN C 88 2.27 -18.02 27.18
CA ASN C 88 2.74 -18.49 28.48
C ASN C 88 4.00 -19.35 28.41
N ALA C 89 4.67 -19.34 27.25
CA ALA C 89 5.98 -20.03 27.15
C ALA C 89 6.91 -19.49 28.20
N VAL C 90 7.75 -20.36 28.76
CA VAL C 90 8.68 -19.98 29.83
C VAL C 90 10.10 -20.45 29.52
N ASP C 91 11.09 -19.70 29.99
CA ASP C 91 12.49 -20.12 29.93
C ASP C 91 12.74 -21.28 30.90
N THR C 92 13.46 -22.29 30.45
CA THR C 92 13.71 -23.46 31.29
C THR C 92 15.19 -23.79 31.41
N CYS C 93 16.05 -22.89 30.95
CA CYS C 93 17.46 -23.23 30.83
C CYS C 93 18.34 -22.04 31.26
N TYR C 94 19.59 -22.01 30.81
CA TYR C 94 20.50 -20.94 31.22
C TYR C 94 19.99 -19.61 30.68
N PRO C 95 19.99 -18.56 31.51
CA PRO C 95 19.56 -17.24 31.01
C PRO C 95 20.44 -16.79 29.86
N PHE C 96 19.79 -16.30 28.81
CA PHE C 96 20.49 -15.97 27.59
C PHE C 96 19.82 -14.78 26.93
N ASP C 97 20.52 -14.21 25.96
CA ASP C 97 19.91 -13.28 25.03
C ASP C 97 20.35 -13.63 23.62
N VAL C 98 19.67 -13.03 22.65
CA VAL C 98 20.03 -13.21 21.25
C VAL C 98 20.08 -11.83 20.60
N PRO C 99 21.29 -11.33 20.31
CA PRO C 99 21.30 -10.13 19.45
C PRO C 99 20.51 -10.42 18.17
N GLU C 100 19.64 -9.51 17.78
CA GLU C 100 18.79 -9.71 16.60
C GLU C 100 17.87 -10.92 16.78
N TYR C 101 17.37 -11.09 18.00
CA TYR C 101 16.38 -12.11 18.35
C TYR C 101 15.28 -12.28 17.30
N GLN C 102 14.68 -11.16 16.89
CA GLN C 102 13.51 -11.19 16.03
C GLN C 102 13.84 -11.82 14.67
N SER C 103 15.05 -11.57 14.21
CA SER C 103 15.48 -12.10 12.91
C SER C 103 15.77 -13.60 12.97
N LEU C 104 16.36 -14.08 14.07
CA LEU C 104 16.57 -15.55 14.21
C LEU C 104 15.22 -16.24 14.29
N ARG C 105 14.32 -15.68 15.09
CA ARG C 105 12.96 -16.21 15.20
C ARG C 105 12.27 -16.28 13.82
N SER C 106 12.37 -15.19 13.06
CA SER C 106 11.76 -15.16 11.72
C SER C 106 12.33 -16.25 10.82
N ILE C 107 13.65 -16.39 10.82
CA ILE C 107 14.33 -17.39 10.00
C ILE C 107 13.92 -18.81 10.39
N LEU C 108 13.90 -19.10 11.70
CA LEU C 108 13.46 -20.41 12.17
C LEU C 108 12.00 -20.69 11.80
N ALA C 109 11.11 -19.72 12.03
CA ALA C 109 9.70 -19.86 11.72
C ALA C 109 9.45 -20.10 10.25
N ASN C 110 10.07 -19.25 9.44
CA ASN C 110 9.89 -19.26 7.99
C ASN C 110 10.42 -20.57 7.36
N ASN C 111 11.52 -21.09 7.89
CA ASN C 111 12.14 -22.32 7.40
C ASN C 111 11.18 -23.52 7.51
N GLY C 112 10.52 -23.66 8.65
CA GLY C 112 9.44 -24.62 8.77
C GLY C 112 9.77 -26.02 9.28
N LYS C 113 10.97 -26.23 9.79
CA LYS C 113 11.33 -27.53 10.35
C LYS C 113 12.51 -27.46 11.33
N PHE C 114 12.54 -28.38 12.28
CA PHE C 114 13.71 -28.64 13.10
C PHE C 114 14.32 -29.97 12.67
N GLU C 115 15.14 -29.94 11.63
CA GLU C 115 15.86 -31.14 11.21
C GLU C 115 17.33 -30.96 11.54
N PHE C 116 17.75 -31.47 12.70
CA PHE C 116 19.09 -31.24 13.20
C PHE C 116 20.03 -32.37 12.79
N ILE C 117 21.21 -31.99 12.33
CA ILE C 117 22.19 -32.97 11.92
C ILE C 117 23.41 -32.87 12.82
N ALA C 118 23.61 -33.90 13.62
CA ALA C 118 24.71 -33.90 14.57
C ALA C 118 26.04 -34.00 13.83
N GLU C 119 27.05 -33.32 14.36
CA GLU C 119 28.40 -33.41 13.83
C GLU C 119 29.39 -33.57 14.96
N GLU C 120 30.44 -34.34 14.72
CA GLU C 120 31.57 -34.50 15.62
C GLU C 120 32.52 -33.30 15.54
N PHE C 121 32.65 -32.56 16.63
CA PHE C 121 33.60 -31.47 16.74
C PHE C 121 34.77 -31.84 17.66
N GLN C 122 35.94 -32.09 17.11
CA GLN C 122 37.07 -32.55 17.92
C GLN C 122 37.76 -31.40 18.64
N TRP C 123 37.12 -30.86 19.67
CA TRP C 123 37.71 -29.79 20.45
C TRP C 123 38.98 -30.28 21.15
N ASN C 124 39.95 -29.40 21.29
CA ASN C 124 41.24 -29.83 21.82
C ASN C 124 41.45 -29.48 23.30
N THR C 125 41.70 -30.50 24.10
CA THR C 125 42.12 -30.37 25.50
C THR C 125 41.04 -29.85 26.44
N VAL C 126 40.21 -28.92 25.97
CA VAL C 126 39.17 -28.35 26.81
C VAL C 126 38.17 -29.44 27.22
N LYS C 127 37.51 -29.25 28.36
CA LYS C 127 36.45 -30.17 28.74
C LYS C 127 35.15 -29.77 28.02
N GLN C 128 34.31 -30.76 27.74
CA GLN C 128 33.05 -30.52 27.04
C GLN C 128 31.85 -30.79 27.95
N ASN C 129 30.66 -30.45 27.44
CA ASN C 129 29.40 -30.80 28.10
C ASN C 129 29.20 -30.18 29.46
N GLY C 130 29.58 -28.92 29.62
CA GLY C 130 29.24 -28.18 30.82
C GLY C 130 27.73 -28.21 31.04
N LYS C 131 27.34 -28.25 32.31
CA LYS C 131 25.93 -28.27 32.68
C LYS C 131 25.67 -27.30 33.81
N SER C 132 24.39 -27.07 34.11
CA SER C 132 24.00 -26.03 35.04
C SER C 132 22.73 -26.40 35.79
N GLY C 133 22.62 -25.92 37.03
CA GLY C 133 21.41 -26.09 37.82
C GLY C 133 20.30 -25.20 37.29
N ALA C 134 20.68 -24.23 36.45
CA ALA C 134 19.71 -23.33 35.84
C ALA C 134 18.99 -24.01 34.68
N CYS C 135 19.43 -25.22 34.33
CA CYS C 135 18.90 -25.90 33.16
C CYS C 135 18.75 -27.39 33.41
N LYS C 136 18.00 -27.73 34.44
CA LYS C 136 17.85 -29.13 34.82
C LYS C 136 16.90 -29.87 33.92
N ARG C 137 17.24 -31.14 33.71
CA ARG C 137 16.46 -32.02 32.87
C ARG C 137 16.13 -33.24 33.73
N ALA C 138 14.85 -33.42 34.05
CA ALA C 138 14.41 -34.49 34.95
C ALA C 138 15.22 -34.51 36.25
N ASN C 139 15.35 -33.32 36.85
CA ASN C 139 16.02 -33.13 38.13
C ASN C 139 17.53 -33.35 38.10
N VAL C 140 18.11 -33.40 36.90
CA VAL C 140 19.56 -33.47 36.76
C VAL C 140 20.10 -32.22 36.05
N ASN C 141 21.17 -31.64 36.57
CA ASN C 141 21.83 -30.51 35.94
C ASN C 141 22.16 -30.82 34.48
N ASP C 142 21.79 -29.92 33.58
CA ASP C 142 22.00 -30.18 32.16
C ASP C 142 22.20 -28.86 31.41
N PHE C 143 21.85 -28.85 30.12
CA PHE C 143 22.13 -27.69 29.27
C PHE C 143 21.29 -27.77 28.01
N PHE C 144 21.39 -26.74 27.16
CA PHE C 144 20.73 -26.78 25.85
C PHE C 144 21.27 -27.97 25.07
N ASN C 145 20.42 -28.86 24.58
CA ASN C 145 21.00 -30.08 24.03
C ASN C 145 21.52 -29.94 22.59
N ARG C 146 21.30 -28.79 21.95
CA ARG C 146 21.98 -28.53 20.65
C ARG C 146 23.32 -27.83 20.85
N LEU C 147 23.66 -27.49 22.10
CA LEU C 147 24.87 -26.73 22.38
C LEU C 147 25.81 -27.51 23.29
N ASN C 148 27.09 -27.12 23.25
CA ASN C 148 28.17 -27.80 23.96
C ASN C 148 28.99 -26.79 24.77
N TRP C 149 28.82 -26.76 26.08
CA TRP C 149 29.54 -25.81 26.93
C TRP C 149 30.98 -26.24 27.17
N LEU C 150 31.93 -25.59 26.50
CA LEU C 150 33.36 -25.91 26.64
C LEU C 150 33.99 -25.16 27.81
N VAL C 151 34.78 -25.85 28.61
CA VAL C 151 35.50 -25.23 29.72
C VAL C 151 36.96 -25.73 29.77
N LYS C 152 37.80 -25.06 30.55
CA LYS C 152 39.23 -25.40 30.58
C LYS C 152 39.46 -26.83 31.09
N SER C 153 40.60 -27.42 30.71
CA SER C 153 40.93 -28.77 31.15
C SER C 153 41.13 -28.84 32.66
N ASP C 154 41.15 -30.05 33.21
CA ASP C 154 41.52 -30.24 34.61
C ASP C 154 42.92 -29.69 34.88
N GLY C 155 43.78 -29.73 33.87
CA GLY C 155 45.13 -29.21 33.99
C GLY C 155 45.23 -27.70 33.82
N ASN C 156 44.10 -27.01 33.90
CA ASN C 156 44.05 -25.56 33.81
C ASN C 156 44.58 -25.05 32.47
N ALA C 157 44.14 -25.70 31.39
CA ALA C 157 44.49 -25.26 30.03
C ALA C 157 43.23 -25.04 29.18
N TYR C 158 43.23 -23.92 28.44
CA TYR C 158 42.24 -23.65 27.40
C TYR C 158 43.03 -23.15 26.20
N PRO C 159 43.48 -24.08 25.34
CA PRO C 159 44.27 -23.69 24.17
C PRO C 159 43.40 -23.00 23.11
N LEU C 160 44.03 -22.23 22.22
CA LEU C 160 43.32 -21.61 21.11
C LEU C 160 42.64 -22.69 20.27
N GLN C 161 41.33 -22.57 20.10
CA GLN C 161 40.56 -23.54 19.31
C GLN C 161 40.44 -23.12 17.84
N ASN C 162 40.34 -24.10 16.96
CA ASN C 162 40.51 -23.87 15.53
C ASN C 162 39.96 -25.06 14.74
N LEU C 163 38.65 -25.07 14.53
CA LEU C 163 37.95 -26.16 13.85
C LEU C 163 37.21 -25.69 12.61
N THR C 164 37.19 -26.53 11.58
CA THR C 164 36.60 -26.21 10.29
C THR C 164 35.59 -27.26 9.89
N LYS C 165 34.43 -26.83 9.38
CA LYS C 165 33.44 -27.72 8.78
C LYS C 165 33.12 -27.26 7.36
N ILE C 166 33.21 -28.16 6.40
CA ILE C 166 33.01 -27.81 5.00
C ILE C 166 31.63 -28.26 4.55
N ASN C 167 30.90 -27.37 3.89
CA ASN C 167 29.57 -27.73 3.39
C ASN C 167 29.67 -28.18 1.94
N ASN C 168 29.74 -29.50 1.74
CA ASN C 168 29.81 -30.07 0.42
C ASN C 168 28.50 -30.77 0.10
N GLY C 169 27.44 -30.37 0.78
CA GLY C 169 26.12 -30.94 0.53
C GLY C 169 25.34 -30.02 -0.40
N ASP C 170 24.04 -30.30 -0.55
CA ASP C 170 23.22 -29.52 -1.46
C ASP C 170 22.16 -28.67 -0.72
N TYR C 171 22.34 -28.43 0.57
CA TYR C 171 21.44 -27.52 1.33
C TYR C 171 22.25 -26.56 2.20
N ALA C 172 21.72 -25.36 2.42
CA ALA C 172 22.37 -24.42 3.33
C ALA C 172 22.20 -24.87 4.78
N ARG C 173 23.27 -24.68 5.56
CA ARG C 173 23.31 -25.09 6.96
C ARG C 173 23.18 -23.90 7.89
N LEU C 174 22.42 -24.09 8.96
CA LEU C 174 22.28 -23.10 10.02
C LEU C 174 23.01 -23.58 11.27
N TYR C 175 24.09 -22.89 11.65
CA TYR C 175 24.78 -23.20 12.89
C TYR C 175 24.40 -22.18 13.95
N ILE C 176 24.00 -22.66 15.11
CA ILE C 176 23.73 -21.78 16.25
C ILE C 176 24.79 -21.98 17.34
N TRP C 177 25.35 -20.88 17.81
CA TRP C 177 26.45 -20.94 18.76
C TRP C 177 26.38 -19.74 19.68
N GLY C 178 27.09 -19.80 20.80
CA GLY C 178 26.97 -18.76 21.79
C GLY C 178 28.26 -18.33 22.45
N VAL C 179 28.16 -17.24 23.21
CA VAL C 179 29.29 -16.72 23.95
C VAL C 179 28.86 -16.50 25.40
N HIS C 180 29.57 -17.14 26.32
CA HIS C 180 29.27 -17.00 27.74
C HIS C 180 29.88 -15.72 28.33
N HIS C 181 29.06 -14.97 29.07
CA HIS C 181 29.51 -13.76 29.76
C HIS C 181 29.54 -13.96 31.29
N PRO C 182 30.74 -14.16 31.85
CA PRO C 182 30.93 -14.34 33.30
C PRO C 182 30.55 -13.09 34.12
N SER C 183 30.35 -13.27 35.43
CA SER C 183 29.97 -12.15 36.28
C SER C 183 31.18 -11.47 36.92
N THR C 184 32.26 -12.22 37.12
CA THR C 184 33.50 -11.69 37.70
C THR C 184 34.74 -12.18 36.97
N ASP C 185 35.88 -11.56 37.26
CA ASP C 185 37.17 -11.98 36.70
C ASP C 185 37.54 -13.37 37.16
N THR C 186 37.22 -13.67 38.42
CA THR C 186 37.50 -14.97 38.99
C THR C 186 36.77 -16.07 38.25
N GLU C 187 35.47 -15.85 38.02
CA GLU C 187 34.65 -16.76 37.23
C GLU C 187 35.25 -16.95 35.84
N GLN C 188 35.61 -15.84 35.20
CA GLN C 188 36.21 -15.89 33.86
C GLN C 188 37.40 -16.85 33.85
N THR C 189 38.29 -16.74 34.83
CA THR C 189 39.47 -17.60 34.84
C THR C 189 39.16 -19.00 35.38
N ASN C 190 38.24 -19.08 36.35
CA ASN C 190 37.80 -20.39 36.84
C ASN C 190 37.33 -21.28 35.70
N LEU C 191 36.61 -20.68 34.75
CA LEU C 191 36.01 -21.44 33.66
C LEU C 191 36.96 -21.59 32.47
N TYR C 192 37.65 -20.51 32.11
CA TYR C 192 38.29 -20.47 30.81
C TYR C 192 39.78 -20.18 30.85
N LYS C 193 40.35 -20.15 32.05
CA LYS C 193 41.78 -19.88 32.25
C LYS C 193 42.17 -18.49 31.77
N ASN C 194 42.01 -18.23 30.47
CA ASN C 194 42.35 -16.94 29.89
C ASN C 194 41.42 -15.84 30.33
N ASN C 195 41.93 -14.61 30.30
CA ASN C 195 41.11 -13.42 30.54
C ASN C 195 41.75 -12.25 29.79
N PRO C 196 41.07 -11.74 28.76
CA PRO C 196 39.73 -12.09 28.28
C PRO C 196 39.68 -13.38 27.45
N GLY C 197 38.47 -13.92 27.27
CA GLY C 197 38.24 -14.97 26.29
C GLY C 197 37.93 -14.30 24.96
N GLY C 198 37.40 -15.05 24.00
CA GLY C 198 37.05 -14.46 22.72
C GLY C 198 36.61 -15.48 21.68
N VAL C 199 35.71 -15.06 20.79
CA VAL C 199 35.19 -15.96 19.76
C VAL C 199 35.17 -15.29 18.40
N THR C 200 35.64 -16.02 17.39
CA THR C 200 35.48 -15.61 16.00
C THR C 200 34.97 -16.78 15.17
N VAL C 201 33.88 -16.55 14.45
CA VAL C 201 33.28 -17.55 13.59
C VAL C 201 33.17 -16.96 12.20
N SER C 202 33.70 -17.64 11.20
CA SER C 202 33.77 -17.02 9.89
C SER C 202 33.54 -18.03 8.78
N THR C 203 33.02 -17.52 7.67
CA THR C 203 32.95 -18.26 6.42
C THR C 203 33.87 -17.53 5.44
N LYS C 204 33.77 -17.83 4.16
CA LYS C 204 34.56 -17.10 3.16
C LYS C 204 34.17 -15.61 3.05
N THR C 205 32.88 -15.33 3.19
CA THR C 205 32.37 -13.99 2.88
C THR C 205 31.79 -13.26 4.09
N SER C 206 31.84 -13.88 5.25
CA SER C 206 31.34 -13.24 6.45
C SER C 206 32.12 -13.67 7.67
N GLN C 207 31.97 -12.89 8.73
CA GLN C 207 32.68 -13.10 9.97
C GLN C 207 31.90 -12.48 11.10
N THR C 208 31.98 -13.09 12.27
CA THR C 208 31.46 -12.52 13.50
C THR C 208 32.52 -12.71 14.58
N SER C 209 32.90 -11.60 15.22
CA SER C 209 33.82 -11.67 16.36
C SER C 209 33.17 -11.07 17.60
N VAL C 210 33.27 -11.78 18.72
CA VAL C 210 32.62 -11.34 19.94
C VAL C 210 33.60 -11.38 21.09
N VAL C 211 33.66 -10.28 21.84
CA VAL C 211 34.45 -10.26 23.08
C VAL C 211 33.48 -10.36 24.24
N PRO C 212 33.72 -11.30 25.17
CA PRO C 212 32.85 -11.45 26.33
C PRO C 212 32.78 -10.18 27.17
N ASN C 213 31.66 -9.95 27.83
CA ASN C 213 31.55 -8.81 28.74
C ASN C 213 31.35 -9.33 30.14
N ILE C 214 32.18 -8.86 31.07
CA ILE C 214 32.16 -9.37 32.44
C ILE C 214 31.44 -8.39 33.36
N GLY C 215 30.52 -8.89 34.18
CA GLY C 215 29.75 -8.01 35.05
C GLY C 215 28.52 -8.63 35.70
N SER C 216 27.94 -7.89 36.63
CA SER C 216 26.77 -8.37 37.37
C SER C 216 25.49 -8.04 36.62
N ARG C 217 24.77 -9.09 36.21
CA ARG C 217 23.43 -8.95 35.67
C ARG C 217 22.46 -9.40 36.77
N PRO C 218 21.17 -9.05 36.64
CA PRO C 218 20.20 -9.54 37.64
C PRO C 218 20.22 -11.07 37.78
N LEU C 219 20.06 -11.57 39.00
CA LEU C 219 19.94 -13.01 39.22
C LEU C 219 18.73 -13.62 38.53
N VAL C 220 18.97 -14.57 37.64
CA VAL C 220 17.90 -15.30 36.99
C VAL C 220 18.20 -16.78 37.11
N ARG C 221 17.22 -17.54 37.61
CA ARG C 221 17.39 -18.97 37.85
C ARG C 221 18.75 -19.23 38.53
N GLY C 222 19.10 -18.38 39.49
CA GLY C 222 20.33 -18.53 40.23
C GLY C 222 21.59 -18.01 39.57
N GLN C 223 21.47 -17.41 38.38
CA GLN C 223 22.66 -17.03 37.63
C GLN C 223 22.72 -15.52 37.32
N SER C 224 23.86 -14.90 37.58
CA SER C 224 24.07 -13.51 37.15
C SER C 224 24.79 -13.46 35.81
N SER C 225 25.45 -14.56 35.45
CA SER C 225 26.06 -14.73 34.14
C SER C 225 25.02 -14.92 33.02
N ARG C 226 25.48 -14.89 31.78
CA ARG C 226 24.62 -14.96 30.60
C ARG C 226 25.31 -15.68 29.43
N VAL C 227 24.52 -16.23 28.52
CA VAL C 227 25.01 -16.65 27.20
C VAL C 227 24.37 -15.74 26.16
N SER C 228 25.14 -15.29 25.18
CA SER C 228 24.58 -14.59 24.03
C SER C 228 24.64 -15.53 22.84
N PHE C 229 23.53 -15.74 22.15
CA PHE C 229 23.50 -16.66 21.01
C PHE C 229 23.58 -15.94 19.67
N TYR C 230 24.35 -16.53 18.76
CA TYR C 230 24.57 -16.01 17.42
C TYR C 230 24.26 -17.13 16.42
N TRP C 231 24.21 -16.82 15.14
CA TRP C 231 24.05 -17.86 14.14
C TRP C 231 24.83 -17.54 12.86
N THR C 232 25.12 -18.58 12.11
CA THR C 232 25.91 -18.46 10.90
C THR C 232 25.28 -19.38 9.87
N ILE C 233 24.99 -18.85 8.68
CA ILE C 233 24.46 -19.69 7.64
C ILE C 233 25.57 -20.08 6.69
N VAL C 234 25.64 -21.37 6.33
CA VAL C 234 26.70 -21.86 5.46
C VAL C 234 26.12 -22.43 4.18
N GLU C 235 26.34 -21.74 3.07
CA GLU C 235 25.80 -22.19 1.80
C GLU C 235 26.64 -23.35 1.27
N PRO C 236 26.04 -24.21 0.43
CA PRO C 236 26.84 -25.21 -0.27
C PRO C 236 28.05 -24.56 -0.93
N GLY C 237 29.23 -25.18 -0.80
CA GLY C 237 30.41 -24.65 -1.41
C GLY C 237 31.15 -23.71 -0.48
N ASP C 238 30.53 -23.42 0.66
CA ASP C 238 31.18 -22.58 1.66
C ASP C 238 31.60 -23.45 2.84
N LEU C 239 32.21 -22.83 3.82
CA LEU C 239 32.67 -23.57 4.97
C LEU C 239 32.74 -22.64 6.16
N ILE C 240 32.76 -23.20 7.36
CA ILE C 240 32.74 -22.40 8.56
C ILE C 240 33.94 -22.74 9.45
N VAL C 241 34.56 -21.69 10.00
CA VAL C 241 35.66 -21.85 10.94
C VAL C 241 35.28 -21.27 12.30
N PHE C 242 35.43 -22.06 13.36
CA PHE C 242 35.25 -21.58 14.74
C PHE C 242 36.61 -21.32 15.44
N ASN C 243 36.95 -20.08 15.80
CA ASN C 243 38.06 -19.97 16.74
C ASN C 243 37.61 -19.40 18.06
N THR C 244 38.20 -19.94 19.13
CA THR C 244 38.03 -19.33 20.44
C THR C 244 39.23 -19.53 21.36
N ILE C 245 39.46 -18.53 22.22
CA ILE C 245 40.42 -18.63 23.31
C ILE C 245 39.66 -18.59 24.62
N GLY C 246 38.37 -18.89 24.57
CA GLY C 246 37.52 -18.92 25.75
C GLY C 246 36.11 -18.41 25.54
N ASN C 247 35.20 -18.93 26.35
CA ASN C 247 33.78 -18.52 26.43
C ASN C 247 32.88 -19.02 25.29
N LEU C 248 33.40 -19.89 24.42
CA LEU C 248 32.58 -20.44 23.34
C LEU C 248 31.56 -21.47 23.81
N ILE C 249 30.30 -21.22 23.51
CA ILE C 249 29.26 -22.24 23.66
C ILE C 249 29.10 -22.87 22.27
N ALA C 250 29.63 -24.08 22.12
CA ALA C 250 29.81 -24.65 20.78
C ALA C 250 28.57 -25.38 20.27
N PRO C 251 28.38 -25.37 18.94
CA PRO C 251 27.29 -26.13 18.34
C PRO C 251 27.60 -27.62 18.37
N ARG C 252 26.55 -28.44 18.38
CA ARG C 252 26.67 -29.90 18.29
C ARG C 252 26.42 -30.41 16.88
N GLY C 253 26.27 -29.47 15.95
CA GLY C 253 25.85 -29.79 14.60
C GLY C 253 25.11 -28.60 13.98
N HIS C 254 24.28 -28.88 12.98
CA HIS C 254 23.58 -27.82 12.27
C HIS C 254 22.13 -28.20 11.97
N TYR C 255 21.29 -27.18 11.79
CA TYR C 255 19.94 -27.38 11.25
C TYR C 255 19.96 -27.33 9.74
N LYS C 256 19.13 -28.16 9.12
CA LYS C 256 18.88 -28.09 7.67
C LYS C 256 17.95 -26.95 7.32
N LEU C 257 18.39 -26.10 6.42
CA LEU C 257 17.50 -25.10 5.84
C LEU C 257 16.89 -25.64 4.55
N ASN C 258 15.57 -25.50 4.42
CA ASN C 258 14.89 -25.66 3.14
C ASN C 258 15.35 -24.59 2.16
N ASN C 259 15.56 -24.96 0.89
CA ASN C 259 15.81 -23.96 -0.16
C ASN C 259 14.66 -22.97 -0.26
N GLN C 260 13.45 -23.52 -0.25
CA GLN C 260 12.23 -22.73 -0.29
C GLN C 260 11.61 -22.62 1.09
N LYS C 261 11.57 -21.41 1.63
CA LYS C 261 11.03 -21.23 2.97
C LYS C 261 9.66 -20.53 2.87
N LYS C 262 8.61 -21.24 3.28
CA LYS C 262 7.23 -20.78 3.11
C LYS C 262 6.36 -21.02 4.34
N SER C 263 6.98 -21.21 5.49
CA SER C 263 6.19 -21.41 6.70
C SER C 263 6.17 -20.11 7.53
N THR C 264 5.47 -20.14 8.66
CA THR C 264 5.46 -18.98 9.52
C THR C 264 5.11 -19.36 10.96
N ILE C 265 4.83 -18.34 11.77
CA ILE C 265 4.62 -18.51 13.20
C ILE C 265 3.47 -17.62 13.64
N LEU C 266 2.67 -18.12 14.58
CA LEU C 266 1.51 -17.39 15.10
C LEU C 266 1.61 -17.47 16.62
N ASN C 267 1.65 -16.32 17.27
CA ASN C 267 1.71 -16.28 18.72
C ASN C 267 0.29 -16.08 19.27
N THR C 268 -0.21 -17.08 19.99
CA THR C 268 -1.60 -17.02 20.48
C THR C 268 -1.82 -18.06 21.57
N ALA C 269 -2.77 -17.79 22.47
CA ALA C 269 -3.13 -18.76 23.50
C ALA C 269 -4.28 -19.69 23.06
N ILE C 270 -4.84 -19.45 21.89
CA ILE C 270 -6.01 -20.20 21.42
C ILE C 270 -5.72 -21.71 21.28
N PRO C 271 -6.61 -22.56 21.82
CA PRO C 271 -6.33 -24.01 21.74
C PRO C 271 -6.41 -24.55 20.33
N ILE C 272 -5.66 -25.61 20.06
CA ILE C 272 -5.77 -26.33 18.79
C ILE C 272 -6.92 -27.35 18.92
N GLY C 273 -7.89 -27.28 18.02
CA GLY C 273 -9.06 -28.13 18.09
C GLY C 273 -9.00 -29.32 17.14
N SER C 274 -10.14 -29.65 16.56
CA SER C 274 -10.27 -30.85 15.74
C SER C 274 -10.91 -30.51 14.41
N CYS C 275 -11.13 -29.21 14.20
CA CYS C 275 -11.86 -28.70 13.04
C CYS C 275 -11.01 -28.60 11.79
N VAL C 276 -11.63 -28.10 10.72
CA VAL C 276 -10.99 -27.96 9.41
C VAL C 276 -11.09 -26.51 8.96
N SER C 277 -9.95 -25.90 8.66
CA SER C 277 -9.90 -24.55 8.11
C SER C 277 -8.49 -24.22 7.66
N LYS C 278 -8.37 -23.49 6.56
CA LYS C 278 -7.10 -23.06 6.05
C LYS C 278 -6.81 -21.60 6.44
N CYS C 279 -7.65 -21.00 7.29
CA CYS C 279 -7.43 -19.61 7.71
C CYS C 279 -7.30 -19.45 9.22
N HIS C 280 -6.14 -18.99 9.67
CA HIS C 280 -5.92 -18.87 11.11
C HIS C 280 -5.60 -17.45 11.54
N THR C 281 -6.34 -16.94 12.53
CA THR C 281 -5.99 -15.66 13.15
C THR C 281 -5.52 -15.89 14.58
N ASP C 282 -4.98 -14.85 15.20
CA ASP C 282 -4.57 -14.98 16.59
C ASP C 282 -5.78 -15.12 17.52
N LYS C 283 -6.99 -14.93 16.98
CA LYS C 283 -8.22 -15.10 17.73
C LYS C 283 -8.86 -16.48 17.53
N GLY C 284 -8.25 -17.29 16.66
CA GLY C 284 -8.84 -18.57 16.28
C GLY C 284 -8.98 -18.67 14.78
N SER C 285 -9.34 -19.85 14.29
CA SER C 285 -9.51 -20.02 12.85
C SER C 285 -10.79 -19.37 12.36
N LEU C 286 -10.82 -19.01 11.09
CA LEU C 286 -12.05 -18.55 10.44
C LEU C 286 -12.61 -19.67 9.55
N SER C 287 -13.92 -19.81 9.49
CA SER C 287 -14.56 -20.79 8.62
C SER C 287 -15.56 -20.05 7.77
N THR C 288 -15.17 -19.66 6.56
CA THR C 288 -15.91 -18.66 5.82
C THR C 288 -15.54 -18.66 4.36
N THR C 289 -16.42 -18.12 3.52
CA THR C 289 -16.07 -17.85 2.13
C THR C 289 -16.21 -16.37 1.83
N LYS C 290 -16.39 -15.54 2.87
CA LYS C 290 -16.49 -14.09 2.68
C LYS C 290 -15.13 -13.51 2.25
N PRO C 291 -15.14 -12.45 1.43
CA PRO C 291 -13.90 -11.84 0.93
C PRO C 291 -13.20 -10.94 1.94
N PHE C 292 -13.94 -10.47 2.95
CA PHE C 292 -13.36 -9.62 3.99
C PHE C 292 -13.65 -10.14 5.41
N GLN C 293 -12.92 -9.62 6.38
CA GLN C 293 -13.09 -10.01 7.78
C GLN C 293 -12.62 -8.89 8.69
N ASN C 294 -13.25 -8.76 9.84
CA ASN C 294 -12.85 -7.74 10.80
C ASN C 294 -12.40 -8.36 12.12
N ILE C 295 -12.02 -9.63 12.06
CA ILE C 295 -11.60 -10.35 13.27
C ILE C 295 -10.20 -9.94 13.74
N SER C 296 -9.24 -9.94 12.82
CA SER C 296 -7.87 -9.55 13.16
C SER C 296 -6.97 -9.32 11.96
N ARG C 297 -6.06 -8.35 12.08
CA ARG C 297 -5.04 -8.10 11.06
C ARG C 297 -4.02 -9.24 11.03
N ILE C 298 -3.94 -9.99 12.13
CA ILE C 298 -3.04 -11.12 12.17
C ILE C 298 -3.78 -12.33 11.62
N ALA C 299 -3.45 -12.70 10.39
CA ALA C 299 -4.18 -13.77 9.70
C ALA C 299 -3.28 -14.49 8.74
N VAL C 300 -3.19 -15.81 8.90
CA VAL C 300 -2.26 -16.63 8.14
C VAL C 300 -3.05 -17.71 7.41
N GLY C 301 -2.68 -17.98 6.16
CA GLY C 301 -3.31 -19.02 5.35
C GLY C 301 -4.16 -18.42 4.27
N ASP C 302 -5.24 -19.12 3.93
CA ASP C 302 -6.14 -18.70 2.88
C ASP C 302 -7.29 -17.88 3.50
N CYS C 303 -7.09 -16.57 3.62
CA CYS C 303 -7.93 -15.74 4.48
C CYS C 303 -8.65 -14.61 3.74
N PRO C 304 -9.81 -14.21 4.28
CA PRO C 304 -10.41 -12.94 3.85
C PRO C 304 -9.48 -11.81 4.18
N ARG C 305 -9.56 -10.71 3.44
CA ARG C 305 -8.73 -9.55 3.72
C ARG C 305 -9.27 -8.78 4.91
N TYR C 306 -8.36 -8.36 5.80
CA TYR C 306 -8.77 -7.64 7.00
C TYR C 306 -9.20 -6.21 6.67
N VAL C 307 -10.37 -5.81 7.16
CA VAL C 307 -10.87 -4.45 6.96
C VAL C 307 -11.43 -3.88 8.27
N LYS C 308 -11.59 -2.57 8.31
CA LYS C 308 -12.05 -1.89 9.52
C LYS C 308 -13.55 -1.98 9.72
N GLN C 309 -14.30 -2.14 8.64
CA GLN C 309 -15.77 -2.13 8.75
C GLN C 309 -16.32 -3.40 9.40
N GLY C 310 -17.37 -3.25 10.20
CA GLY C 310 -18.02 -4.39 10.83
C GLY C 310 -18.99 -5.11 9.91
N SER C 311 -19.50 -4.39 8.92
CA SER C 311 -20.47 -4.96 8.00
C SER C 311 -20.40 -4.28 6.65
N LEU C 312 -20.52 -5.07 5.58
CA LEU C 312 -20.69 -4.56 4.23
C LEU C 312 -21.64 -5.46 3.49
N LYS C 313 -22.81 -4.93 3.15
CA LYS C 313 -23.85 -5.76 2.57
C LYS C 313 -23.92 -5.64 1.06
N LEU C 314 -23.83 -6.77 0.39
CA LEU C 314 -23.87 -6.81 -1.06
C LEU C 314 -25.28 -7.17 -1.55
N ALA C 315 -25.90 -6.30 -2.33
CA ALA C 315 -27.24 -6.58 -2.87
C ALA C 315 -27.21 -7.82 -3.76
N THR C 316 -28.15 -8.72 -3.51
CA THR C 316 -28.27 -9.90 -4.35
C THR C 316 -29.68 -9.92 -4.96
N GLY C 317 -30.36 -8.80 -4.81
CA GLY C 317 -31.72 -8.66 -5.33
C GLY C 317 -32.06 -7.22 -5.69
N MET C 318 -33.25 -7.03 -6.24
CA MET C 318 -33.72 -5.72 -6.69
C MET C 318 -34.21 -4.88 -5.53
N ARG C 319 -34.48 -3.59 -5.78
CA ARG C 319 -35.10 -2.74 -4.77
C ARG C 319 -36.39 -3.38 -4.26
N ASN C 320 -36.69 -3.16 -2.99
CA ASN C 320 -37.87 -3.75 -2.38
C ASN C 320 -38.95 -2.69 -2.17
N ILE C 321 -40.05 -2.83 -2.91
CA ILE C 321 -41.19 -1.93 -2.78
C ILE C 321 -42.44 -2.75 -2.41
N PRO C 322 -42.81 -2.77 -1.12
CA PRO C 322 -43.95 -3.58 -0.68
C PRO C 322 -45.30 -3.09 -1.21
N GLU C 323 -46.38 -3.68 -0.71
CA GLU C 323 -47.74 -3.43 -1.22
C GLU C 323 -47.78 -3.72 -2.73
N ILE C 333 -56.06 -4.40 -10.35
CA ILE C 333 -54.64 -4.74 -10.34
C ILE C 333 -53.79 -3.57 -10.81
N ALA C 334 -52.48 -3.69 -10.61
CA ALA C 334 -51.55 -2.61 -10.94
C ALA C 334 -50.14 -3.14 -11.22
N GLY C 335 -49.35 -2.34 -11.93
CA GLY C 335 -48.03 -2.76 -12.38
C GLY C 335 -46.87 -2.25 -11.55
N PHE C 336 -45.69 -2.20 -12.16
CA PHE C 336 -44.45 -1.95 -11.43
C PHE C 336 -44.23 -0.48 -11.05
N ILE C 337 -44.84 0.44 -11.80
CA ILE C 337 -44.76 1.87 -11.49
C ILE C 337 -45.08 2.08 -10.03
N GLU C 338 -46.23 1.55 -9.65
CA GLU C 338 -46.71 1.44 -8.28
C GLU C 338 -45.66 0.98 -7.27
N ASN C 339 -45.30 -0.30 -7.41
CA ASN C 339 -44.89 -1.09 -6.29
C ASN C 339 -44.49 -2.49 -6.75
N GLY C 340 -44.18 -3.37 -5.81
CA GLY C 340 -43.89 -4.75 -6.16
C GLY C 340 -45.03 -5.66 -5.76
N TRP C 341 -44.90 -6.93 -6.08
CA TRP C 341 -45.92 -7.93 -5.75
C TRP C 341 -45.39 -8.96 -4.76
N GLN C 342 -45.83 -8.87 -3.51
CA GLN C 342 -45.42 -9.84 -2.51
C GLN C 342 -45.95 -11.23 -2.84
N GLY C 343 -46.97 -11.28 -3.69
CA GLY C 343 -47.59 -12.54 -4.08
C GLY C 343 -46.78 -13.30 -5.12
N LEU C 344 -45.90 -12.60 -5.82
CA LEU C 344 -45.07 -13.23 -6.83
C LEU C 344 -43.87 -13.94 -6.17
N ILE C 345 -44.01 -15.24 -5.97
CA ILE C 345 -43.01 -16.00 -5.22
C ILE C 345 -42.39 -17.09 -6.06
N ASP C 346 -42.54 -16.96 -7.37
CA ASP C 346 -42.16 -18.03 -8.27
C ASP C 346 -41.25 -17.48 -9.36
N GLY C 347 -40.83 -16.24 -9.18
CA GLY C 347 -39.90 -15.58 -10.09
C GLY C 347 -39.62 -14.15 -9.67
N TRP C 348 -38.78 -13.47 -10.43
CA TRP C 348 -38.42 -12.09 -10.12
C TRP C 348 -39.37 -11.10 -10.78
N TYR C 349 -39.75 -11.41 -12.01
CA TYR C 349 -40.69 -10.59 -12.76
C TYR C 349 -41.85 -11.44 -13.24
N GLY C 350 -42.95 -10.80 -13.61
CA GLY C 350 -44.14 -11.53 -14.03
C GLY C 350 -45.35 -10.74 -14.49
N PHE C 351 -46.34 -11.47 -14.96
CA PHE C 351 -47.57 -10.92 -15.53
C PHE C 351 -48.74 -11.03 -14.56
N ARG C 352 -49.48 -9.94 -14.39
CA ARG C 352 -50.75 -9.98 -13.67
C ARG C 352 -51.85 -9.42 -14.58
N HIS C 353 -52.97 -10.12 -14.65
CA HIS C 353 -53.98 -9.79 -15.65
C HIS C 353 -55.37 -9.74 -15.04
N GLN C 354 -56.30 -9.14 -15.78
CA GLN C 354 -57.70 -9.11 -15.41
C GLN C 354 -58.55 -9.12 -16.66
N ASN C 355 -59.30 -10.20 -16.85
CA ASN C 355 -60.15 -10.32 -18.03
C ASN C 355 -61.57 -10.75 -17.65
N ALA C 356 -62.36 -11.11 -18.65
CA ALA C 356 -63.74 -11.52 -18.41
C ALA C 356 -63.81 -12.71 -17.46
N GLU C 357 -62.82 -13.61 -17.57
CA GLU C 357 -62.81 -14.83 -16.77
C GLU C 357 -62.29 -14.60 -15.35
N GLY C 358 -61.64 -13.47 -15.11
CA GLY C 358 -61.11 -13.17 -13.79
C GLY C 358 -59.70 -12.62 -13.82
N THR C 359 -58.93 -12.93 -12.78
CA THR C 359 -57.56 -12.43 -12.67
C THR C 359 -56.54 -13.55 -12.55
N GLY C 360 -55.27 -13.18 -12.38
CA GLY C 360 -54.21 -14.16 -12.20
C GLY C 360 -52.82 -13.55 -12.24
N THR C 361 -51.84 -14.30 -11.71
CA THR C 361 -50.45 -13.86 -11.67
C THR C 361 -49.51 -14.99 -12.12
N ALA C 362 -48.61 -14.68 -13.05
CA ALA C 362 -47.65 -15.66 -13.55
C ALA C 362 -46.24 -15.08 -13.67
N ALA C 363 -45.22 -15.92 -13.52
CA ALA C 363 -43.85 -15.43 -13.64
C ALA C 363 -43.37 -15.43 -15.08
N ASP C 364 -42.40 -14.55 -15.34
CA ASP C 364 -41.68 -14.51 -16.59
C ASP C 364 -40.26 -15.00 -16.35
N LEU C 365 -39.93 -16.16 -16.92
CA LEU C 365 -38.63 -16.81 -16.69
C LEU C 365 -37.47 -16.09 -17.36
N LYS C 366 -37.67 -15.64 -18.59
CA LYS C 366 -36.59 -15.05 -19.37
C LYS C 366 -36.03 -13.77 -18.74
N SER C 367 -36.91 -12.89 -18.28
CA SER C 367 -36.48 -11.67 -17.62
C SER C 367 -35.84 -11.99 -16.27
N THR C 368 -36.46 -12.89 -15.53
CA THR C 368 -35.94 -13.33 -14.24
C THR C 368 -34.52 -13.87 -14.35
N GLN C 369 -34.32 -14.75 -15.33
CA GLN C 369 -33.04 -15.42 -15.50
C GLN C 369 -31.95 -14.47 -15.99
N ALA C 370 -32.35 -13.48 -16.78
CA ALA C 370 -31.42 -12.47 -17.26
C ALA C 370 -30.86 -11.68 -16.08
N ALA C 371 -31.75 -11.31 -15.15
CA ALA C 371 -31.36 -10.53 -13.98
C ALA C 371 -30.46 -11.34 -13.05
N ILE C 372 -30.84 -12.59 -12.81
CA ILE C 372 -30.09 -13.47 -11.94
C ILE C 372 -28.68 -13.73 -12.48
N ASP C 373 -28.56 -13.90 -13.79
CA ASP C 373 -27.28 -14.12 -14.43
C ASP C 373 -26.30 -12.96 -14.20
N GLN C 374 -26.82 -11.74 -14.19
CA GLN C 374 -26.00 -10.56 -14.01
C GLN C 374 -25.72 -10.26 -12.53
N ILE C 375 -26.39 -10.97 -11.62
CA ILE C 375 -26.21 -10.74 -10.18
C ILE C 375 -25.41 -11.85 -9.48
N ASN C 376 -25.83 -13.10 -9.64
CA ASN C 376 -25.06 -14.21 -9.07
C ASN C 376 -23.67 -14.30 -9.71
N GLY C 377 -23.54 -13.71 -10.90
CA GLY C 377 -22.26 -13.61 -11.58
C GLY C 377 -21.28 -12.84 -10.72
N LYS C 378 -21.74 -11.69 -10.21
CA LYS C 378 -20.99 -10.96 -9.20
C LYS C 378 -20.65 -11.91 -8.08
N LEU C 379 -21.67 -12.63 -7.60
CA LEU C 379 -21.53 -13.46 -6.41
C LEU C 379 -20.48 -14.56 -6.53
N ASN C 380 -20.03 -14.84 -7.75
CA ASN C 380 -18.95 -15.80 -7.97
C ASN C 380 -17.57 -15.13 -8.11
N ARG C 381 -17.51 -13.98 -8.78
CA ARG C 381 -16.23 -13.31 -8.95
C ARG C 381 -15.97 -12.29 -7.83
N LEU C 382 -16.88 -12.20 -6.87
CA LEU C 382 -16.63 -11.40 -5.66
C LEU C 382 -15.97 -12.20 -4.52
N ILE C 383 -16.26 -13.49 -4.38
CA ILE C 383 -15.28 -14.29 -3.66
C ILE C 383 -14.32 -14.82 -4.74
N GLU C 384 -13.24 -14.05 -4.89
CA GLU C 384 -12.46 -13.95 -6.10
C GLU C 384 -11.32 -15.10 -6.21
N LYS C 385 -10.13 -14.81 -5.73
CA LYS C 385 -9.01 -15.69 -5.64
C LYS C 385 -8.66 -15.36 -4.23
N THR C 386 -7.83 -16.18 -3.61
CA THR C 386 -8.02 -16.52 -2.22
C THR C 386 -7.11 -15.89 -1.14
N ASN C 387 -6.15 -15.10 -1.59
CA ASN C 387 -5.29 -14.32 -0.69
C ASN C 387 -4.60 -15.31 0.27
N ASP C 388 -3.82 -16.20 -0.33
CA ASP C 388 -3.04 -17.21 0.40
C ASP C 388 -1.73 -16.57 0.87
N LYS C 389 -1.63 -16.27 2.16
CA LYS C 389 -0.43 -15.62 2.69
C LYS C 389 0.08 -16.31 3.94
N TYR C 390 1.39 -16.51 4.02
CA TYR C 390 1.93 -17.18 5.19
C TYR C 390 2.84 -16.25 5.93
N HIS C 391 4.15 -16.30 5.70
CA HIS C 391 5.05 -15.45 6.48
C HIS C 391 4.88 -14.00 6.04
N GLN C 392 4.62 -13.12 7.00
CA GLN C 392 4.33 -11.74 6.66
C GLN C 392 5.23 -10.86 7.50
N ILE C 393 4.66 -10.06 8.38
CA ILE C 393 5.43 -9.28 9.34
C ILE C 393 4.72 -9.36 10.68
N GLU C 394 5.44 -9.03 11.73
CA GLU C 394 4.84 -8.90 13.05
C GLU C 394 3.91 -7.70 13.07
N LYS C 395 2.80 -7.81 13.79
CA LYS C 395 1.80 -6.76 13.77
C LYS C 395 1.35 -6.29 15.17
N GLU C 396 1.80 -7.01 16.19
CA GLU C 396 1.56 -6.62 17.60
C GLU C 396 2.88 -6.56 18.34
N PHE C 397 3.03 -5.58 19.24
CA PHE C 397 4.29 -5.35 19.93
C PHE C 397 4.06 -5.05 21.41
N GLU C 398 4.93 -5.60 22.26
CA GLU C 398 4.80 -5.42 23.71
C GLU C 398 5.14 -4.02 24.17
N GLN C 399 6.14 -3.43 23.54
CA GLN C 399 6.70 -2.13 23.93
C GLN C 399 7.25 -1.45 22.69
N VAL C 400 7.28 -0.13 22.69
CA VAL C 400 7.83 0.62 21.55
C VAL C 400 9.33 0.34 21.39
N GLU C 401 9.80 0.37 20.14
CA GLU C 401 11.21 0.09 19.83
C GLU C 401 11.86 1.23 19.08
N GLY C 402 11.05 2.06 18.44
CA GLY C 402 11.60 3.12 17.61
C GLY C 402 11.40 2.87 16.13
N ARG C 403 12.41 3.24 15.35
CA ARG C 403 12.29 3.41 13.90
C ARG C 403 11.70 2.21 13.13
N ILE C 404 12.19 1.01 13.39
CA ILE C 404 11.76 -0.13 12.58
C ILE C 404 10.33 -0.52 12.95
N GLN C 405 10.03 -0.52 14.24
CA GLN C 405 8.66 -0.82 14.67
C GLN C 405 7.69 0.23 14.13
N ASP C 406 8.08 1.51 14.14
CA ASP C 406 7.21 2.56 13.56
C ASP C 406 6.85 2.23 12.12
N LEU C 407 7.85 1.79 11.35
CA LEU C 407 7.64 1.49 9.93
C LEU C 407 6.74 0.27 9.76
N GLU C 408 6.96 -0.78 10.56
CA GLU C 408 6.13 -1.99 10.47
C GLU C 408 4.65 -1.66 10.73
N LYS C 409 4.40 -0.83 11.73
CA LYS C 409 3.04 -0.44 12.08
C LYS C 409 2.42 0.44 11.01
N TYR C 410 3.22 1.34 10.45
CA TYR C 410 2.74 2.28 9.43
C TYR C 410 2.43 1.53 8.14
N VAL C 411 3.29 0.59 7.78
CA VAL C 411 3.01 -0.27 6.63
C VAL C 411 1.68 -1.00 6.77
N GLU C 412 1.43 -1.59 7.94
CA GLU C 412 0.19 -2.35 8.11
C GLU C 412 -1.03 -1.43 8.15
N ASP C 413 -0.91 -0.31 8.85
CA ASP C 413 -2.03 0.64 8.94
C ASP C 413 -2.39 1.17 7.55
N THR C 414 -1.37 1.40 6.73
CA THR C 414 -1.56 1.89 5.37
C THR C 414 -2.31 0.88 4.54
N LYS C 415 -1.89 -0.37 4.63
CA LYS C 415 -2.51 -1.46 3.91
C LYS C 415 -3.98 -1.62 4.27
N ILE C 416 -4.25 -1.58 5.58
CA ILE C 416 -5.60 -1.81 6.07
C ILE C 416 -6.56 -0.70 5.58
N ASP C 417 -6.11 0.55 5.65
CA ASP C 417 -6.94 1.66 5.15
C ASP C 417 -7.21 1.55 3.66
N LEU C 418 -6.24 1.07 2.90
CA LEU C 418 -6.45 0.97 1.45
C LEU C 418 -7.43 -0.15 1.13
N TRP C 419 -7.33 -1.28 1.84
CA TRP C 419 -8.25 -2.39 1.57
C TRP C 419 -9.63 -2.05 2.07
N SER C 420 -9.67 -1.36 3.22
CA SER C 420 -10.96 -0.94 3.74
C SER C 420 -11.68 -0.03 2.74
N TYR C 421 -10.92 0.88 2.14
CA TYR C 421 -11.47 1.76 1.10
C TYR C 421 -11.95 0.97 -0.12
N ASN C 422 -11.11 0.05 -0.60
CA ASN C 422 -11.49 -0.83 -1.72
C ASN C 422 -12.80 -1.56 -1.46
N ALA C 423 -12.91 -2.12 -0.24
CA ALA C 423 -14.10 -2.87 0.14
C ALA C 423 -15.35 -1.97 0.11
N GLU C 424 -15.23 -0.78 0.67
CA GLU C 424 -16.33 0.19 0.73
C GLU C 424 -16.82 0.56 -0.67
N LEU C 425 -15.88 0.94 -1.53
CA LEU C 425 -16.20 1.34 -2.89
C LEU C 425 -16.77 0.18 -3.70
N LEU C 426 -16.17 -1.01 -3.54
CA LEU C 426 -16.61 -2.16 -4.30
C LEU C 426 -18.07 -2.49 -4.06
N VAL C 427 -18.49 -2.50 -2.80
CA VAL C 427 -19.86 -2.86 -2.48
C VAL C 427 -20.84 -1.81 -3.02
N ALA C 428 -20.51 -0.54 -2.86
CA ALA C 428 -21.35 0.55 -3.38
C ALA C 428 -21.49 0.52 -4.91
N LEU C 429 -20.37 0.28 -5.59
CA LEU C 429 -20.37 0.16 -7.05
C LEU C 429 -21.20 -1.01 -7.50
N GLU C 430 -21.01 -2.16 -6.86
CA GLU C 430 -21.72 -3.37 -7.25
C GLU C 430 -23.21 -3.21 -6.98
N ASN C 431 -23.54 -2.63 -5.83
CA ASN C 431 -24.94 -2.43 -5.46
C ASN C 431 -25.63 -1.48 -6.43
N GLN C 432 -24.94 -0.42 -6.84
CA GLN C 432 -25.49 0.52 -7.81
C GLN C 432 -25.79 -0.21 -9.12
N HIS C 433 -24.85 -1.05 -9.54
CA HIS C 433 -25.00 -1.83 -10.77
C HIS C 433 -26.16 -2.84 -10.66
N THR C 434 -26.22 -3.54 -9.54
CA THR C 434 -27.28 -4.51 -9.28
C THR C 434 -28.67 -3.88 -9.38
N ILE C 435 -28.81 -2.68 -8.83
CA ILE C 435 -30.08 -1.97 -8.87
C ILE C 435 -30.37 -1.47 -10.28
N ASP C 436 -29.34 -0.97 -10.97
CA ASP C 436 -29.50 -0.51 -12.34
C ASP C 436 -29.92 -1.64 -13.27
N VAL C 437 -29.28 -2.79 -13.11
CA VAL C 437 -29.62 -3.96 -13.91
C VAL C 437 -31.06 -4.44 -13.70
N THR C 438 -31.46 -4.58 -12.43
CA THR C 438 -32.81 -5.08 -12.16
C THR C 438 -33.88 -4.07 -12.58
N ASP C 439 -33.62 -2.78 -12.37
CA ASP C 439 -34.51 -1.74 -12.92
C ASP C 439 -34.59 -1.85 -14.43
N SER C 440 -33.45 -2.09 -15.07
CA SER C 440 -33.40 -2.17 -16.53
C SER C 440 -34.21 -3.36 -17.04
N GLU C 441 -34.08 -4.50 -16.37
CA GLU C 441 -34.77 -5.71 -16.79
C GLU C 441 -36.29 -5.56 -16.64
N MET C 442 -36.72 -4.83 -15.62
CA MET C 442 -38.13 -4.53 -15.47
C MET C 442 -38.64 -3.79 -16.72
N ASN C 443 -37.92 -2.75 -17.12
CA ASN C 443 -38.30 -1.96 -18.28
C ASN C 443 -38.28 -2.74 -19.59
N LYS C 444 -37.27 -3.59 -19.78
CA LYS C 444 -37.18 -4.42 -20.97
C LYS C 444 -38.35 -5.40 -21.10
N LEU C 445 -38.88 -5.85 -19.98
CA LEU C 445 -40.05 -6.72 -19.99
C LEU C 445 -41.27 -5.95 -20.49
N PHE C 446 -41.48 -4.77 -19.90
CA PHE C 446 -42.58 -3.91 -20.29
C PHE C 446 -42.49 -3.52 -21.76
N GLU C 447 -41.29 -3.22 -22.22
CA GLU C 447 -41.10 -2.82 -23.62
C GLU C 447 -41.25 -4.02 -24.56
N ARG C 448 -40.99 -5.22 -24.05
CA ARG C 448 -41.18 -6.42 -24.85
C ARG C 448 -42.67 -6.61 -25.12
N VAL C 449 -43.46 -6.46 -24.05
CA VAL C 449 -44.90 -6.67 -24.14
C VAL C 449 -45.55 -5.58 -24.99
N ARG C 450 -45.04 -4.36 -24.90
CA ARG C 450 -45.57 -3.25 -25.71
C ARG C 450 -45.46 -3.54 -27.20
N ARG C 451 -44.32 -4.08 -27.61
CA ARG C 451 -44.07 -4.35 -29.02
C ARG C 451 -44.89 -5.53 -29.53
N GLN C 452 -45.24 -6.45 -28.63
CA GLN C 452 -46.15 -7.54 -28.99
C GLN C 452 -47.56 -7.03 -29.29
N LEU C 453 -48.03 -6.11 -28.45
CA LEU C 453 -49.41 -5.65 -28.50
C LEU C 453 -49.66 -4.67 -29.64
N ARG C 454 -48.60 -4.03 -30.11
CA ARG C 454 -48.70 -3.07 -31.22
C ARG C 454 -49.76 -1.99 -30.98
N GLU C 455 -50.72 -1.91 -31.88
CA GLU C 455 -51.76 -0.89 -31.79
C GLU C 455 -53.03 -1.42 -31.17
N ASN C 456 -52.96 -2.63 -30.61
CA ASN C 456 -54.11 -3.26 -29.99
C ASN C 456 -54.26 -2.93 -28.51
N ALA C 457 -53.38 -2.07 -27.99
CA ALA C 457 -53.44 -1.71 -26.58
C ALA C 457 -52.84 -0.32 -26.30
N GLU C 458 -53.07 0.16 -25.10
CA GLU C 458 -52.59 1.48 -24.68
C GLU C 458 -51.99 1.44 -23.27
N ASP C 459 -51.02 2.31 -23.04
CA ASP C 459 -50.33 2.41 -21.75
C ASP C 459 -51.21 3.07 -20.69
N LYS C 460 -51.59 2.30 -19.68
CA LYS C 460 -52.38 2.83 -18.58
C LYS C 460 -51.59 3.75 -17.65
N GLY C 461 -50.27 3.74 -17.79
CA GLY C 461 -49.42 4.63 -17.01
C GLY C 461 -48.94 4.06 -15.69
N ASN C 462 -49.53 2.95 -15.28
CA ASN C 462 -49.18 2.33 -14.01
C ASN C 462 -48.47 0.98 -14.17
N GLY C 463 -47.81 0.79 -15.31
CA GLY C 463 -47.15 -0.47 -15.60
C GLY C 463 -48.10 -1.52 -16.15
N CYS C 464 -49.24 -1.06 -16.67
CA CYS C 464 -50.26 -1.96 -17.21
C CYS C 464 -50.70 -1.54 -18.62
N PHE C 465 -51.14 -2.51 -19.41
CA PHE C 465 -51.75 -2.22 -20.71
C PHE C 465 -53.24 -2.51 -20.68
N GLU C 466 -54.03 -1.55 -21.14
CA GLU C 466 -55.45 -1.81 -21.40
C GLU C 466 -55.56 -2.42 -22.78
N ILE C 467 -56.02 -3.67 -22.83
CA ILE C 467 -56.15 -4.39 -24.10
C ILE C 467 -57.51 -4.15 -24.71
N PHE C 468 -57.55 -3.45 -25.83
CA PHE C 468 -58.81 -3.00 -26.41
C PHE C 468 -59.50 -4.05 -27.27
N HIS C 469 -59.51 -5.29 -26.78
CA HIS C 469 -60.27 -6.35 -27.41
C HIS C 469 -60.47 -7.46 -26.39
N LYS C 470 -61.42 -8.35 -26.66
CA LYS C 470 -61.66 -9.45 -25.74
C LYS C 470 -60.45 -10.38 -25.75
N CYS C 471 -59.95 -10.69 -24.56
CA CYS C 471 -58.75 -11.49 -24.42
C CYS C 471 -58.92 -12.52 -23.32
N ASP C 472 -59.16 -13.76 -23.71
CA ASP C 472 -59.40 -14.81 -22.73
C ASP C 472 -58.08 -15.33 -22.18
N ASN C 473 -58.16 -16.20 -21.18
CA ASN C 473 -56.99 -16.76 -20.51
C ASN C 473 -55.95 -17.37 -21.45
N ASN C 474 -56.38 -17.69 -22.66
CA ASN C 474 -55.47 -18.33 -23.62
C ASN C 474 -54.93 -17.31 -24.62
N CYS C 475 -55.64 -16.21 -24.77
CA CYS C 475 -55.12 -15.03 -25.45
C CYS C 475 -54.08 -14.34 -24.57
N ILE C 476 -54.29 -14.41 -23.25
CA ILE C 476 -53.37 -13.80 -22.28
C ILE C 476 -52.08 -14.62 -22.29
N GLU C 477 -52.21 -15.94 -22.23
CA GLU C 477 -51.05 -16.82 -22.25
C GLU C 477 -50.22 -16.59 -23.50
N SER C 478 -50.90 -16.27 -24.60
CA SER C 478 -50.23 -16.02 -25.87
C SER C 478 -49.33 -14.79 -25.75
N ILE C 479 -49.75 -13.83 -24.94
CA ILE C 479 -48.95 -12.63 -24.71
C ILE C 479 -47.74 -12.97 -23.82
N ARG C 480 -47.98 -13.76 -22.78
CA ARG C 480 -46.96 -14.11 -21.82
C ARG C 480 -45.82 -14.96 -22.42
N ASN C 481 -46.16 -15.83 -23.37
CA ASN C 481 -45.12 -16.66 -23.99
C ASN C 481 -44.79 -16.26 -25.43
N GLY C 482 -45.19 -15.06 -25.82
CA GLY C 482 -44.74 -14.46 -27.06
C GLY C 482 -45.26 -15.04 -28.37
N THR C 483 -46.47 -15.57 -28.38
CA THR C 483 -47.06 -16.11 -29.60
C THR C 483 -48.20 -15.23 -30.11
N TYR C 484 -48.65 -14.30 -29.27
CA TYR C 484 -49.70 -13.35 -29.61
C TYR C 484 -49.47 -12.69 -30.97
N ASP C 485 -50.33 -13.00 -31.95
CA ASP C 485 -50.29 -12.30 -33.22
C ASP C 485 -51.27 -11.13 -33.12
N HIS C 486 -50.78 -9.92 -33.34
CA HIS C 486 -51.57 -8.72 -33.13
C HIS C 486 -52.60 -8.50 -34.23
N ASP C 487 -52.33 -9.03 -35.42
CA ASP C 487 -53.20 -8.82 -36.56
C ASP C 487 -54.54 -9.54 -36.41
N ILE C 488 -54.56 -10.59 -35.59
CA ILE C 488 -55.79 -11.33 -35.32
C ILE C 488 -56.84 -10.44 -34.63
N TYR C 489 -56.37 -9.48 -33.84
CA TYR C 489 -57.26 -8.65 -33.04
C TYR C 489 -57.22 -7.19 -33.46
N ARG C 490 -56.43 -6.87 -34.47
CA ARG C 490 -56.17 -5.47 -34.81
C ARG C 490 -57.45 -4.68 -35.09
N ASP C 491 -58.27 -5.18 -36.01
CA ASP C 491 -59.51 -4.49 -36.38
C ASP C 491 -60.43 -4.24 -35.19
N GLU C 492 -60.67 -5.28 -34.40
CA GLU C 492 -61.51 -5.15 -33.21
C GLU C 492 -60.95 -4.10 -32.26
N ALA C 493 -59.63 -4.02 -32.19
CA ALA C 493 -58.95 -3.14 -31.25
C ALA C 493 -58.94 -1.69 -31.71
N ILE C 494 -58.57 -1.46 -32.97
CA ILE C 494 -58.58 -0.14 -33.56
C ILE C 494 -59.99 0.45 -33.48
N ASN C 495 -60.98 -0.42 -33.67
CA ASN C 495 -62.39 -0.04 -33.57
C ASN C 495 -62.76 0.48 -32.19
N ASN C 496 -62.51 -0.34 -31.16
CA ASN C 496 -62.82 0.05 -29.79
C ASN C 496 -62.01 1.26 -29.31
N ARG C 497 -60.83 1.47 -29.89
CA ARG C 497 -59.96 2.56 -29.47
C ARG C 497 -60.41 3.93 -29.97
N PHE C 498 -60.76 4.01 -31.25
CA PHE C 498 -60.98 5.32 -31.89
C PHE C 498 -62.43 5.59 -32.27
N GLN C 499 -63.30 4.60 -32.09
CA GLN C 499 -64.72 4.79 -32.36
C GLN C 499 -65.57 4.23 -31.22
C1 NAG D . 26.81 -6.43 43.27
C2 NAG D . 25.30 -6.47 43.49
C3 NAG D . 24.89 -7.80 44.10
C4 NAG D . 25.44 -8.97 43.29
C5 NAG D . 26.95 -8.79 43.09
C6 NAG D . 27.57 -9.87 42.23
C7 NAG D . 24.09 -4.36 43.95
C8 NAG D . 23.77 -3.32 44.99
N2 NAG D . 24.88 -5.36 44.35
O3 NAG D . 23.47 -7.89 44.17
O4 NAG D . 25.18 -10.20 43.95
O5 NAG D . 27.20 -7.54 42.45
O6 NAG D . 28.99 -9.75 42.19
O7 NAG D . 23.68 -4.28 42.80
C1 NAG E . -1.25 22.22 -5.17
C2 NAG E . 0.13 22.52 -5.75
C3 NAG E . 0.22 23.99 -6.18
C4 NAG E . -0.92 24.32 -7.15
C5 NAG E . -2.25 23.97 -6.52
C6 NAG E . -3.41 24.16 -7.47
C7 NAG E . 2.25 21.47 -5.14
C8 NAG E . 2.30 21.00 -6.56
N2 NAG E . 1.19 22.21 -4.80
O3 NAG E . 1.46 24.20 -6.84
O4 NAG E . -0.89 25.70 -7.50
O5 NAG E . -2.27 22.58 -6.12
O6 NAG E . -4.65 23.80 -6.86
O7 NAG E . 3.14 21.20 -4.33
C1 NAG F . 45.94 16.00 17.13
C2 NAG F . 45.06 17.03 16.39
C3 NAG F . 44.99 18.34 17.17
C4 NAG F . 44.62 18.10 18.63
C5 NAG F . 45.55 17.05 19.24
C6 NAG F . 45.19 16.68 20.66
C7 NAG F . 44.95 16.91 13.93
C8 NAG F . 45.65 17.26 12.65
N2 NAG F . 45.58 17.27 15.06
O3 NAG F . 44.05 19.21 16.57
O4 NAG F . 44.73 19.31 19.38
O5 NAG F . 45.45 15.84 18.48
O6 NAG F . 45.49 15.32 20.92
O7 NAG F . 43.88 16.31 13.95
C1 NAG G . 2.69 -13.16 -18.23
C2 NAG G . 3.15 -14.51 -17.66
C3 NAG G . 3.29 -15.54 -18.78
C4 NAG G . 1.99 -15.64 -19.57
C5 NAG G . 1.60 -14.27 -20.09
C6 NAG G . 0.24 -14.29 -20.78
C7 NAG G . 4.59 -14.82 -15.69
C8 NAG G . 3.42 -15.54 -15.08
N2 NAG G . 4.40 -14.36 -16.94
O3 NAG G . 3.58 -16.81 -18.20
O4 NAG G . 2.12 -16.54 -20.66
O5 NAG G . 1.49 -13.34 -19.00
O6 NAG G . -0.08 -13.02 -21.31
O7 NAG G . 5.66 -14.69 -15.10
C1 NAG H . 44.19 -23.72 12.08
C2 NAG H . 43.44 -24.11 10.80
C3 NAG H . 44.40 -24.19 9.62
C4 NAG H . 45.23 -22.93 9.49
C5 NAG H . 45.89 -22.57 10.83
C6 NAG H . 46.62 -21.25 10.79
C7 NAG H . 41.42 -25.53 10.92
C8 NAG H . 40.89 -26.91 11.12
N2 NAG H . 42.75 -25.39 10.98
O3 NAG H . 43.66 -24.41 8.43
O4 NAG H . 46.25 -23.11 8.52
O5 NAG H . 44.89 -22.48 11.85
O6 NAG H . 46.17 -20.37 11.81
O7 NAG H . 40.67 -24.57 10.73
C1 NAG I . -16.58 -6.77 13.83
C2 NAG I . -16.33 -6.00 15.11
C3 NAG I . -17.43 -6.29 16.14
C4 NAG I . -18.79 -5.96 15.54
C5 NAG I . -18.98 -6.74 14.25
C6 NAG I . -20.25 -6.37 13.51
C7 NAG I . -14.14 -5.39 16.06
C8 NAG I . -14.57 -3.97 15.92
N2 NAG I . -15.02 -6.32 15.67
O3 NAG I . -17.23 -5.50 17.31
O4 NAG I . -19.82 -6.30 16.47
O5 NAG I . -17.89 -6.48 13.34
O6 NAG I . -20.54 -7.30 12.49
O7 NAG I . -13.05 -5.69 16.52
#